data_4MF4
#
_entry.id   4MF4
#
_cell.length_a   74.110
_cell.length_b   116.480
_cell.length_c   161.660
_cell.angle_alpha   90.00
_cell.angle_beta   90.00
_cell.angle_gamma   90.00
#
_symmetry.space_group_name_H-M   'P 21 21 21'
#
loop_
_entity.id
_entity.type
_entity.pdbx_description
1 polymer 'HpcH/HpaI aldolase/citrate lyase family protein'
2 non-polymer 1,2-ETHANEDIOL
3 water water
#
_entity_poly.entity_id   1
_entity_poly.type   'polypeptide(L)'
_entity_poly.pdbx_seq_one_letter_code
;MAHHHHHHMSTLTNSLKQRLRDGDEPLYGLWLSLGSDSAAEALAHAGYDWLCIDMEHAPNDSRDVASQLRAIAAAHLPSE
PVVRVPAREPWLVKRALDAGARTLMFPCIETPDDAAHAVRLTRFPSPESPDGLRGVAGMVRAAAFGMRRDYLQTANAQVA
VIVQVESARGVDEVERIAATPGVDCLFVGPADLAASLGHLGDIRHPDVETAMARVLAAGKQAGVAVGIFAGDTAAARQYR
EAGYRLITVSADVSWLLRATRQALQEVRS
;
_entity_poly.pdbx_strand_id   A,B,C,D,E,F
#
# COMPACT_ATOMS: atom_id res chain seq x y z
N LEU A 12 -8.40 -25.39 -15.31
CA LEU A 12 -9.40 -25.20 -16.43
C LEU A 12 -10.88 -25.26 -15.97
N THR A 13 -11.20 -26.09 -14.97
CA THR A 13 -12.58 -26.29 -14.56
C THR A 13 -12.82 -25.71 -13.17
N ASN A 14 -13.92 -24.99 -13.02
CA ASN A 14 -14.44 -24.56 -11.74
C ASN A 14 -15.11 -25.77 -11.08
N SER A 15 -14.43 -26.36 -10.12
CA SER A 15 -14.88 -27.59 -9.48
C SER A 15 -16.00 -27.30 -8.49
N LEU A 16 -16.07 -26.06 -8.00
CA LEU A 16 -17.13 -25.67 -7.08
C LEU A 16 -18.46 -25.62 -7.81
N LYS A 17 -18.46 -25.03 -9.01
CA LYS A 17 -19.66 -25.02 -9.85
C LYS A 17 -20.12 -26.44 -10.16
N GLN A 18 -19.16 -27.28 -10.55
CA GLN A 18 -19.50 -28.63 -10.99
C GLN A 18 -20.12 -29.41 -9.83
N ARG A 19 -19.48 -29.36 -8.66
N ARG A 19 -19.50 -29.34 -8.66
CA ARG A 19 -20.03 -30.00 -7.47
CA ARG A 19 -20.04 -30.03 -7.48
C ARG A 19 -21.39 -29.43 -7.07
C ARG A 19 -21.36 -29.42 -6.98
N LEU A 20 -21.53 -28.11 -7.09
CA LEU A 20 -22.85 -27.47 -6.76
C LEU A 20 -24.00 -27.96 -7.64
N ARG A 21 -23.75 -28.07 -8.96
CA ARG A 21 -24.77 -28.48 -9.92
C ARG A 21 -24.96 -30.01 -9.95
N ASP A 22 -23.90 -30.78 -9.70
CA ASP A 22 -23.91 -32.24 -9.99
C ASP A 22 -23.93 -33.16 -8.78
N GLY A 23 -23.39 -32.70 -7.65
CA GLY A 23 -23.22 -33.56 -6.49
C GLY A 23 -24.36 -33.36 -5.52
N ASP A 24 -24.44 -34.23 -4.51
CA ASP A 24 -25.38 -34.07 -3.36
C ASP A 24 -24.64 -33.79 -2.03
N GLU A 25 -23.31 -33.80 -2.05
CA GLU A 25 -22.52 -33.67 -0.83
C GLU A 25 -22.40 -32.20 -0.35
N PRO A 26 -22.15 -31.99 0.96
CA PRO A 26 -21.90 -30.67 1.50
C PRO A 26 -20.56 -30.08 1.06
N LEU A 27 -20.51 -28.76 0.93
CA LEU A 27 -19.30 -28.05 0.60
C LEU A 27 -19.05 -26.98 1.65
N TYR A 28 -17.97 -27.11 2.41
CA TYR A 28 -17.72 -26.30 3.60
C TYR A 28 -16.78 -25.14 3.28
N GLY A 29 -17.15 -23.96 3.78
CA GLY A 29 -16.46 -22.73 3.43
C GLY A 29 -16.09 -21.97 4.67
N LEU A 30 -15.20 -21.01 4.51
CA LEU A 30 -14.87 -20.11 5.60
C LEU A 30 -14.95 -18.69 5.01
N TRP A 31 -15.51 -17.74 5.77
CA TRP A 31 -15.59 -16.33 5.41
C TRP A 31 -14.26 -15.65 5.73
N LEU A 32 -13.74 -14.89 4.77
CA LEU A 32 -12.52 -14.16 4.97
C LEU A 32 -12.82 -12.66 5.05
N SER A 33 -12.81 -12.16 6.29
CA SER A 33 -13.06 -10.75 6.64
C SER A 33 -11.80 -9.93 6.98
N LEU A 34 -10.69 -10.59 7.32
CA LEU A 34 -9.53 -9.87 7.85
C LEU A 34 -8.77 -9.07 6.78
N GLY A 35 -8.96 -9.38 5.51
CA GLY A 35 -8.30 -8.62 4.44
C GLY A 35 -6.81 -8.83 4.32
N SER A 36 -6.34 -10.01 4.72
CA SER A 36 -4.93 -10.29 4.93
C SER A 36 -4.47 -11.36 3.94
N ASP A 37 -3.42 -11.07 3.17
CA ASP A 37 -2.86 -12.08 2.22
C ASP A 37 -2.29 -13.29 2.96
N SER A 38 -1.56 -13.04 4.05
N SER A 38 -1.56 -13.05 4.05
CA SER A 38 -0.97 -14.12 4.82
CA SER A 38 -0.99 -14.16 4.79
C SER A 38 -2.06 -14.99 5.43
C SER A 38 -2.07 -15.02 5.43
N ALA A 39 -3.14 -14.38 5.91
CA ALA A 39 -4.24 -15.13 6.53
C ALA A 39 -4.92 -15.99 5.48
N ALA A 40 -5.10 -15.45 4.28
CA ALA A 40 -5.75 -16.19 3.17
C ALA A 40 -4.89 -17.38 2.75
N GLU A 41 -3.59 -17.13 2.64
CA GLU A 41 -2.66 -18.20 2.26
C GLU A 41 -2.60 -19.26 3.35
N ALA A 42 -2.49 -18.82 4.61
CA ALA A 42 -2.58 -19.80 5.72
C ALA A 42 -3.87 -20.64 5.66
N LEU A 43 -5.03 -19.97 5.57
CA LEU A 43 -6.31 -20.67 5.55
C LEU A 43 -6.54 -21.58 4.33
N ALA A 44 -5.87 -21.29 3.24
CA ALA A 44 -5.81 -22.19 2.09
C ALA A 44 -5.23 -23.58 2.42
N HIS A 45 -4.64 -23.73 3.62
CA HIS A 45 -4.12 -25.00 4.12
C HIS A 45 -5.07 -25.63 5.16
N ALA A 46 -6.25 -25.07 5.35
CA ALA A 46 -7.13 -25.49 6.42
C ALA A 46 -8.12 -26.60 6.01
N GLY A 47 -8.13 -26.97 4.74
CA GLY A 47 -8.97 -28.07 4.24
C GLY A 47 -10.39 -27.74 3.77
N TYR A 48 -10.74 -26.47 3.73
CA TYR A 48 -12.13 -26.09 3.35
C TYR A 48 -12.32 -26.29 1.84
N ASP A 49 -13.56 -26.58 1.44
CA ASP A 49 -13.90 -26.66 0.00
C ASP A 49 -13.89 -25.28 -0.69
N TRP A 50 -14.29 -24.25 0.05
CA TRP A 50 -14.28 -22.89 -0.52
C TRP A 50 -13.93 -21.85 0.52
N LEU A 51 -13.42 -20.70 0.07
CA LEU A 51 -13.11 -19.58 0.93
C LEU A 51 -13.68 -18.31 0.33
N CYS A 52 -14.37 -17.50 1.13
CA CYS A 52 -15.07 -16.30 0.58
C CYS A 52 -14.34 -14.99 0.90
N ILE A 53 -13.91 -14.30 -0.12
CA ILE A 53 -13.33 -12.96 0.03
C ILE A 53 -14.50 -11.98 -0.03
N ASP A 54 -14.82 -11.36 1.11
CA ASP A 54 -16.00 -10.49 1.17
C ASP A 54 -15.67 -9.02 0.79
N MET A 55 -16.37 -8.46 -0.21
CA MET A 55 -16.24 -7.05 -0.60
C MET A 55 -17.38 -6.22 -0.04
N GLU A 56 -18.39 -6.89 0.53
CA GLU A 56 -19.57 -6.13 0.97
C GLU A 56 -19.38 -5.64 2.38
N HIS A 57 -19.03 -6.56 3.29
CA HIS A 57 -18.85 -6.23 4.71
C HIS A 57 -17.41 -6.39 5.23
N ALA A 58 -16.45 -6.24 4.35
CA ALA A 58 -15.02 -6.11 4.73
C ALA A 58 -14.40 -5.16 3.73
N PRO A 59 -13.31 -4.45 4.10
CA PRO A 59 -12.77 -3.45 3.18
C PRO A 59 -11.82 -4.08 2.17
N ASN A 60 -12.34 -4.92 1.29
CA ASN A 60 -11.57 -5.52 0.24
C ASN A 60 -11.94 -4.89 -1.07
N ASP A 61 -11.03 -4.08 -1.59
CA ASP A 61 -11.21 -3.51 -2.91
C ASP A 61 -10.48 -4.36 -4.00
N SER A 62 -10.46 -3.91 -5.27
CA SER A 62 -9.96 -4.78 -6.38
C SER A 62 -8.55 -5.30 -6.17
N ARG A 63 -7.62 -4.45 -5.72
CA ARG A 63 -6.26 -4.92 -5.50
C ARG A 63 -6.15 -5.92 -4.37
N ASP A 64 -7.01 -5.77 -3.35
CA ASP A 64 -7.05 -6.68 -2.21
C ASP A 64 -7.60 -8.01 -2.67
N VAL A 65 -8.59 -7.99 -3.57
CA VAL A 65 -9.15 -9.23 -4.06
C VAL A 65 -8.13 -10.02 -4.86
N ALA A 66 -7.47 -9.35 -5.79
CA ALA A 66 -6.42 -9.98 -6.58
C ALA A 66 -5.27 -10.56 -5.71
N SER A 67 -4.85 -9.81 -4.70
N SER A 67 -4.81 -9.81 -4.70
CA SER A 67 -3.77 -10.24 -3.82
CA SER A 67 -3.73 -10.32 -3.84
C SER A 67 -4.15 -11.47 -2.93
C SER A 67 -4.19 -11.57 -3.03
N GLN A 68 -5.40 -11.52 -2.50
CA GLN A 68 -5.94 -12.69 -1.77
C GLN A 68 -6.15 -13.90 -2.69
N LEU A 69 -6.64 -13.65 -3.89
CA LEU A 69 -6.68 -14.77 -4.86
C LEU A 69 -5.32 -15.41 -5.12
N ARG A 70 -4.31 -14.58 -5.30
CA ARG A 70 -2.97 -15.02 -5.59
C ARG A 70 -2.50 -15.76 -4.38
N ALA A 71 -2.82 -15.23 -3.20
CA ALA A 71 -2.30 -15.82 -1.98
C ALA A 71 -2.88 -17.24 -1.74
N ILE A 72 -4.17 -17.39 -1.97
CA ILE A 72 -4.82 -18.70 -1.91
C ILE A 72 -4.26 -19.64 -3.01
N ALA A 73 -4.13 -19.14 -4.25
CA ALA A 73 -3.64 -19.99 -5.36
C ALA A 73 -2.20 -20.47 -5.09
N ALA A 74 -1.45 -19.65 -4.39
CA ALA A 74 -0.08 -19.95 -4.11
C ALA A 74 0.09 -21.18 -3.24
N ALA A 75 -0.93 -21.53 -2.45
CA ALA A 75 -0.86 -22.71 -1.60
C ALA A 75 -0.94 -23.98 -2.40
N HIS A 76 -1.42 -23.92 -3.64
CA HIS A 76 -1.53 -25.10 -4.53
C HIS A 76 -2.39 -26.22 -3.92
N LEU A 77 -3.46 -25.85 -3.24
CA LEU A 77 -4.30 -26.82 -2.56
C LEU A 77 -5.72 -26.68 -3.10
N PRO A 78 -6.65 -27.50 -2.65
CA PRO A 78 -7.95 -27.52 -3.39
C PRO A 78 -9.03 -26.45 -3.12
N SER A 79 -8.90 -25.58 -2.12
CA SER A 79 -9.98 -24.58 -1.85
C SER A 79 -10.36 -23.69 -3.06
N GLU A 80 -11.65 -23.53 -3.33
CA GLU A 80 -12.12 -22.70 -4.42
C GLU A 80 -12.48 -21.34 -3.82
N PRO A 81 -11.88 -20.26 -4.32
CA PRO A 81 -12.32 -18.94 -3.88
C PRO A 81 -13.72 -18.53 -4.40
N VAL A 82 -14.43 -17.84 -3.53
CA VAL A 82 -15.70 -17.21 -3.86
C VAL A 82 -15.52 -15.73 -3.51
N VAL A 83 -16.05 -14.84 -4.36
CA VAL A 83 -16.04 -13.40 -4.05
C VAL A 83 -17.44 -12.89 -3.83
N ARG A 84 -17.72 -12.29 -2.66
CA ARG A 84 -19.01 -11.57 -2.53
C ARG A 84 -18.84 -10.10 -2.92
N VAL A 85 -19.47 -9.69 -4.03
CA VAL A 85 -19.32 -8.32 -4.51
C VAL A 85 -20.15 -7.38 -3.64
N PRO A 86 -19.80 -6.08 -3.64
CA PRO A 86 -20.52 -5.12 -2.80
C PRO A 86 -21.96 -4.88 -3.22
N ALA A 87 -22.22 -4.93 -4.53
CA ALA A 87 -23.51 -4.53 -5.12
C ALA A 87 -23.55 -5.05 -6.57
N ARG A 88 -24.72 -5.00 -7.18
CA ARG A 88 -24.88 -5.53 -8.51
C ARG A 88 -24.67 -4.42 -9.56
N GLU A 89 -23.46 -3.84 -9.57
CA GLU A 89 -23.09 -2.78 -10.51
C GLU A 89 -22.16 -3.41 -11.54
N PRO A 90 -22.41 -3.16 -12.83
CA PRO A 90 -21.55 -3.72 -13.85
C PRO A 90 -20.03 -3.56 -13.57
N TRP A 91 -19.60 -2.36 -13.18
CA TRP A 91 -18.16 -2.12 -13.02
C TRP A 91 -17.51 -2.94 -11.90
N LEU A 92 -18.24 -3.14 -10.79
CA LEU A 92 -17.78 -3.98 -9.68
C LEU A 92 -17.68 -5.48 -10.06
N VAL A 93 -18.64 -5.96 -10.82
CA VAL A 93 -18.67 -7.35 -11.27
C VAL A 93 -17.54 -7.63 -12.25
N LYS A 94 -17.33 -6.70 -13.19
CA LYS A 94 -16.23 -6.69 -14.11
C LYS A 94 -14.89 -6.79 -13.36
N ARG A 95 -14.69 -5.95 -12.36
CA ARG A 95 -13.45 -6.01 -11.54
C ARG A 95 -13.20 -7.42 -10.94
N ALA A 96 -14.23 -8.02 -10.36
CA ALA A 96 -14.06 -9.32 -9.72
C ALA A 96 -13.78 -10.41 -10.75
N LEU A 97 -14.53 -10.44 -11.84
CA LEU A 97 -14.29 -11.43 -12.90
C LEU A 97 -12.95 -11.22 -13.57
N ASP A 98 -12.60 -9.98 -13.90
CA ASP A 98 -11.29 -9.76 -14.49
C ASP A 98 -10.09 -10.23 -13.61
N ALA A 99 -10.23 -10.11 -12.29
CA ALA A 99 -9.21 -10.50 -11.33
C ALA A 99 -9.09 -12.02 -11.20
N GLY A 100 -10.04 -12.75 -11.79
CA GLY A 100 -10.02 -14.19 -11.88
C GLY A 100 -10.95 -14.91 -10.94
N ALA A 101 -11.89 -14.22 -10.28
CA ALA A 101 -12.82 -14.92 -9.42
C ALA A 101 -13.84 -15.56 -10.37
N ARG A 102 -14.07 -16.85 -10.22
CA ARG A 102 -15.01 -17.56 -11.12
C ARG A 102 -16.30 -17.95 -10.41
N THR A 103 -16.39 -17.72 -9.10
CA THR A 103 -17.63 -17.90 -8.38
C THR A 103 -17.93 -16.60 -7.63
N LEU A 104 -19.08 -16.03 -7.91
CA LEU A 104 -19.48 -14.75 -7.36
C LEU A 104 -20.74 -14.89 -6.53
N MET A 105 -20.76 -14.21 -5.39
CA MET A 105 -21.95 -14.12 -4.57
C MET A 105 -22.53 -12.69 -4.68
N PHE A 106 -23.81 -12.59 -4.99
CA PHE A 106 -24.52 -11.29 -5.06
C PHE A 106 -25.44 -11.09 -3.83
N PRO A 107 -25.24 -9.99 -3.11
CA PRO A 107 -26.05 -9.69 -1.95
C PRO A 107 -27.43 -9.23 -2.36
N CYS A 108 -28.35 -9.19 -1.43
CA CYS A 108 -29.60 -8.47 -1.69
C CYS A 108 -30.30 -8.85 -3.01
N ILE A 109 -30.54 -10.12 -3.27
CA ILE A 109 -31.26 -10.49 -4.50
C ILE A 109 -32.72 -10.73 -4.09
N GLU A 110 -33.65 -9.94 -4.61
CA GLU A 110 -35.03 -10.00 -4.15
C GLU A 110 -36.06 -10.43 -5.15
N THR A 111 -35.73 -10.35 -6.44
CA THR A 111 -36.67 -10.74 -7.50
C THR A 111 -35.98 -11.59 -8.55
N PRO A 112 -36.77 -12.31 -9.36
CA PRO A 112 -36.11 -13.07 -10.37
C PRO A 112 -35.45 -12.13 -11.39
N ASP A 113 -35.98 -10.93 -11.61
CA ASP A 113 -35.26 -9.91 -12.45
C ASP A 113 -33.89 -9.55 -11.91
N ASP A 114 -33.76 -9.34 -10.61
CA ASP A 114 -32.45 -9.12 -10.01
C ASP A 114 -31.49 -10.28 -10.30
N ALA A 115 -31.96 -11.50 -10.10
CA ALA A 115 -31.15 -12.72 -10.28
C ALA A 115 -30.71 -12.86 -11.74
N ALA A 116 -31.66 -12.69 -12.67
CA ALA A 116 -31.35 -12.70 -14.10
C ALA A 116 -30.32 -11.61 -14.49
N HIS A 117 -30.45 -10.42 -13.95
CA HIS A 117 -29.49 -9.32 -14.22
C HIS A 117 -28.09 -9.70 -13.72
N ALA A 118 -28.01 -10.27 -12.53
CA ALA A 118 -26.78 -10.70 -11.92
C ALA A 118 -26.08 -11.70 -12.81
N VAL A 119 -26.84 -12.65 -13.33
CA VAL A 119 -26.30 -13.63 -14.29
C VAL A 119 -25.80 -12.99 -15.56
N ARG A 120 -26.60 -12.11 -16.18
CA ARG A 120 -26.21 -11.42 -17.41
C ARG A 120 -24.87 -10.72 -17.28
N LEU A 121 -24.65 -10.10 -16.12
CA LEU A 121 -23.44 -9.36 -15.85
C LEU A 121 -22.24 -10.26 -15.84
N THR A 122 -22.43 -11.55 -15.63
CA THR A 122 -21.32 -12.53 -15.64
C THR A 122 -21.06 -13.28 -16.94
N ARG A 123 -21.86 -12.99 -17.98
CA ARG A 123 -21.80 -13.74 -19.24
C ARG A 123 -21.36 -12.86 -20.42
N PHE A 124 -20.36 -13.33 -21.15
CA PHE A 124 -20.08 -12.83 -22.48
C PHE A 124 -21.27 -13.11 -23.42
N PRO A 125 -21.65 -12.13 -24.26
CA PRO A 125 -22.73 -12.44 -25.20
C PRO A 125 -22.38 -13.65 -26.10
N SER A 126 -23.28 -14.62 -26.19
CA SER A 126 -23.00 -15.85 -26.89
C SER A 126 -24.30 -16.57 -27.21
N PRO A 127 -24.25 -17.66 -27.97
CA PRO A 127 -25.51 -18.35 -28.28
C PRO A 127 -26.31 -18.81 -27.07
N GLU A 128 -25.63 -19.24 -26.02
CA GLU A 128 -26.29 -19.71 -24.83
C GLU A 128 -26.71 -18.52 -23.94
N SER A 129 -26.00 -17.40 -24.05
CA SER A 129 -26.36 -16.19 -23.29
C SER A 129 -26.36 -15.00 -24.20
N PRO A 130 -27.33 -14.94 -25.15
CA PRO A 130 -27.31 -13.86 -26.12
C PRO A 130 -27.46 -12.46 -25.51
N ASP A 131 -28.08 -12.37 -24.34
CA ASP A 131 -28.18 -11.09 -23.66
C ASP A 131 -27.01 -10.82 -22.67
N GLY A 132 -25.89 -11.47 -22.85
CA GLY A 132 -24.75 -11.31 -21.90
C GLY A 132 -24.28 -9.88 -21.86
N LEU A 133 -23.90 -9.42 -20.68
CA LEU A 133 -23.42 -8.06 -20.51
C LEU A 133 -21.96 -7.96 -20.09
N ARG A 134 -21.26 -9.09 -20.01
CA ARG A 134 -19.85 -9.04 -19.64
C ARG A 134 -18.95 -8.41 -20.75
N GLY A 135 -18.16 -7.42 -20.33
CA GLY A 135 -17.24 -6.70 -21.22
C GLY A 135 -15.99 -7.47 -21.49
N VAL A 136 -15.51 -7.39 -22.74
CA VAL A 136 -14.43 -8.19 -23.25
C VAL A 136 -13.09 -7.45 -23.06
N ALA A 137 -12.13 -8.07 -22.41
CA ALA A 137 -10.78 -7.55 -22.44
C ALA A 137 -9.83 -8.75 -22.28
N GLY A 138 -9.02 -8.96 -23.32
CA GLY A 138 -8.21 -10.16 -23.43
C GLY A 138 -6.98 -10.22 -22.56
N MET A 139 -6.54 -9.08 -22.00
CA MET A 139 -5.26 -8.98 -21.28
C MET A 139 -5.34 -9.06 -19.76
N VAL A 140 -6.54 -9.29 -19.25
CA VAL A 140 -6.75 -9.33 -17.79
C VAL A 140 -6.26 -10.62 -17.10
N ARG A 141 -6.16 -10.57 -15.76
CA ARG A 141 -5.65 -11.68 -14.97
C ARG A 141 -6.44 -12.96 -15.33
N ALA A 142 -7.77 -12.85 -15.42
CA ALA A 142 -8.63 -14.05 -15.71
C ALA A 142 -8.25 -14.77 -17.00
N ALA A 143 -7.70 -14.02 -17.97
CA ALA A 143 -7.25 -14.62 -19.24
C ALA A 143 -5.79 -14.95 -19.27
N ALA A 144 -5.18 -15.17 -18.10
CA ALA A 144 -3.73 -15.39 -18.04
C ALA A 144 -2.99 -14.28 -18.84
N PHE A 145 -3.50 -13.06 -18.74
CA PHE A 145 -2.86 -11.86 -19.29
C PHE A 145 -2.73 -11.88 -20.80
N GLY A 146 -3.63 -12.58 -21.49
CA GLY A 146 -3.53 -12.75 -22.91
C GLY A 146 -3.10 -14.16 -23.29
N MET A 147 -2.55 -14.96 -22.35
CA MET A 147 -2.02 -16.26 -22.78
C MET A 147 -3.10 -17.33 -22.96
N ARG A 148 -4.27 -17.19 -22.35
CA ARG A 148 -5.37 -18.11 -22.62
C ARG A 148 -6.09 -17.59 -23.83
N ARG A 149 -5.68 -18.05 -25.01
CA ARG A 149 -6.13 -17.48 -26.30
C ARG A 149 -7.62 -17.70 -26.59
N ASP A 150 -8.18 -18.74 -26.00
CA ASP A 150 -9.60 -19.11 -26.12
C ASP A 150 -10.41 -18.77 -24.82
N TYR A 151 -9.95 -17.76 -24.05
CA TYR A 151 -10.65 -17.33 -22.82
C TYR A 151 -12.10 -17.00 -23.14
N LEU A 152 -12.31 -16.22 -24.20
CA LEU A 152 -13.67 -15.83 -24.60
C LEU A 152 -14.65 -17.01 -24.84
N GLN A 153 -14.18 -18.09 -25.48
CA GLN A 153 -15.02 -19.22 -25.84
C GLN A 153 -15.27 -20.17 -24.68
N THR A 154 -14.47 -20.09 -23.61
CA THR A 154 -14.52 -21.07 -22.55
C THR A 154 -14.88 -20.48 -21.16
N ALA A 155 -14.92 -19.15 -21.03
CA ALA A 155 -15.14 -18.51 -19.73
C ALA A 155 -16.53 -18.70 -19.20
N ASN A 156 -17.55 -18.56 -20.04
CA ASN A 156 -18.93 -18.58 -19.53
C ASN A 156 -19.25 -19.85 -18.77
N ALA A 157 -18.78 -20.99 -19.31
CA ALA A 157 -19.09 -22.31 -18.73
C ALA A 157 -18.54 -22.52 -17.32
N GLN A 158 -17.52 -21.74 -16.93
CA GLN A 158 -16.88 -21.92 -15.64
C GLN A 158 -17.26 -20.88 -14.60
N VAL A 159 -18.13 -19.93 -14.96
CA VAL A 159 -18.57 -18.92 -13.97
C VAL A 159 -19.81 -19.39 -13.23
N ALA A 160 -19.74 -19.39 -11.91
CA ALA A 160 -20.87 -19.74 -11.07
C ALA A 160 -21.44 -18.54 -10.33
N VAL A 161 -22.77 -18.51 -10.20
CA VAL A 161 -23.48 -17.42 -9.58
C VAL A 161 -24.25 -17.93 -8.35
N ILE A 162 -23.98 -17.30 -7.23
CA ILE A 162 -24.66 -17.52 -5.96
C ILE A 162 -25.46 -16.24 -5.61
N VAL A 163 -26.76 -16.40 -5.39
CA VAL A 163 -27.64 -15.26 -5.04
C VAL A 163 -28.01 -15.33 -3.55
N GLN A 164 -27.80 -14.23 -2.86
CA GLN A 164 -28.11 -14.20 -1.47
C GLN A 164 -29.58 -13.77 -1.33
N VAL A 165 -30.39 -14.58 -0.66
CA VAL A 165 -31.80 -14.29 -0.50
C VAL A 165 -31.98 -13.83 0.95
N GLU A 166 -32.26 -12.57 1.15
CA GLU A 166 -32.12 -12.05 2.50
C GLU A 166 -33.12 -10.99 2.88
N SER A 167 -34.28 -11.04 2.23
CA SER A 167 -35.36 -10.12 2.44
C SER A 167 -36.67 -10.87 2.39
N ALA A 168 -37.73 -10.22 2.84
CA ALA A 168 -39.04 -10.82 2.80
C ALA A 168 -39.63 -10.92 1.38
N ARG A 169 -39.36 -9.91 0.56
CA ARG A 169 -39.80 -9.98 -0.83
C ARG A 169 -39.05 -11.12 -1.53
N GLY A 170 -37.78 -11.24 -1.21
CA GLY A 170 -36.95 -12.30 -1.82
C GLY A 170 -37.46 -13.67 -1.46
N VAL A 171 -37.88 -13.84 -0.20
CA VAL A 171 -38.46 -15.10 0.21
C VAL A 171 -39.75 -15.41 -0.56
N ASP A 172 -40.59 -14.40 -0.78
CA ASP A 172 -41.84 -14.61 -1.53
C ASP A 172 -41.55 -14.99 -3.00
N GLU A 173 -40.42 -14.53 -3.52
CA GLU A 173 -40.05 -14.70 -4.90
C GLU A 173 -39.09 -15.87 -5.09
N VAL A 174 -38.81 -16.65 -4.05
CA VAL A 174 -37.69 -17.57 -4.06
C VAL A 174 -37.81 -18.75 -5.02
N GLU A 175 -39.02 -19.23 -5.26
CA GLU A 175 -39.18 -20.32 -6.21
C GLU A 175 -38.84 -19.81 -7.63
N ARG A 176 -39.27 -18.61 -7.97
CA ARG A 176 -38.96 -18.04 -9.31
C ARG A 176 -37.47 -17.62 -9.43
N ILE A 177 -36.88 -17.16 -8.32
CA ILE A 177 -35.43 -16.94 -8.28
C ILE A 177 -34.67 -18.25 -8.54
N ALA A 178 -35.07 -19.31 -7.86
CA ALA A 178 -34.45 -20.62 -8.06
C ALA A 178 -34.53 -21.15 -9.49
N ALA A 179 -35.63 -20.84 -10.17
CA ALA A 179 -35.85 -21.29 -11.56
C ALA A 179 -35.16 -20.40 -12.58
N THR A 180 -34.51 -19.32 -12.13
CA THR A 180 -33.75 -18.45 -13.06
C THR A 180 -32.51 -19.18 -13.62
N PRO A 181 -32.45 -19.33 -14.96
CA PRO A 181 -31.26 -20.04 -15.51
C PRO A 181 -29.96 -19.31 -15.14
N GLY A 182 -28.94 -20.08 -14.80
CA GLY A 182 -27.69 -19.48 -14.37
C GLY A 182 -27.53 -19.25 -12.86
N VAL A 183 -28.58 -19.44 -12.08
CA VAL A 183 -28.49 -19.40 -10.61
C VAL A 183 -28.00 -20.76 -10.13
N ASP A 184 -26.78 -20.84 -9.60
CA ASP A 184 -26.21 -22.16 -9.22
C ASP A 184 -26.39 -22.44 -7.72
N CYS A 185 -26.76 -21.43 -6.92
CA CYS A 185 -26.93 -21.66 -5.51
C CYS A 185 -27.77 -20.56 -4.89
N LEU A 186 -28.65 -20.89 -3.95
CA LEU A 186 -29.39 -19.89 -3.19
C LEU A 186 -28.68 -19.78 -1.87
N PHE A 187 -28.33 -18.57 -1.42
CA PHE A 187 -27.61 -18.46 -0.16
C PHE A 187 -28.42 -17.70 0.89
N VAL A 188 -28.64 -18.32 2.04
CA VAL A 188 -29.30 -17.66 3.19
C VAL A 188 -28.30 -17.02 4.17
N GLY A 189 -28.39 -15.71 4.35
CA GLY A 189 -27.70 -15.05 5.45
C GLY A 189 -28.68 -14.83 6.62
N PRO A 190 -28.63 -15.68 7.67
CA PRO A 190 -29.77 -15.55 8.62
C PRO A 190 -29.85 -14.22 9.34
N ALA A 191 -28.70 -13.63 9.65
CA ALA A 191 -28.69 -12.29 10.27
C ALA A 191 -29.42 -11.22 9.47
N ASP A 192 -29.11 -11.06 8.17
N ASP A 192 -29.06 -11.18 8.19
CA ASP A 192 -29.86 -10.06 7.36
CA ASP A 192 -29.65 -10.28 7.21
C ASP A 192 -31.31 -10.50 7.16
C ASP A 192 -31.17 -10.54 7.06
N LEU A 193 -31.54 -11.82 7.06
CA LEU A 193 -32.92 -12.23 6.82
C LEU A 193 -33.75 -11.84 8.04
N ALA A 194 -33.23 -12.12 9.24
CA ALA A 194 -33.95 -11.80 10.47
C ALA A 194 -34.21 -10.28 10.56
N ALA A 195 -33.21 -9.47 10.21
CA ALA A 195 -33.41 -8.02 10.22
C ALA A 195 -34.52 -7.58 9.24
N SER A 196 -34.51 -8.06 8.01
N SER A 196 -34.47 -8.12 8.04
CA SER A 196 -35.54 -7.59 7.07
CA SER A 196 -35.42 -7.77 6.98
C SER A 196 -36.94 -8.07 7.43
C SER A 196 -36.87 -8.18 7.30
N LEU A 197 -37.04 -9.18 8.16
CA LEU A 197 -38.35 -9.63 8.55
C LEU A 197 -38.81 -8.98 9.86
N GLY A 198 -38.02 -8.06 10.41
CA GLY A 198 -38.44 -7.31 11.59
C GLY A 198 -37.93 -7.90 12.88
N HIS A 199 -36.89 -8.72 12.79
CA HIS A 199 -36.40 -9.53 13.90
C HIS A 199 -34.89 -9.42 14.06
N LEU A 200 -34.41 -8.19 13.94
CA LEU A 200 -33.02 -7.89 14.13
C LEU A 200 -32.42 -8.55 15.38
N GLY A 201 -31.31 -9.27 15.21
CA GLY A 201 -30.62 -9.95 16.31
C GLY A 201 -31.24 -11.24 16.80
N ASP A 202 -32.30 -11.69 16.13
CA ASP A 202 -33.07 -12.84 16.59
C ASP A 202 -33.29 -13.87 15.47
N ILE A 203 -32.22 -14.58 15.05
CA ILE A 203 -32.35 -15.51 13.92
C ILE A 203 -33.19 -16.76 14.25
N ARG A 204 -33.46 -17.03 15.53
CA ARG A 204 -34.33 -18.17 15.87
C ARG A 204 -35.81 -17.80 16.09
N HIS A 205 -36.21 -16.57 15.81
CA HIS A 205 -37.62 -16.26 15.82
C HIS A 205 -38.34 -17.18 14.83
N PRO A 206 -39.48 -17.75 15.22
CA PRO A 206 -40.16 -18.73 14.35
C PRO A 206 -40.48 -18.27 12.92
N ASP A 207 -40.75 -16.99 12.75
CA ASP A 207 -41.04 -16.46 11.45
C ASP A 207 -39.77 -16.44 10.60
N VAL A 208 -38.63 -16.20 11.24
CA VAL A 208 -37.35 -16.28 10.54
C VAL A 208 -37.02 -17.72 10.18
N GLU A 209 -37.29 -18.65 11.11
CA GLU A 209 -37.06 -20.10 10.81
C GLU A 209 -37.97 -20.57 9.69
N THR A 210 -39.21 -20.07 9.65
CA THR A 210 -40.15 -20.36 8.57
C THR A 210 -39.68 -19.86 7.21
N ALA A 211 -39.14 -18.63 7.19
CA ALA A 211 -38.61 -18.11 5.98
C ALA A 211 -37.43 -18.94 5.49
N MET A 212 -36.51 -19.26 6.37
CA MET A 212 -35.33 -20.02 5.98
C MET A 212 -35.74 -21.38 5.40
N ALA A 213 -36.65 -22.08 6.08
CA ALA A 213 -37.17 -23.38 5.66
C ALA A 213 -37.72 -23.28 4.24
N ARG A 214 -38.45 -22.19 3.94
CA ARG A 214 -38.97 -21.98 2.59
C ARG A 214 -37.88 -21.90 1.54
N VAL A 215 -36.79 -21.20 1.85
CA VAL A 215 -35.72 -21.02 0.87
C VAL A 215 -35.05 -22.37 0.60
N LEU A 216 -34.71 -23.08 1.67
CA LEU A 216 -34.15 -24.45 1.53
C LEU A 216 -35.04 -25.37 0.69
N ALA A 217 -36.34 -25.35 0.98
CA ALA A 217 -37.30 -26.22 0.29
C ALA A 217 -37.40 -25.83 -1.15
N ALA A 218 -37.37 -24.53 -1.41
CA ALA A 218 -37.37 -24.08 -2.83
C ALA A 218 -36.19 -24.64 -3.61
N GLY A 219 -35.02 -24.59 -3.00
CA GLY A 219 -33.83 -25.11 -3.60
C GLY A 219 -33.98 -26.59 -3.90
N LYS A 220 -34.39 -27.38 -2.90
CA LYS A 220 -34.53 -28.83 -3.05
C LYS A 220 -35.47 -29.21 -4.16
N GLN A 221 -36.58 -28.49 -4.25
CA GLN A 221 -37.61 -28.75 -5.26
C GLN A 221 -37.09 -28.39 -6.67
N ALA A 222 -36.28 -27.34 -6.76
CA ALA A 222 -35.73 -26.90 -8.04
C ALA A 222 -34.51 -27.69 -8.47
N GLY A 223 -33.96 -28.50 -7.58
CA GLY A 223 -32.58 -29.04 -7.78
C GLY A 223 -31.41 -28.02 -7.80
N VAL A 224 -31.52 -26.96 -7.02
CA VAL A 224 -30.51 -25.94 -6.89
C VAL A 224 -29.97 -26.01 -5.46
N ALA A 225 -28.65 -26.09 -5.35
CA ALA A 225 -27.97 -26.02 -4.09
C ALA A 225 -28.40 -24.85 -3.23
N VAL A 226 -28.55 -25.12 -1.92
CA VAL A 226 -28.73 -24.04 -0.97
C VAL A 226 -27.56 -23.90 -0.02
N GLY A 227 -27.19 -22.66 0.27
CA GLY A 227 -26.08 -22.36 1.17
C GLY A 227 -26.55 -21.49 2.33
N ILE A 228 -25.69 -21.32 3.32
CA ILE A 228 -26.04 -20.64 4.55
C ILE A 228 -24.78 -20.27 5.30
N PHE A 229 -24.87 -19.15 6.02
CA PHE A 229 -23.81 -18.71 6.90
C PHE A 229 -24.16 -19.24 8.28
N ALA A 230 -23.30 -20.11 8.84
CA ALA A 230 -23.47 -20.61 10.21
C ALA A 230 -22.55 -19.81 11.15
N GLY A 231 -23.11 -19.37 12.27
CA GLY A 231 -22.36 -18.60 13.29
C GLY A 231 -21.51 -19.46 14.21
N ASP A 232 -21.77 -20.77 14.25
CA ASP A 232 -21.05 -21.69 15.12
C ASP A 232 -21.16 -23.14 14.56
N THR A 233 -20.40 -24.08 15.14
CA THR A 233 -20.46 -25.48 14.71
C THR A 233 -21.80 -26.21 14.97
N ALA A 234 -22.45 -26.02 16.11
CA ALA A 234 -23.76 -26.70 16.31
C ALA A 234 -24.74 -26.34 15.18
N ALA A 235 -24.84 -25.03 14.90
CA ALA A 235 -25.62 -24.52 13.79
C ALA A 235 -25.24 -25.16 12.46
N ALA A 236 -23.94 -25.14 12.12
CA ALA A 236 -23.48 -25.77 10.88
C ALA A 236 -23.93 -27.23 10.75
N ARG A 237 -23.84 -27.98 11.84
CA ARG A 237 -24.30 -29.39 11.85
C ARG A 237 -25.82 -29.48 11.69
N GLN A 238 -26.58 -28.61 12.32
CA GLN A 238 -28.04 -28.61 12.13
C GLN A 238 -28.34 -28.35 10.67
N TYR A 239 -27.62 -27.39 10.07
CA TYR A 239 -27.85 -27.07 8.68
C TYR A 239 -27.45 -28.23 7.76
N ARG A 240 -26.30 -28.84 8.02
CA ARG A 240 -25.93 -30.04 7.27
C ARG A 240 -27.05 -31.11 7.33
N GLU A 241 -27.56 -31.35 8.53
CA GLU A 241 -28.61 -32.37 8.75
C GLU A 241 -29.91 -32.01 8.00
N ALA A 242 -30.21 -30.72 7.91
CA ALA A 242 -31.41 -30.28 7.23
C ALA A 242 -31.31 -30.33 5.70
N GLY A 243 -30.11 -30.42 5.15
CA GLY A 243 -29.93 -30.55 3.71
C GLY A 243 -29.30 -29.37 2.98
N TYR A 244 -28.89 -28.35 3.72
CA TYR A 244 -28.07 -27.32 3.14
C TYR A 244 -26.76 -27.97 2.65
N ARG A 245 -26.26 -27.50 1.51
CA ARG A 245 -24.99 -27.98 0.93
C ARG A 245 -23.80 -26.99 1.07
N LEU A 246 -24.00 -25.72 0.74
CA LEU A 246 -22.87 -24.76 0.82
C LEU A 246 -22.89 -24.05 2.15
N ILE A 247 -22.16 -24.63 3.11
CA ILE A 247 -22.27 -24.22 4.49
C ILE A 247 -20.99 -23.48 4.91
N THR A 248 -21.17 -22.24 5.35
CA THR A 248 -20.07 -21.40 5.83
C THR A 248 -19.91 -21.67 7.32
N VAL A 249 -18.73 -22.13 7.74
CA VAL A 249 -18.40 -22.38 9.14
C VAL A 249 -17.80 -21.12 9.76
N SER A 250 -18.66 -20.11 9.90
CA SER A 250 -18.28 -18.80 10.44
C SER A 250 -17.16 -18.10 9.64
N ALA A 251 -16.32 -17.32 10.30
CA ALA A 251 -15.39 -16.35 9.66
C ALA A 251 -14.06 -16.40 10.38
N ASP A 252 -13.02 -16.08 9.61
CA ASP A 252 -11.65 -16.03 10.11
C ASP A 252 -11.52 -15.22 11.40
N VAL A 253 -12.05 -14.00 11.41
CA VAL A 253 -11.85 -13.13 12.57
C VAL A 253 -12.57 -13.68 13.80
N SER A 254 -13.74 -14.31 13.60
CA SER A 254 -14.50 -14.89 14.69
C SER A 254 -13.75 -16.07 15.34
N TRP A 255 -13.19 -16.94 14.50
CA TRP A 255 -12.39 -18.07 15.04
C TRP A 255 -11.14 -17.60 15.76
N LEU A 256 -10.50 -16.58 15.20
CA LEU A 256 -9.31 -15.99 15.79
C LEU A 256 -9.54 -15.47 17.19
N LEU A 257 -10.63 -14.72 17.37
CA LEU A 257 -11.00 -14.22 18.68
C LEU A 257 -11.41 -15.35 19.63
N ARG A 258 -12.25 -16.25 19.16
CA ARG A 258 -12.73 -17.29 20.05
C ARG A 258 -11.56 -18.13 20.59
N ALA A 259 -10.70 -18.61 19.69
CA ALA A 259 -9.59 -19.46 20.04
C ALA A 259 -8.54 -18.80 20.92
N THR A 260 -8.18 -17.56 20.61
CA THR A 260 -7.23 -16.81 21.47
C THR A 260 -7.84 -16.52 22.84
N ARG A 261 -9.12 -16.14 22.90
CA ARG A 261 -9.71 -15.89 24.17
C ARG A 261 -9.81 -17.21 25.04
N GLN A 262 -10.16 -18.31 24.38
CA GLN A 262 -10.22 -19.63 25.02
C GLN A 262 -8.84 -20.07 25.59
N ALA A 263 -7.81 -19.89 24.80
CA ALA A 263 -6.46 -20.23 25.24
C ALA A 263 -6.00 -19.46 26.50
N LEU A 264 -6.31 -18.16 26.52
CA LEU A 264 -6.00 -17.31 27.68
C LEU A 264 -6.70 -17.83 28.94
N GLN A 265 -7.98 -18.14 28.81
CA GLN A 265 -8.72 -18.68 29.92
C GLN A 265 -8.12 -20.00 30.42
N GLU A 266 -7.76 -20.87 29.50
CA GLU A 266 -7.18 -22.16 29.87
C GLU A 266 -5.86 -22.03 30.60
N VAL A 267 -5.03 -21.10 30.15
CA VAL A 267 -3.72 -20.92 30.73
C VAL A 267 -3.84 -20.31 32.14
N ARG A 268 -4.84 -19.46 32.33
CA ARG A 268 -5.11 -18.83 33.63
C ARG A 268 -5.87 -19.65 34.65
N SER A 269 -6.54 -20.70 34.22
CA SER A 269 -7.40 -21.45 35.13
C SER A 269 -6.59 -22.33 36.08
N LEU B 12 0.20 22.45 -18.86
CA LEU B 12 -0.74 23.63 -18.79
C LEU B 12 -1.86 23.55 -19.85
N THR B 13 -1.50 23.52 -21.13
CA THR B 13 -2.45 23.24 -22.20
C THR B 13 -2.52 21.74 -22.31
N ASN B 14 -3.72 21.20 -22.44
CA ASN B 14 -3.88 19.78 -22.78
C ASN B 14 -3.60 19.68 -24.28
N SER B 15 -2.43 19.17 -24.63
CA SER B 15 -2.00 19.16 -26.01
C SER B 15 -2.69 18.04 -26.79
N LEU B 16 -3.13 17.00 -26.10
CA LEU B 16 -3.91 15.93 -26.74
C LEU B 16 -5.23 16.49 -27.28
N LYS B 17 -5.92 17.25 -26.45
CA LYS B 17 -7.20 17.87 -26.87
C LYS B 17 -6.97 18.82 -28.05
N GLN B 18 -5.94 19.63 -27.91
CA GLN B 18 -5.55 20.62 -28.95
C GLN B 18 -5.36 19.94 -30.30
N ARG B 19 -4.46 18.95 -30.32
N ARG B 19 -4.49 18.94 -30.32
CA ARG B 19 -4.16 18.22 -31.55
CA ARG B 19 -4.20 18.23 -31.56
C ARG B 19 -5.35 17.40 -32.05
C ARG B 19 -5.36 17.40 -32.05
N LEU B 20 -6.17 16.89 -31.13
CA LEU B 20 -7.39 16.14 -31.55
C LEU B 20 -8.34 17.07 -32.29
N ARG B 21 -8.53 18.27 -31.75
CA ARG B 21 -9.39 19.24 -32.40
C ARG B 21 -8.72 19.86 -33.65
N ASP B 22 -7.51 20.37 -33.52
CA ASP B 22 -6.90 21.20 -34.57
C ASP B 22 -6.23 20.40 -35.71
N GLY B 23 -5.62 19.26 -35.38
CA GLY B 23 -4.76 18.52 -36.32
C GLY B 23 -5.40 17.42 -37.11
N ASP B 24 -4.63 16.88 -38.08
CA ASP B 24 -5.02 15.76 -38.96
C ASP B 24 -4.09 14.54 -38.76
N GLU B 25 -3.07 14.67 -37.93
CA GLU B 25 -2.10 13.62 -37.75
C GLU B 25 -2.59 12.52 -36.78
N PRO B 26 -2.12 11.30 -36.95
CA PRO B 26 -2.42 10.24 -35.96
C PRO B 26 -1.76 10.55 -34.60
N LEU B 27 -2.37 10.12 -33.50
CA LEU B 27 -1.82 10.26 -32.17
C LEU B 27 -1.80 8.84 -31.55
N TYR B 28 -0.60 8.33 -31.32
CA TYR B 28 -0.37 6.94 -31.00
C TYR B 28 -0.29 6.73 -29.48
N GLY B 29 -0.93 5.69 -29.01
CA GLY B 29 -0.95 5.49 -27.56
C GLY B 29 -0.66 4.09 -27.17
N LEU B 30 -0.53 3.91 -25.84
CA LEU B 30 -0.32 2.62 -25.26
C LEU B 30 -1.22 2.43 -24.06
N TRP B 31 -1.80 1.24 -23.92
CA TRP B 31 -2.70 0.94 -22.80
C TRP B 31 -1.84 0.55 -21.63
N LEU B 32 -2.11 1.13 -20.46
CA LEU B 32 -1.44 0.74 -19.19
C LEU B 32 -2.36 -0.09 -18.33
N SER B 33 -2.16 -1.41 -18.38
CA SER B 33 -2.97 -2.33 -17.60
C SER B 33 -2.23 -2.95 -16.39
N LEU B 34 -0.92 -2.72 -16.28
CA LEU B 34 -0.15 -3.39 -15.23
C LEU B 34 -0.34 -2.77 -13.82
N GLY B 35 -0.78 -1.52 -13.77
CA GLY B 35 -1.02 -0.84 -12.52
C GLY B 35 0.24 -0.47 -11.75
N SER B 36 1.35 -0.25 -12.49
CA SER B 36 2.70 -0.10 -11.98
C SER B 36 3.20 1.32 -12.18
N ASP B 37 3.60 1.93 -11.07
CA ASP B 37 4.19 3.27 -11.13
C ASP B 37 5.44 3.29 -11.98
N SER B 38 6.32 2.34 -11.73
N SER B 38 6.32 2.33 -11.75
CA SER B 38 7.58 2.30 -12.46
CA SER B 38 7.57 2.33 -12.50
C SER B 38 7.33 2.03 -13.93
C SER B 38 7.36 2.00 -13.96
N ALA B 39 6.44 1.10 -14.26
CA ALA B 39 6.13 0.83 -15.67
C ALA B 39 5.59 2.10 -16.36
N ALA B 40 4.72 2.87 -15.67
CA ALA B 40 4.21 4.15 -16.20
C ALA B 40 5.33 5.18 -16.44
N GLU B 41 6.23 5.36 -15.48
CA GLU B 41 7.32 6.32 -15.68
C GLU B 41 8.25 5.87 -16.81
N ALA B 42 8.61 4.61 -16.82
CA ALA B 42 9.44 4.09 -17.92
C ALA B 42 8.80 4.29 -19.28
N LEU B 43 7.53 3.94 -19.40
CA LEU B 43 6.85 4.11 -20.68
C LEU B 43 6.66 5.57 -21.07
N ALA B 44 6.70 6.46 -20.10
CA ALA B 44 6.63 7.89 -20.42
C ALA B 44 7.84 8.36 -21.22
N HIS B 45 8.92 7.55 -21.21
CA HIS B 45 10.09 7.79 -22.02
C HIS B 45 10.06 7.13 -23.38
N ALA B 46 8.95 6.47 -23.76
CA ALA B 46 8.95 5.63 -24.96
C ALA B 46 8.55 6.38 -26.27
N GLY B 47 8.12 7.63 -26.18
CA GLY B 47 7.82 8.45 -27.36
C GLY B 47 6.35 8.44 -27.78
N TYR B 48 5.47 7.82 -26.99
CA TYR B 48 4.04 7.78 -27.37
C TYR B 48 3.38 9.13 -27.20
N ASP B 49 2.36 9.40 -28.00
CA ASP B 49 1.54 10.62 -27.84
C ASP B 49 0.64 10.56 -26.60
N TRP B 50 0.18 9.37 -26.24
CA TRP B 50 -0.66 9.26 -25.07
C TRP B 50 -0.54 7.92 -24.39
N LEU B 51 -0.91 7.91 -23.13
CA LEU B 51 -0.88 6.69 -22.32
C LEU B 51 -2.22 6.56 -21.57
N CYS B 52 -2.80 5.37 -21.59
CA CYS B 52 -4.10 5.19 -20.96
C CYS B 52 -4.05 4.41 -19.65
N ILE B 53 -4.35 5.08 -18.55
CA ILE B 53 -4.51 4.37 -17.25
C ILE B 53 -5.97 3.88 -17.21
N ASP B 54 -6.12 2.56 -17.41
CA ASP B 54 -7.44 1.93 -17.42
C ASP B 54 -7.99 1.62 -16.01
N MET B 55 -9.17 2.15 -15.67
CA MET B 55 -9.88 1.82 -14.43
C MET B 55 -11.04 0.85 -14.67
N GLU B 56 -11.38 0.61 -15.94
CA GLU B 56 -12.49 -0.32 -16.26
C GLU B 56 -12.06 -1.77 -16.19
N HIS B 57 -11.03 -2.11 -16.96
CA HIS B 57 -10.53 -3.45 -17.09
C HIS B 57 -9.12 -3.62 -16.56
N ALA B 58 -8.74 -2.83 -15.58
CA ALA B 58 -7.57 -3.12 -14.81
C ALA B 58 -7.87 -2.55 -13.42
N PRO B 59 -7.20 -3.06 -12.37
CA PRO B 59 -7.57 -2.66 -11.00
C PRO B 59 -6.86 -1.40 -10.55
N ASN B 60 -7.18 -0.28 -11.17
CA ASN B 60 -6.63 1.03 -10.77
C ASN B 60 -7.70 1.82 -10.08
N ASP B 61 -7.56 2.04 -8.78
CA ASP B 61 -8.52 2.87 -8.08
C ASP B 61 -7.92 4.25 -7.94
N SER B 62 -8.52 5.13 -7.14
CA SER B 62 -8.12 6.51 -7.11
C SER B 62 -6.66 6.75 -6.76
N ARG B 63 -6.14 6.13 -5.72
CA ARG B 63 -4.73 6.38 -5.42
C ARG B 63 -3.75 5.82 -6.45
N ASP B 64 -4.11 4.75 -7.17
CA ASP B 64 -3.30 4.24 -8.31
C ASP B 64 -3.29 5.19 -9.50
N VAL B 65 -4.45 5.82 -9.78
CA VAL B 65 -4.51 6.80 -10.82
C VAL B 65 -3.62 7.98 -10.47
N ALA B 66 -3.71 8.49 -9.25
CA ALA B 66 -2.85 9.62 -8.82
C ALA B 66 -1.37 9.27 -8.90
N SER B 67 -1.02 8.09 -8.43
CA SER B 67 0.42 7.74 -8.39
C SER B 67 0.94 7.49 -9.82
N GLN B 68 0.07 7.02 -10.72
CA GLN B 68 0.51 6.81 -12.12
C GLN B 68 0.60 8.13 -12.89
N LEU B 69 -0.33 9.04 -12.64
CA LEU B 69 -0.25 10.38 -13.12
C LEU B 69 1.02 11.09 -12.65
N ARG B 70 1.34 11.02 -11.37
CA ARG B 70 2.58 11.55 -10.85
C ARG B 70 3.86 10.96 -11.49
N ALA B 71 3.85 9.63 -11.65
CA ALA B 71 4.95 8.92 -12.28
C ALA B 71 5.17 9.39 -13.72
N ILE B 72 4.12 9.57 -14.53
CA ILE B 72 4.22 9.98 -15.94
C ILE B 72 4.73 11.43 -15.95
N ALA B 73 4.16 12.26 -15.04
CA ALA B 73 4.54 13.70 -14.96
C ALA B 73 6.01 13.88 -14.61
N ALA B 74 6.51 13.03 -13.71
CA ALA B 74 7.91 13.13 -13.30
C ALA B 74 8.94 12.94 -14.45
N ALA B 75 8.60 12.24 -15.51
CA ALA B 75 9.48 12.19 -16.69
C ALA B 75 9.65 13.52 -17.41
N HIS B 76 8.68 14.44 -17.30
CA HIS B 76 8.80 15.79 -17.90
C HIS B 76 8.87 15.70 -19.43
N LEU B 77 8.05 14.83 -20.04
CA LEU B 77 8.14 14.55 -21.47
C LEU B 77 6.73 14.67 -22.04
N PRO B 78 6.55 14.58 -23.38
CA PRO B 78 5.25 14.97 -23.94
C PRO B 78 4.03 14.03 -23.78
N SER B 79 4.19 12.81 -23.28
CA SER B 79 3.06 11.87 -23.35
C SER B 79 1.86 12.40 -22.56
N GLU B 80 0.67 12.36 -23.13
CA GLU B 80 -0.54 12.85 -22.44
C GLU B 80 -1.30 11.67 -21.82
N PRO B 81 -1.53 11.71 -20.50
CA PRO B 81 -2.31 10.67 -19.86
C PRO B 81 -3.82 10.71 -20.14
N VAL B 82 -4.41 9.53 -20.36
CA VAL B 82 -5.82 9.36 -20.56
C VAL B 82 -6.26 8.41 -19.45
N VAL B 83 -7.42 8.67 -18.86
CA VAL B 83 -7.97 7.79 -17.85
C VAL B 83 -9.31 7.32 -18.35
N ARG B 84 -9.41 6.00 -18.53
CA ARG B 84 -10.70 5.35 -18.78
C ARG B 84 -11.41 5.06 -17.44
N VAL B 85 -12.52 5.76 -17.18
CA VAL B 85 -13.26 5.57 -15.97
C VAL B 85 -14.00 4.21 -15.96
N PRO B 86 -14.30 3.66 -14.77
CA PRO B 86 -15.00 2.36 -14.76
C PRO B 86 -16.41 2.44 -15.32
N ALA B 87 -17.05 3.57 -15.14
CA ALA B 87 -18.45 3.72 -15.39
C ALA B 87 -18.76 5.21 -15.28
N ARG B 88 -19.87 5.61 -15.92
CA ARG B 88 -20.33 7.00 -15.88
C ARG B 88 -21.08 7.30 -14.56
N GLU B 89 -20.42 7.13 -13.42
CA GLU B 89 -21.02 7.48 -12.11
C GLU B 89 -20.44 8.79 -11.68
N PRO B 90 -21.27 9.77 -11.24
CA PRO B 90 -20.65 11.03 -10.85
C PRO B 90 -19.41 10.90 -9.88
N TRP B 91 -19.47 10.07 -8.84
CA TRP B 91 -18.39 10.04 -7.84
C TRP B 91 -17.05 9.51 -8.40
N LEU B 92 -17.12 8.63 -9.39
CA LEU B 92 -15.92 8.09 -10.03
C LEU B 92 -15.30 9.10 -11.03
N VAL B 93 -16.16 9.80 -11.76
CA VAL B 93 -15.69 10.88 -12.64
C VAL B 93 -15.00 11.99 -11.79
N LYS B 94 -15.61 12.33 -10.66
CA LYS B 94 -15.08 13.32 -9.76
C LYS B 94 -13.67 12.95 -9.29
N ARG B 95 -13.50 11.69 -8.89
CA ARG B 95 -12.22 11.14 -8.45
C ARG B 95 -11.15 11.29 -9.54
N ALA B 96 -11.50 10.95 -10.77
CA ALA B 96 -10.53 11.05 -11.85
C ALA B 96 -10.15 12.51 -12.11
N LEU B 97 -11.13 13.39 -12.16
CA LEU B 97 -10.85 14.81 -12.46
C LEU B 97 -10.06 15.48 -11.36
N ASP B 98 -10.43 15.19 -10.10
CA ASP B 98 -9.74 15.78 -8.92
C ASP B 98 -8.28 15.36 -8.83
N ALA B 99 -7.97 14.17 -9.34
CA ALA B 99 -6.61 13.61 -9.31
C ALA B 99 -5.74 14.26 -10.41
N GLY B 100 -6.37 15.02 -11.30
CA GLY B 100 -5.64 15.75 -12.36
C GLY B 100 -5.70 15.12 -13.73
N ALA B 101 -6.57 14.13 -13.95
CA ALA B 101 -6.78 13.56 -15.31
C ALA B 101 -7.51 14.56 -16.15
N ARG B 102 -6.91 15.03 -17.23
CA ARG B 102 -7.56 16.02 -18.07
C ARG B 102 -8.19 15.45 -19.33
N THR B 103 -7.92 14.18 -19.63
CA THR B 103 -8.59 13.53 -20.75
C THR B 103 -9.26 12.24 -20.25
N LEU B 104 -10.59 12.16 -20.27
CA LEU B 104 -11.31 11.00 -19.76
C LEU B 104 -11.94 10.23 -20.92
N MET B 105 -11.86 8.92 -20.82
CA MET B 105 -12.55 8.00 -21.70
C MET B 105 -13.69 7.31 -20.97
N PHE B 106 -14.86 7.34 -21.62
CA PHE B 106 -16.09 6.77 -21.06
C PHE B 106 -16.55 5.53 -21.83
N PRO B 107 -16.65 4.42 -21.13
CA PRO B 107 -17.04 3.18 -21.76
C PRO B 107 -18.56 3.17 -22.06
N CYS B 108 -19.01 2.25 -22.92
CA CYS B 108 -20.45 1.98 -23.05
C CYS B 108 -21.27 3.24 -23.24
N ILE B 109 -20.86 4.13 -24.14
CA ILE B 109 -21.73 5.26 -24.51
C ILE B 109 -22.62 4.81 -25.66
N GLU B 110 -23.94 4.96 -25.48
CA GLU B 110 -24.92 4.35 -26.40
C GLU B 110 -25.94 5.28 -27.00
N THR B 111 -26.06 6.47 -26.43
CA THR B 111 -27.05 7.43 -26.80
C THR B 111 -26.49 8.84 -26.73
N PRO B 112 -27.06 9.75 -27.53
CA PRO B 112 -26.62 11.13 -27.42
C PRO B 112 -26.77 11.68 -25.99
N ASP B 113 -27.76 11.20 -25.25
N ASP B 113 -27.77 11.20 -25.26
CA ASP B 113 -27.96 11.65 -23.87
CA ASP B 113 -27.96 11.63 -23.88
C ASP B 113 -26.86 11.11 -22.94
C ASP B 113 -26.86 11.11 -22.94
N ASP B 114 -26.42 9.87 -23.16
CA ASP B 114 -25.30 9.33 -22.40
C ASP B 114 -24.07 10.23 -22.64
N ALA B 115 -23.87 10.62 -23.89
CA ALA B 115 -22.69 11.35 -24.24
C ALA B 115 -22.73 12.72 -23.58
N ALA B 116 -23.92 13.32 -23.57
CA ALA B 116 -24.06 14.68 -23.09
C ALA B 116 -23.87 14.69 -21.57
N HIS B 117 -24.36 13.65 -20.91
CA HIS B 117 -24.17 13.52 -19.48
C HIS B 117 -22.69 13.42 -19.11
N ALA B 118 -21.95 12.56 -19.82
CA ALA B 118 -20.49 12.45 -19.63
C ALA B 118 -19.79 13.80 -19.75
N VAL B 119 -20.17 14.56 -20.79
CA VAL B 119 -19.63 15.92 -20.98
C VAL B 119 -19.97 16.81 -19.75
N ARG B 120 -21.24 16.87 -19.37
CA ARG B 120 -21.65 17.69 -18.21
C ARG B 120 -20.87 17.39 -16.93
N LEU B 121 -20.61 16.11 -16.65
CA LEU B 121 -19.87 15.73 -15.44
C LEU B 121 -18.48 16.35 -15.42
N THR B 122 -17.95 16.73 -16.58
CA THR B 122 -16.56 17.20 -16.66
C THR B 122 -16.46 18.74 -16.69
N ARG B 123 -17.59 19.44 -16.63
CA ARG B 123 -17.63 20.88 -16.81
C ARG B 123 -18.11 21.60 -15.54
N PHE B 124 -17.34 22.56 -15.06
CA PHE B 124 -17.87 23.50 -14.07
C PHE B 124 -19.07 24.22 -14.67
N PRO B 125 -20.11 24.47 -13.87
CA PRO B 125 -21.23 25.24 -14.39
C PRO B 125 -20.81 26.67 -14.68
N SER B 126 -21.00 27.08 -15.91
CA SER B 126 -20.42 28.31 -16.42
C SER B 126 -21.21 28.78 -17.65
N PRO B 127 -20.95 30.02 -18.12
CA PRO B 127 -21.74 30.52 -19.25
C PRO B 127 -21.72 29.60 -20.48
N GLU B 128 -20.55 29.13 -20.87
CA GLU B 128 -20.46 28.20 -21.99
C GLU B 128 -21.02 26.80 -21.69
N SER B 129 -21.07 26.42 -20.42
CA SER B 129 -21.62 25.14 -19.99
C SER B 129 -22.57 25.31 -18.82
N PRO B 130 -23.76 25.89 -19.09
CA PRO B 130 -24.67 26.23 -18.02
C PRO B 130 -25.10 25.03 -17.20
N ASP B 131 -25.15 23.84 -17.79
CA ASP B 131 -25.64 22.68 -17.05
C ASP B 131 -24.49 21.83 -16.49
N GLY B 132 -23.28 22.38 -16.55
CA GLY B 132 -22.10 21.70 -16.01
C GLY B 132 -22.37 21.21 -14.60
N LEU B 133 -21.92 19.98 -14.29
CA LEU B 133 -22.09 19.34 -13.00
C LEU B 133 -20.78 19.06 -12.25
N ARG B 134 -19.64 19.57 -12.73
CA ARG B 134 -18.41 19.29 -12.04
C ARG B 134 -18.39 20.04 -10.74
N GLY B 135 -17.88 19.40 -9.70
CA GLY B 135 -17.95 19.93 -8.35
C GLY B 135 -16.74 20.74 -8.05
N VAL B 136 -16.93 21.82 -7.30
CA VAL B 136 -15.81 22.66 -6.93
C VAL B 136 -15.17 22.24 -5.59
N ALA B 137 -13.86 22.13 -5.61
CA ALA B 137 -13.15 21.77 -4.41
C ALA B 137 -11.75 22.23 -4.70
N GLY B 138 -11.40 23.36 -4.09
CA GLY B 138 -10.20 24.09 -4.50
C GLY B 138 -8.94 23.49 -3.95
N MET B 139 -9.05 22.50 -3.06
CA MET B 139 -7.85 21.98 -2.40
C MET B 139 -7.28 20.72 -3.07
N VAL B 140 -7.89 20.26 -4.15
CA VAL B 140 -7.46 19.02 -4.79
C VAL B 140 -6.21 19.18 -5.72
N ARG B 141 -5.59 18.04 -6.06
CA ARG B 141 -4.39 17.99 -6.92
C ARG B 141 -4.59 18.73 -8.22
N ALA B 142 -5.75 18.54 -8.84
CA ALA B 142 -6.03 19.19 -10.12
C ALA B 142 -5.95 20.71 -10.01
N ALA B 143 -6.27 21.24 -8.83
CA ALA B 143 -6.17 22.69 -8.62
C ALA B 143 -4.83 23.14 -7.99
N ALA B 144 -3.80 22.28 -8.07
CA ALA B 144 -2.53 22.44 -7.38
C ALA B 144 -2.75 22.80 -5.91
N PHE B 145 -3.69 22.09 -5.28
CA PHE B 145 -3.94 22.25 -3.88
C PHE B 145 -4.34 23.67 -3.47
N GLY B 146 -4.84 24.44 -4.43
CA GLY B 146 -5.25 25.80 -4.19
C GLY B 146 -4.29 26.83 -4.76
N MET B 147 -3.13 26.37 -5.25
CA MET B 147 -2.09 27.26 -5.71
C MET B 147 -2.34 27.74 -7.15
N ARG B 148 -3.24 27.07 -7.89
CA ARG B 148 -3.55 27.44 -9.28
C ARG B 148 -4.77 28.36 -9.25
N ARG B 149 -4.53 29.67 -9.11
CA ARG B 149 -5.64 30.53 -8.73
C ARG B 149 -6.65 30.79 -9.82
N ASP B 150 -6.27 30.58 -11.09
CA ASP B 150 -7.19 30.76 -12.21
C ASP B 150 -7.85 29.43 -12.63
N TYR B 151 -7.86 28.44 -11.73
CA TYR B 151 -8.32 27.09 -12.10
C TYR B 151 -9.77 27.07 -12.59
N LEU B 152 -10.63 27.81 -11.93
CA LEU B 152 -12.07 27.82 -12.30
C LEU B 152 -12.32 28.46 -13.65
N GLN B 153 -11.45 29.38 -14.09
CA GLN B 153 -11.54 29.99 -15.43
C GLN B 153 -10.92 29.13 -16.54
N THR B 154 -9.89 28.36 -16.22
CA THR B 154 -9.09 27.70 -17.24
C THR B 154 -9.46 26.21 -17.38
N ALA B 155 -10.01 25.56 -16.34
CA ALA B 155 -10.16 24.09 -16.41
C ALA B 155 -11.07 23.55 -17.53
N ASN B 156 -12.22 24.13 -17.78
CA ASN B 156 -13.19 23.48 -18.69
C ASN B 156 -12.63 23.30 -20.11
N ALA B 157 -11.90 24.32 -20.57
CA ALA B 157 -11.35 24.27 -21.91
C ALA B 157 -10.26 23.23 -22.08
N GLN B 158 -9.63 22.82 -20.99
CA GLN B 158 -8.54 21.84 -21.09
C GLN B 158 -8.96 20.38 -20.82
N VAL B 159 -10.26 20.12 -20.67
CA VAL B 159 -10.75 18.77 -20.41
C VAL B 159 -11.28 18.15 -21.71
N ALA B 160 -10.78 16.97 -22.05
CA ALA B 160 -11.19 16.27 -23.24
C ALA B 160 -12.01 15.05 -22.86
N VAL B 161 -13.03 14.76 -23.65
CA VAL B 161 -13.95 13.69 -23.40
C VAL B 161 -13.89 12.79 -24.63
N ILE B 162 -13.55 11.53 -24.41
CA ILE B 162 -13.56 10.46 -25.42
C ILE B 162 -14.67 9.51 -25.05
N VAL B 163 -15.56 9.21 -26.03
CA VAL B 163 -16.66 8.29 -25.82
C VAL B 163 -16.44 7.00 -26.59
N GLN B 164 -16.53 5.87 -25.90
CA GLN B 164 -16.42 4.56 -26.52
C GLN B 164 -17.76 4.09 -27.07
N VAL B 165 -17.72 3.74 -28.34
CA VAL B 165 -18.84 3.15 -29.07
C VAL B 165 -18.47 1.69 -29.30
N GLU B 166 -19.21 0.80 -28.68
CA GLU B 166 -18.82 -0.61 -28.63
C GLU B 166 -20.03 -1.53 -28.40
N SER B 167 -21.20 -1.08 -28.85
CA SER B 167 -22.42 -1.86 -28.84
C SER B 167 -23.22 -1.55 -30.12
N ALA B 168 -24.17 -2.42 -30.45
CA ALA B 168 -25.05 -2.23 -31.60
C ALA B 168 -25.85 -0.92 -31.53
N ARG B 169 -26.41 -0.64 -30.33
CA ARG B 169 -27.18 0.58 -30.06
C ARG B 169 -26.36 1.84 -30.24
N GLY B 170 -25.13 1.83 -29.76
CA GLY B 170 -24.24 2.99 -29.92
C GLY B 170 -23.98 3.29 -31.38
N VAL B 171 -23.71 2.24 -32.15
CA VAL B 171 -23.47 2.37 -33.59
C VAL B 171 -24.69 2.95 -34.30
N ASP B 172 -25.87 2.45 -33.93
CA ASP B 172 -27.13 2.94 -34.46
C ASP B 172 -27.32 4.45 -34.22
N GLU B 173 -26.80 4.97 -33.11
CA GLU B 173 -26.94 6.40 -32.72
C GLU B 173 -25.68 7.21 -32.92
N VAL B 174 -24.71 6.64 -33.63
CA VAL B 174 -23.37 7.21 -33.62
C VAL B 174 -23.33 8.60 -34.24
N GLU B 175 -24.14 8.86 -35.27
CA GLU B 175 -24.18 10.21 -35.87
C GLU B 175 -24.66 11.26 -34.85
N ARG B 176 -25.69 10.91 -34.09
CA ARG B 176 -26.18 11.83 -33.06
C ARG B 176 -25.22 11.94 -31.86
N ILE B 177 -24.56 10.83 -31.48
CA ILE B 177 -23.48 10.93 -30.48
C ILE B 177 -22.39 11.89 -30.94
N ALA B 178 -21.91 11.69 -32.17
CA ALA B 178 -20.86 12.54 -32.76
C ALA B 178 -21.20 14.02 -32.80
N ALA B 179 -22.47 14.35 -32.93
CA ALA B 179 -22.91 15.75 -32.93
C ALA B 179 -23.07 16.35 -31.55
N THR B 180 -22.85 15.57 -30.48
CA THR B 180 -22.97 16.12 -29.14
C THR B 180 -21.82 17.10 -28.85
N PRO B 181 -22.14 18.35 -28.53
CA PRO B 181 -21.09 19.27 -28.12
C PRO B 181 -20.27 18.75 -26.96
N GLY B 182 -18.94 18.90 -27.08
CA GLY B 182 -18.01 18.48 -26.05
C GLY B 182 -17.43 17.09 -26.27
N VAL B 183 -17.92 16.37 -27.25
CA VAL B 183 -17.35 15.06 -27.55
C VAL B 183 -16.12 15.29 -28.40
N ASP B 184 -14.94 15.04 -27.85
CA ASP B 184 -13.70 15.27 -28.59
C ASP B 184 -13.19 14.11 -29.40
N CYS B 185 -13.58 12.88 -29.07
CA CYS B 185 -13.18 11.72 -29.84
C CYS B 185 -14.19 10.61 -29.68
N LEU B 186 -14.47 9.90 -30.79
CA LEU B 186 -15.23 8.62 -30.74
C LEU B 186 -14.21 7.50 -30.78
N PHE B 187 -14.26 6.59 -29.81
CA PHE B 187 -13.24 5.52 -29.71
C PHE B 187 -13.92 4.15 -29.92
N VAL B 188 -13.49 3.38 -30.94
CA VAL B 188 -13.99 2.02 -31.18
C VAL B 188 -13.22 0.97 -30.39
N GLY B 189 -13.91 0.11 -29.62
CA GLY B 189 -13.25 -1.07 -29.06
C GLY B 189 -13.72 -2.26 -29.87
N PRO B 190 -12.85 -2.81 -30.72
CA PRO B 190 -13.44 -3.74 -31.71
C PRO B 190 -13.95 -5.04 -31.05
N ALA B 191 -13.25 -5.47 -30.00
CA ALA B 191 -13.57 -6.70 -29.27
C ALA B 191 -14.99 -6.71 -28.66
N ASP B 192 -15.33 -5.68 -27.89
CA ASP B 192 -16.69 -5.55 -27.34
C ASP B 192 -17.74 -5.34 -28.42
N LEU B 193 -17.41 -4.57 -29.45
CA LEU B 193 -18.40 -4.27 -30.48
C LEU B 193 -18.75 -5.55 -31.19
N ALA B 194 -17.74 -6.38 -31.48
CA ALA B 194 -17.97 -7.68 -32.15
C ALA B 194 -18.85 -8.61 -31.31
N ALA B 195 -18.55 -8.71 -30.01
CA ALA B 195 -19.34 -9.47 -29.06
C ALA B 195 -20.81 -8.98 -29.11
N SER B 196 -21.00 -7.68 -29.04
CA SER B 196 -22.33 -7.08 -28.99
C SER B 196 -23.14 -7.34 -30.26
N LEU B 197 -22.46 -7.48 -31.40
CA LEU B 197 -23.11 -7.82 -32.65
C LEU B 197 -23.24 -9.32 -32.87
N GLY B 198 -22.96 -10.13 -31.84
CA GLY B 198 -23.07 -11.60 -31.99
C GLY B 198 -21.89 -12.28 -32.66
N HIS B 199 -20.71 -11.68 -32.63
CA HIS B 199 -19.51 -12.24 -33.24
C HIS B 199 -18.35 -12.21 -32.27
N LEU B 200 -18.64 -12.72 -31.08
CA LEU B 200 -17.68 -12.80 -30.00
C LEU B 200 -16.40 -13.41 -30.48
N GLY B 201 -15.30 -12.71 -30.28
CA GLY B 201 -14.02 -13.23 -30.74
C GLY B 201 -13.70 -13.07 -32.22
N ASP B 202 -14.57 -12.49 -33.03
CA ASP B 202 -14.24 -12.32 -34.46
C ASP B 202 -14.42 -10.85 -34.94
N ILE B 203 -13.38 -10.03 -34.79
CA ILE B 203 -13.53 -8.59 -35.13
C ILE B 203 -13.47 -8.33 -36.62
N ARG B 204 -13.19 -9.39 -37.42
CA ARG B 204 -13.01 -9.26 -38.87
C ARG B 204 -14.30 -9.71 -39.59
N HIS B 205 -15.32 -10.13 -38.84
CA HIS B 205 -16.59 -10.44 -39.50
C HIS B 205 -17.12 -9.21 -40.25
N PRO B 206 -17.68 -9.39 -41.47
CA PRO B 206 -18.14 -8.23 -42.28
C PRO B 206 -19.14 -7.30 -41.60
N ASP B 207 -20.03 -7.83 -40.76
CA ASP B 207 -20.97 -7.06 -39.93
C ASP B 207 -20.25 -6.16 -38.91
N VAL B 208 -19.15 -6.63 -38.38
CA VAL B 208 -18.34 -5.82 -37.46
C VAL B 208 -17.62 -4.74 -38.26
N GLU B 209 -17.03 -5.13 -39.40
CA GLU B 209 -16.32 -4.18 -40.24
C GLU B 209 -17.20 -3.03 -40.68
N THR B 210 -18.43 -3.35 -41.05
N THR B 210 -18.44 -3.32 -41.08
CA THR B 210 -19.38 -2.34 -41.47
CA THR B 210 -19.35 -2.25 -41.51
C THR B 210 -19.73 -1.37 -40.35
C THR B 210 -19.76 -1.34 -40.35
N ALA B 211 -19.97 -1.91 -39.16
CA ALA B 211 -20.23 -1.08 -37.99
C ALA B 211 -19.05 -0.13 -37.67
N MET B 212 -17.82 -0.64 -37.73
CA MET B 212 -16.62 0.16 -37.41
C MET B 212 -16.47 1.27 -38.43
N ALA B 213 -16.70 0.95 -39.71
CA ALA B 213 -16.61 1.96 -40.77
C ALA B 213 -17.66 3.06 -40.60
N ARG B 214 -18.85 2.71 -40.15
CA ARG B 214 -19.90 3.71 -39.85
C ARG B 214 -19.47 4.68 -38.72
N VAL B 215 -18.86 4.15 -37.67
CA VAL B 215 -18.35 5.02 -36.62
C VAL B 215 -17.33 6.01 -37.22
N LEU B 216 -16.42 5.47 -38.04
CA LEU B 216 -15.33 6.26 -38.59
C LEU B 216 -15.92 7.32 -39.51
N ALA B 217 -16.88 6.95 -40.36
CA ALA B 217 -17.55 7.95 -41.22
C ALA B 217 -18.30 9.02 -40.43
N ALA B 218 -18.98 8.62 -39.36
CA ALA B 218 -19.70 9.54 -38.52
C ALA B 218 -18.80 10.65 -37.95
N GLY B 219 -17.60 10.27 -37.49
CA GLY B 219 -16.60 11.23 -36.98
C GLY B 219 -16.05 12.14 -38.08
N LYS B 220 -15.62 11.54 -39.17
CA LYS B 220 -15.21 12.31 -40.36
C LYS B 220 -16.25 13.35 -40.71
N GLN B 221 -17.51 12.93 -40.82
CA GLN B 221 -18.63 13.86 -41.11
C GLN B 221 -18.86 14.94 -40.04
N ALA B 222 -18.79 14.58 -38.76
CA ALA B 222 -18.89 15.59 -37.69
C ALA B 222 -17.64 16.45 -37.46
N GLY B 223 -16.53 16.14 -38.12
CA GLY B 223 -15.26 16.79 -37.76
C GLY B 223 -14.77 16.34 -36.37
N VAL B 224 -15.14 15.13 -35.93
CA VAL B 224 -14.72 14.60 -34.61
C VAL B 224 -13.69 13.47 -34.85
N ALA B 225 -12.53 13.56 -34.21
CA ALA B 225 -11.54 12.53 -34.33
C ALA B 225 -12.07 11.16 -33.94
N VAL B 226 -11.61 10.12 -34.65
CA VAL B 226 -11.92 8.75 -34.31
C VAL B 226 -10.68 7.96 -33.85
N GLY B 227 -10.88 7.16 -32.79
CA GLY B 227 -9.89 6.29 -32.18
C GLY B 227 -10.27 4.83 -32.20
N ILE B 228 -9.26 3.98 -31.96
CA ILE B 228 -9.45 2.57 -31.98
C ILE B 228 -8.37 1.85 -31.21
N PHE B 229 -8.72 0.70 -30.66
CA PHE B 229 -7.73 -0.15 -29.99
C PHE B 229 -7.20 -1.16 -31.01
N ALA B 230 -5.88 -1.20 -31.20
CA ALA B 230 -5.25 -2.18 -32.10
C ALA B 230 -4.51 -3.22 -31.32
N GLY B 231 -4.65 -4.47 -31.76
CA GLY B 231 -3.99 -5.61 -31.15
C GLY B 231 -2.54 -5.83 -31.61
N ASP B 232 -2.11 -5.21 -32.69
CA ASP B 232 -0.81 -5.52 -33.29
C ASP B 232 -0.48 -4.38 -34.29
N THR B 233 0.76 -4.30 -34.75
CA THR B 233 1.16 -3.13 -35.53
C THR B 233 0.62 -3.19 -36.96
N ALA B 234 0.35 -4.38 -37.48
CA ALA B 234 -0.16 -4.42 -38.87
C ALA B 234 -1.57 -3.82 -38.86
N ALA B 235 -2.35 -4.15 -37.84
CA ALA B 235 -3.74 -3.64 -37.73
C ALA B 235 -3.74 -2.13 -37.48
N ALA B 236 -2.86 -1.65 -36.58
CA ALA B 236 -2.72 -0.23 -36.30
C ALA B 236 -2.40 0.50 -37.59
N ARG B 237 -1.50 -0.04 -38.42
CA ARG B 237 -1.18 0.62 -39.72
C ARG B 237 -2.39 0.62 -40.71
N GLN B 238 -3.13 -0.47 -40.76
CA GLN B 238 -4.35 -0.50 -41.56
C GLN B 238 -5.30 0.56 -41.04
N TYR B 239 -5.48 0.64 -39.72
CA TYR B 239 -6.34 1.74 -39.17
C TYR B 239 -5.87 3.14 -39.53
N ARG B 240 -4.58 3.38 -39.43
CA ARG B 240 -4.02 4.65 -39.78
C ARG B 240 -4.35 4.99 -41.27
N GLU B 241 -4.11 4.06 -42.16
CA GLU B 241 -4.43 4.23 -43.59
C GLU B 241 -5.95 4.51 -43.82
N ALA B 242 -6.81 3.82 -43.09
CA ALA B 242 -8.26 4.08 -43.19
C ALA B 242 -8.73 5.44 -42.69
N GLY B 243 -7.94 6.12 -41.85
CA GLY B 243 -8.32 7.46 -41.36
C GLY B 243 -8.53 7.57 -39.85
N TYR B 244 -8.33 6.50 -39.10
CA TYR B 244 -8.36 6.60 -37.66
C TYR B 244 -7.16 7.46 -37.23
N ARG B 245 -7.36 8.28 -36.19
CA ARG B 245 -6.29 9.13 -35.60
C ARG B 245 -5.83 8.70 -34.19
N LEU B 246 -6.75 8.38 -33.28
CA LEU B 246 -6.33 8.08 -31.88
C LEU B 246 -6.16 6.58 -31.72
N ILE B 247 -4.98 6.10 -32.04
CA ILE B 247 -4.77 4.69 -32.26
C ILE B 247 -3.94 4.11 -31.15
N THR B 248 -4.52 3.13 -30.43
CA THR B 248 -3.81 2.45 -29.38
C THR B 248 -3.00 1.33 -30.01
N VAL B 249 -1.69 1.34 -29.74
CA VAL B 249 -0.81 0.26 -30.16
C VAL B 249 -0.68 -0.78 -29.06
N SER B 250 -1.78 -1.52 -28.90
CA SER B 250 -1.93 -2.56 -27.91
C SER B 250 -1.59 -2.11 -26.46
N ALA B 251 -1.21 -3.07 -25.60
CA ALA B 251 -1.09 -2.86 -24.15
C ALA B 251 0.29 -3.20 -23.62
N ASP B 252 0.69 -2.54 -22.53
CA ASP B 252 1.93 -2.81 -21.84
C ASP B 252 2.23 -4.29 -21.59
N VAL B 253 1.32 -5.01 -20.96
CA VAL B 253 1.48 -6.43 -20.68
C VAL B 253 1.55 -7.27 -21.93
N SER B 254 0.79 -6.91 -22.96
CA SER B 254 0.89 -7.64 -24.23
C SER B 254 2.30 -7.61 -24.87
N TRP B 255 2.89 -6.41 -24.91
CA TRP B 255 4.21 -6.25 -25.46
C TRP B 255 5.23 -6.97 -24.57
N LEU B 256 5.07 -6.90 -23.25
CA LEU B 256 6.02 -7.52 -22.33
C LEU B 256 6.08 -9.02 -22.53
N LEU B 257 4.91 -9.63 -22.61
CA LEU B 257 4.83 -11.09 -22.84
C LEU B 257 5.36 -11.51 -24.21
N ARG B 258 4.97 -10.78 -25.27
CA ARG B 258 5.41 -11.12 -26.65
C ARG B 258 6.95 -11.03 -26.73
N ALA B 259 7.48 -9.91 -26.28
CA ALA B 259 8.92 -9.63 -26.31
C ALA B 259 9.77 -10.66 -25.57
N THR B 260 9.37 -11.01 -24.36
CA THR B 260 10.15 -11.94 -23.58
C THR B 260 10.06 -13.36 -24.11
N ARG B 261 8.89 -13.74 -24.59
CA ARG B 261 8.72 -15.07 -25.18
C ARG B 261 9.50 -15.17 -26.48
N GLN B 262 9.39 -14.17 -27.36
CA GLN B 262 10.19 -14.16 -28.60
C GLN B 262 11.68 -14.20 -28.27
N ALA B 263 12.12 -13.45 -27.25
CA ALA B 263 13.52 -13.50 -26.86
C ALA B 263 13.99 -14.89 -26.41
N LEU B 264 13.14 -15.61 -25.70
CA LEU B 264 13.50 -16.94 -25.24
C LEU B 264 13.70 -17.90 -26.41
N GLN B 265 12.78 -17.87 -27.35
CA GLN B 265 12.94 -18.69 -28.55
C GLN B 265 14.24 -18.35 -29.32
N GLU B 266 14.52 -17.07 -29.55
CA GLU B 266 15.82 -16.64 -30.18
C GLU B 266 17.04 -17.22 -29.48
N VAL B 267 17.06 -17.15 -28.16
CA VAL B 267 18.22 -17.60 -27.43
C VAL B 267 18.34 -19.13 -27.52
N ARG B 268 17.21 -19.82 -27.54
CA ARG B 268 17.20 -21.29 -27.59
C ARG B 268 17.48 -21.83 -28.96
N SER B 269 17.16 -21.07 -29.99
CA SER B 269 17.08 -21.64 -31.33
C SER B 269 18.46 -22.15 -31.74
N LEU C 12 -18.39 5.21 24.26
CA LEU C 12 -19.68 4.68 23.71
C LEU C 12 -20.60 5.78 23.17
N THR C 13 -20.32 7.05 23.50
CA THR C 13 -21.17 8.20 23.15
C THR C 13 -20.54 8.92 21.96
N ASN C 14 -21.31 9.05 20.89
CA ASN C 14 -20.99 9.97 19.81
C ASN C 14 -21.32 11.37 20.36
N SER C 15 -20.30 12.06 20.85
CA SER C 15 -20.53 13.34 21.50
C SER C 15 -20.87 14.42 20.47
N LEU C 16 -20.42 14.24 19.22
CA LEU C 16 -20.79 15.18 18.17
C LEU C 16 -22.31 15.15 17.94
N LYS C 17 -22.89 13.95 17.86
CA LYS C 17 -24.32 13.80 17.70
C LYS C 17 -25.10 14.48 18.84
N GLN C 18 -24.67 14.26 20.06
CA GLN C 18 -25.38 14.82 21.22
C GLN C 18 -25.31 16.34 21.21
N ARG C 19 -24.12 16.86 20.96
CA ARG C 19 -23.96 18.31 20.98
C ARG C 19 -24.68 18.98 19.81
N LEU C 20 -24.71 18.34 18.65
CA LEU C 20 -25.48 18.86 17.52
C LEU C 20 -26.93 18.96 17.87
N ARG C 21 -27.47 17.94 18.52
CA ARG C 21 -28.88 17.94 18.80
C ARG C 21 -29.25 18.82 19.99
N ASP C 22 -28.38 18.98 20.99
CA ASP C 22 -28.79 19.52 22.30
C ASP C 22 -28.08 20.78 22.75
N GLY C 23 -27.01 21.15 22.06
CA GLY C 23 -26.19 22.29 22.43
C GLY C 23 -26.54 23.52 21.65
N ASP C 24 -26.01 24.65 22.08
CA ASP C 24 -26.09 25.90 21.35
C ASP C 24 -24.67 26.36 20.95
N GLU C 25 -23.63 25.73 21.49
CA GLU C 25 -22.23 26.13 21.22
C GLU C 25 -21.72 25.83 19.79
N PRO C 26 -20.74 26.58 19.33
CA PRO C 26 -20.14 26.19 18.05
C PRO C 26 -19.28 24.90 18.14
N LEU C 27 -19.15 24.20 17.02
CA LEU C 27 -18.37 22.94 16.99
C LEU C 27 -17.39 23.11 15.84
N TYR C 28 -16.13 23.31 16.19
CA TYR C 28 -15.14 23.63 15.17
C TYR C 28 -14.49 22.39 14.60
N GLY C 29 -14.33 22.38 13.27
CA GLY C 29 -13.64 21.28 12.59
C GLY C 29 -12.56 21.66 11.64
N LEU C 30 -11.93 20.58 11.13
CA LEU C 30 -10.89 20.63 10.19
C LEU C 30 -11.15 19.56 9.10
N TRP C 31 -10.99 19.94 7.84
CA TRP C 31 -11.14 19.04 6.69
C TRP C 31 -9.83 18.31 6.48
N LEU C 32 -9.88 16.98 6.41
CA LEU C 32 -8.67 16.19 6.12
C LEU C 32 -8.73 15.74 4.63
N SER C 33 -7.94 16.40 3.78
N SER C 33 -7.96 16.43 3.78
CA SER C 33 -7.89 16.06 2.35
CA SER C 33 -7.86 16.13 2.36
C SER C 33 -6.58 15.40 1.93
C SER C 33 -6.65 15.26 2.03
N LEU C 34 -5.60 15.33 2.83
CA LEU C 34 -4.27 14.78 2.45
C LEU C 34 -4.23 13.26 2.39
N GLY C 35 -5.15 12.57 3.06
CA GLY C 35 -5.20 11.11 3.02
C GLY C 35 -4.07 10.48 3.79
N SER C 36 -3.55 11.17 4.81
CA SER C 36 -2.32 10.77 5.50
C SER C 36 -2.63 10.35 6.97
N ASP C 37 -2.21 9.13 7.36
CA ASP C 37 -2.40 8.63 8.72
C ASP C 37 -1.66 9.49 9.77
N SER C 38 -0.40 9.79 9.51
N SER C 38 -0.39 9.80 9.54
CA SER C 38 0.39 10.64 10.41
CA SER C 38 0.34 10.67 10.49
C SER C 38 -0.22 12.04 10.58
C SER C 38 -0.29 12.05 10.62
N ALA C 39 -0.70 12.63 9.50
CA ALA C 39 -1.28 13.99 9.56
C ALA C 39 -2.55 13.91 10.39
N ALA C 40 -3.32 12.85 10.20
CA ALA C 40 -4.54 12.64 10.99
C ALA C 40 -4.31 12.50 12.51
N GLU C 41 -3.33 11.67 12.86
CA GLU C 41 -2.97 11.50 14.22
C GLU C 41 -2.40 12.82 14.83
N ALA C 42 -1.58 13.53 14.08
CA ALA C 42 -1.04 14.79 14.58
C ALA C 42 -2.20 15.77 14.82
N LEU C 43 -3.07 15.89 13.83
CA LEU C 43 -4.20 16.80 13.92
C LEU C 43 -5.23 16.41 15.00
N ALA C 44 -5.25 15.14 15.41
CA ALA C 44 -6.06 14.71 16.54
C ALA C 44 -5.59 15.36 17.85
N HIS C 45 -4.39 15.94 17.86
CA HIS C 45 -3.89 16.75 19.01
C HIS C 45 -4.16 18.24 18.94
N ALA C 46 -4.81 18.76 17.88
CA ALA C 46 -4.90 20.22 17.69
C ALA C 46 -6.08 20.88 18.41
N GLY C 47 -6.98 20.09 19.00
CA GLY C 47 -8.06 20.60 19.84
C GLY C 47 -9.40 20.80 19.15
N TYR C 48 -9.54 20.37 17.91
CA TYR C 48 -10.84 20.51 17.23
C TYR C 48 -11.92 19.59 17.80
N ASP C 49 -13.16 20.05 17.69
CA ASP C 49 -14.33 19.25 18.02
C ASP C 49 -14.53 18.06 17.06
N TRP C 50 -14.18 18.23 15.80
CA TRP C 50 -14.44 17.23 14.76
C TRP C 50 -13.42 17.30 13.61
N LEU C 51 -13.20 16.16 12.95
CA LEU C 51 -12.26 16.06 11.86
C LEU C 51 -12.95 15.34 10.69
N CYS C 52 -12.87 15.92 9.51
CA CYS C 52 -13.62 15.27 8.40
C CYS C 52 -12.73 14.49 7.43
N ILE C 53 -12.91 13.18 7.40
CA ILE C 53 -12.26 12.36 6.38
C ILE C 53 -13.15 12.39 5.13
N ASP C 54 -12.68 13.08 4.09
CA ASP C 54 -13.45 13.27 2.86
C ASP C 54 -13.25 12.13 1.90
N MET C 55 -14.34 11.44 1.52
CA MET C 55 -14.30 10.46 0.42
C MET C 55 -14.83 11.00 -0.92
N GLU C 56 -15.44 12.18 -0.91
CA GLU C 56 -15.99 12.74 -2.17
C GLU C 56 -14.94 13.44 -3.02
N HIS C 57 -14.24 14.39 -2.41
CA HIS C 57 -13.22 15.18 -3.07
C HIS C 57 -11.80 14.96 -2.51
N ALA C 58 -11.52 13.79 -1.99
CA ALA C 58 -10.12 13.41 -1.66
C ALA C 58 -10.06 11.93 -1.89
N PRO C 59 -8.85 11.38 -2.16
CA PRO C 59 -8.86 10.01 -2.61
C PRO C 59 -8.84 9.00 -1.44
N ASN C 60 -9.86 9.02 -0.61
CA ASN C 60 -9.93 8.12 0.52
C ASN C 60 -10.94 7.01 0.25
N ASP C 61 -10.41 5.80 0.06
CA ASP C 61 -11.23 4.61 -0.08
C ASP C 61 -11.36 3.89 1.29
N SER C 62 -12.01 2.72 1.33
CA SER C 62 -12.35 2.09 2.62
C SER C 62 -11.17 1.84 3.56
N ARG C 63 -10.08 1.25 3.06
CA ARG C 63 -8.89 1.03 3.91
C ARG C 63 -8.27 2.31 4.42
N ASP C 64 -8.33 3.37 3.62
CA ASP C 64 -7.78 4.68 4.05
C ASP C 64 -8.60 5.30 5.15
N VAL C 65 -9.92 5.19 5.00
CA VAL C 65 -10.85 5.61 6.06
C VAL C 65 -10.59 4.86 7.36
N ALA C 66 -10.45 3.53 7.29
CA ALA C 66 -10.19 2.76 8.52
C ALA C 66 -8.83 3.15 9.11
N SER C 67 -7.84 3.41 8.26
CA SER C 67 -6.49 3.73 8.73
C SER C 67 -6.49 5.06 9.44
N GLN C 68 -7.18 6.03 8.84
CA GLN C 68 -7.29 7.37 9.45
C GLN C 68 -8.15 7.38 10.71
N LEU C 69 -9.21 6.59 10.77
CA LEU C 69 -9.98 6.42 12.00
C LEU C 69 -9.13 5.83 13.14
N ARG C 70 -8.32 4.83 12.80
CA ARG C 70 -7.39 4.27 13.78
C ARG C 70 -6.39 5.30 14.30
N ALA C 71 -5.91 6.09 13.39
CA ALA C 71 -4.86 7.00 13.69
C ALA C 71 -5.42 8.10 14.57
N ILE C 72 -6.64 8.55 14.33
CA ILE C 72 -7.26 9.56 15.15
C ILE C 72 -7.57 8.99 16.55
N ALA C 73 -8.12 7.78 16.58
CA ALA C 73 -8.42 7.10 17.84
C ALA C 73 -7.21 6.84 18.69
N ALA C 74 -6.06 6.59 18.05
CA ALA C 74 -4.81 6.31 18.76
C ALA C 74 -4.33 7.46 19.66
N ALA C 75 -4.71 8.69 19.32
CA ALA C 75 -4.38 9.85 20.13
C ALA C 75 -5.13 9.88 21.47
N HIS C 76 -6.25 9.16 21.59
CA HIS C 76 -7.02 9.10 22.84
C HIS C 76 -7.47 10.51 23.24
N LEU C 77 -7.86 11.37 22.30
CA LEU C 77 -8.31 12.72 22.65
C LEU C 77 -9.74 12.96 22.14
N PRO C 78 -10.32 14.14 22.37
CA PRO C 78 -11.76 14.25 22.11
C PRO C 78 -12.29 14.44 20.66
N SER C 79 -11.45 14.58 19.62
CA SER C 79 -11.99 14.94 18.31
C SER C 79 -12.89 13.83 17.71
N GLU C 80 -14.09 14.21 17.28
CA GLU C 80 -15.02 13.29 16.63
C GLU C 80 -14.82 13.21 15.11
N PRO C 81 -14.61 12.01 14.61
CA PRO C 81 -14.44 11.91 13.17
C PRO C 81 -15.76 11.97 12.40
N VAL C 82 -15.74 12.64 11.26
CA VAL C 82 -16.86 12.67 10.36
C VAL C 82 -16.38 12.09 9.03
N VAL C 83 -17.21 11.31 8.36
CA VAL C 83 -16.85 10.87 7.01
C VAL C 83 -17.82 11.37 5.97
N ARG C 84 -17.31 12.09 4.97
CA ARG C 84 -18.19 12.48 3.86
C ARG C 84 -18.12 11.37 2.84
N VAL C 85 -19.23 10.70 2.57
CA VAL C 85 -19.22 9.60 1.64
C VAL C 85 -19.22 10.18 0.20
N PRO C 86 -18.81 9.36 -0.80
CA PRO C 86 -18.77 9.91 -2.15
C PRO C 86 -20.17 10.10 -2.70
N ALA C 87 -21.10 9.25 -2.29
CA ALA C 87 -22.41 9.26 -2.89
C ALA C 87 -23.33 8.46 -2.03
N ARG C 88 -24.62 8.63 -2.29
CA ARG C 88 -25.65 8.00 -1.53
C ARG C 88 -25.99 6.63 -2.13
N GLU C 89 -25.03 5.72 -2.02
CA GLU C 89 -25.13 4.36 -2.58
C GLU C 89 -25.12 3.39 -1.42
N PRO C 90 -26.05 2.42 -1.39
CA PRO C 90 -25.99 1.54 -0.24
C PRO C 90 -24.57 1.02 0.08
N TRP C 91 -23.81 0.50 -0.92
CA TRP C 91 -22.52 -0.17 -0.58
C TRP C 91 -21.44 0.74 0.05
N LEU C 92 -21.38 1.98 -0.44
CA LEU C 92 -20.50 3.01 0.12
C LEU C 92 -20.81 3.38 1.55
N VAL C 93 -22.09 3.52 1.87
CA VAL C 93 -22.52 3.78 3.25
C VAL C 93 -22.18 2.63 4.18
N LYS C 94 -22.43 1.40 3.74
CA LYS C 94 -22.07 0.21 4.49
C LYS C 94 -20.57 0.25 4.80
N ARG C 95 -19.73 0.50 3.79
CA ARG C 95 -18.27 0.56 3.99
C ARG C 95 -17.86 1.57 5.08
N ALA C 96 -18.49 2.74 5.12
CA ALA C 96 -18.08 3.82 6.03
C ALA C 96 -18.54 3.51 7.47
N LEU C 97 -19.77 3.06 7.62
CA LEU C 97 -20.30 2.63 8.92
C LEU C 97 -19.60 1.42 9.49
N ASP C 98 -19.39 0.41 8.66
CA ASP C 98 -18.69 -0.80 9.09
C ASP C 98 -17.26 -0.51 9.58
N ALA C 99 -16.61 0.44 8.92
CA ALA C 99 -15.30 0.94 9.34
C ALA C 99 -15.27 1.64 10.70
N GLY C 100 -16.43 2.07 11.16
CA GLY C 100 -16.55 2.66 12.50
C GLY C 100 -16.79 4.12 12.48
N ALA C 101 -17.10 4.72 11.31
CA ALA C 101 -17.49 6.12 11.27
C ALA C 101 -18.89 6.25 11.85
N ARG C 102 -19.12 7.17 12.79
CA ARG C 102 -20.43 7.29 13.45
C ARG C 102 -21.19 8.54 13.08
N THR C 103 -20.50 9.44 12.37
CA THR C 103 -21.13 10.58 11.76
C THR C 103 -20.78 10.64 10.25
N LEU C 104 -21.83 10.63 9.42
CA LEU C 104 -21.69 10.68 7.97
C LEU C 104 -22.22 11.98 7.37
N MET C 105 -21.48 12.55 6.42
CA MET C 105 -21.97 13.67 5.63
C MET C 105 -22.30 13.18 4.21
N PHE C 106 -23.50 13.49 3.76
CA PHE C 106 -23.92 13.14 2.40
C PHE C 106 -23.90 14.39 1.52
N PRO C 107 -23.24 14.29 0.38
CA PRO C 107 -23.22 15.37 -0.60
C PRO C 107 -24.57 15.43 -1.37
N CYS C 108 -24.88 16.55 -1.99
CA CYS C 108 -25.95 16.60 -3.00
C CYS C 108 -27.34 16.17 -2.51
N ILE C 109 -27.76 16.62 -1.33
CA ILE C 109 -29.09 16.32 -0.85
C ILE C 109 -30.03 17.45 -1.34
N GLU C 110 -30.98 17.07 -2.18
CA GLU C 110 -31.83 18.03 -2.90
C GLU C 110 -33.30 18.00 -2.51
N THR C 111 -33.78 16.85 -2.07
CA THR C 111 -35.17 16.66 -1.72
C THR C 111 -35.34 16.04 -0.31
N PRO C 112 -36.51 16.24 0.34
CA PRO C 112 -36.76 15.52 1.59
C PRO C 112 -36.72 14.00 1.41
N ASP C 113 -37.07 13.52 0.21
CA ASP C 113 -36.95 12.06 -0.08
C ASP C 113 -35.49 11.59 -0.11
N ASP C 114 -34.62 12.37 -0.72
CA ASP C 114 -33.17 12.16 -0.65
C ASP C 114 -32.65 12.05 0.80
N ALA C 115 -33.04 12.98 1.65
CA ALA C 115 -32.57 13.05 3.03
C ALA C 115 -33.05 11.83 3.83
N ALA C 116 -34.33 11.50 3.70
CA ALA C 116 -34.88 10.32 4.39
C ALA C 116 -34.18 9.05 3.95
N HIS C 117 -33.91 8.93 2.65
CA HIS C 117 -33.21 7.75 2.15
C HIS C 117 -31.84 7.65 2.80
N ALA C 118 -31.10 8.76 2.79
CA ALA C 118 -29.79 8.77 3.42
C ALA C 118 -29.86 8.30 4.90
N VAL C 119 -30.83 8.83 5.64
CA VAL C 119 -31.01 8.44 7.02
C VAL C 119 -31.27 6.93 7.11
N ARG C 120 -32.14 6.41 6.25
CA ARG C 120 -32.50 4.99 6.23
C ARG C 120 -31.26 4.15 6.00
N LEU C 121 -30.40 4.61 5.11
CA LEU C 121 -29.22 3.86 4.75
C LEU C 121 -28.30 3.67 5.95
N THR C 122 -28.40 4.56 6.95
CA THR C 122 -27.56 4.48 8.14
C THR C 122 -28.14 3.72 9.31
N ARG C 123 -29.37 3.21 9.19
CA ARG C 123 -30.05 2.62 10.34
C ARG C 123 -30.34 1.14 10.08
N PHE C 124 -30.00 0.31 11.07
CA PHE C 124 -30.49 -1.09 11.10
C PHE C 124 -32.02 -1.04 11.33
N PRO C 125 -32.76 -1.96 10.71
CA PRO C 125 -34.21 -1.96 10.94
C PRO C 125 -34.53 -2.43 12.36
N SER C 126 -34.93 -1.50 13.20
CA SER C 126 -35.28 -1.77 14.58
C SER C 126 -36.74 -1.33 14.78
N PRO C 127 -37.32 -1.64 15.94
CA PRO C 127 -38.55 -0.95 16.34
C PRO C 127 -38.42 0.58 16.24
N GLU C 128 -37.35 1.14 16.79
CA GLU C 128 -37.09 2.60 16.70
C GLU C 128 -37.10 3.12 15.27
N SER C 129 -36.44 2.42 14.34
CA SER C 129 -36.41 2.79 12.90
C SER C 129 -36.84 1.62 12.02
N PRO C 130 -38.15 1.28 12.01
CA PRO C 130 -38.58 0.09 11.28
C PRO C 130 -38.25 0.08 9.80
N ASP C 131 -38.01 1.23 9.19
CA ASP C 131 -37.69 1.30 7.77
C ASP C 131 -36.16 1.34 7.48
N GLY C 132 -35.32 0.99 8.43
CA GLY C 132 -33.87 1.10 8.23
C GLY C 132 -33.40 0.18 7.10
N LEU C 133 -32.40 0.60 6.34
CA LEU C 133 -31.88 -0.17 5.20
C LEU C 133 -30.43 -0.62 5.36
N ARG C 134 -29.85 -0.43 6.54
CA ARG C 134 -28.46 -0.80 6.76
C ARG C 134 -28.36 -2.31 6.82
N GLY C 135 -27.49 -2.84 5.98
CA GLY C 135 -27.27 -4.27 5.89
C GLY C 135 -26.47 -4.69 7.11
N VAL C 136 -26.82 -5.86 7.64
CA VAL C 136 -26.32 -6.37 8.90
C VAL C 136 -24.98 -7.09 8.72
N ALA C 137 -24.00 -6.74 9.54
CA ALA C 137 -22.85 -7.62 9.72
C ALA C 137 -22.25 -7.46 11.14
N GLY C 138 -22.17 -8.56 11.85
CA GLY C 138 -21.80 -8.52 13.25
C GLY C 138 -20.31 -8.58 13.58
N MET C 139 -19.45 -8.80 12.58
CA MET C 139 -18.00 -8.97 12.85
C MET C 139 -17.11 -7.84 12.34
N VAL C 140 -17.73 -6.73 11.98
CA VAL C 140 -17.06 -5.57 11.37
C VAL C 140 -16.35 -4.74 12.43
N ARG C 141 -15.45 -3.87 11.98
CA ARG C 141 -14.67 -3.04 12.93
C ARG C 141 -15.62 -2.28 13.87
N ALA C 142 -16.71 -1.74 13.34
CA ALA C 142 -17.66 -0.96 14.16
C ALA C 142 -18.21 -1.76 15.31
N ALA C 143 -18.19 -3.09 15.16
CA ALA C 143 -18.70 -4.06 16.18
C ALA C 143 -17.60 -4.65 17.03
N ALA C 144 -16.45 -4.00 17.04
CA ALA C 144 -15.26 -4.50 17.73
C ALA C 144 -15.00 -5.93 17.29
N PHE C 145 -15.11 -6.13 15.97
CA PHE C 145 -14.90 -7.42 15.32
C PHE C 145 -15.73 -8.58 15.90
N GLY C 146 -16.88 -8.25 16.51
CA GLY C 146 -17.78 -9.26 17.06
C GLY C 146 -17.78 -9.31 18.56
N MET C 147 -16.83 -8.64 19.21
CA MET C 147 -16.81 -8.54 20.67
C MET C 147 -18.01 -7.75 21.23
N ARG C 148 -18.53 -6.82 20.47
CA ARG C 148 -19.72 -6.07 20.86
C ARG C 148 -20.94 -6.88 20.44
N ARG C 149 -21.39 -7.75 21.33
CA ARG C 149 -22.44 -8.75 20.99
C ARG C 149 -23.82 -8.13 20.84
N ASP C 150 -24.00 -6.92 21.35
CA ASP C 150 -25.24 -6.20 21.14
C ASP C 150 -25.06 -5.03 20.15
N TYR C 151 -24.07 -5.13 19.28
CA TYR C 151 -23.81 -4.04 18.32
C TYR C 151 -25.05 -3.73 17.50
N LEU C 152 -25.69 -4.75 16.92
CA LEU C 152 -26.82 -4.51 15.99
C LEU C 152 -27.95 -3.81 16.72
N GLN C 153 -28.24 -4.29 17.93
CA GLN C 153 -29.36 -3.78 18.68
C GLN C 153 -29.10 -2.36 19.18
N THR C 154 -27.84 -1.93 19.32
CA THR C 154 -27.56 -0.58 19.89
C THR C 154 -26.88 0.46 18.99
N ALA C 155 -26.51 0.08 17.77
CA ALA C 155 -25.68 0.98 16.92
C ALA C 155 -26.38 2.26 16.47
N ASN C 156 -27.65 2.15 16.09
CA ASN C 156 -28.42 3.30 15.58
C ASN C 156 -28.32 4.53 16.47
N ALA C 157 -28.42 4.36 17.78
CA ALA C 157 -28.51 5.52 18.69
C ALA C 157 -27.28 6.43 18.63
N GLN C 158 -26.15 5.90 18.17
CA GLN C 158 -24.96 6.72 18.08
C GLN C 158 -24.61 7.20 16.65
N VAL C 159 -25.48 6.94 15.68
CA VAL C 159 -25.15 7.29 14.30
C VAL C 159 -25.79 8.63 13.94
N ALA C 160 -24.97 9.57 13.47
CA ALA C 160 -25.47 10.90 13.12
C ALA C 160 -25.36 11.13 11.61
N VAL C 161 -26.30 11.92 11.09
CA VAL C 161 -26.42 12.25 9.66
C VAL C 161 -26.40 13.75 9.42
N ILE C 162 -25.46 14.16 8.58
CA ILE C 162 -25.27 15.51 8.13
C ILE C 162 -25.59 15.55 6.63
N VAL C 163 -26.52 16.40 6.20
CA VAL C 163 -26.85 16.48 4.77
C VAL C 163 -26.33 17.84 4.19
N GLN C 164 -25.70 17.75 3.03
CA GLN C 164 -25.14 18.91 2.37
C GLN C 164 -26.16 19.50 1.39
N VAL C 165 -26.42 20.80 1.55
CA VAL C 165 -27.36 21.55 0.71
C VAL C 165 -26.50 22.38 -0.23
N GLU C 166 -26.54 22.08 -1.50
CA GLU C 166 -25.60 22.70 -2.46
C GLU C 166 -26.20 22.95 -3.81
N SER C 167 -27.54 22.97 -3.91
CA SER C 167 -28.22 23.28 -5.17
C SER C 167 -29.46 24.14 -4.94
N ALA C 168 -29.94 24.80 -6.01
CA ALA C 168 -31.18 25.60 -5.92
C ALA C 168 -32.35 24.76 -5.50
N ARG C 169 -32.41 23.55 -6.04
CA ARG C 169 -33.44 22.64 -5.61
C ARG C 169 -33.37 22.34 -4.10
N GLY C 170 -32.19 21.97 -3.61
CA GLY C 170 -32.02 21.75 -2.15
C GLY C 170 -32.44 22.93 -1.28
N VAL C 171 -32.01 24.13 -1.64
CA VAL C 171 -32.38 25.39 -0.92
C VAL C 171 -33.89 25.62 -0.93
N ASP C 172 -34.48 25.34 -2.07
CA ASP C 172 -35.93 25.47 -2.26
C ASP C 172 -36.69 24.50 -1.35
N GLU C 173 -36.09 23.33 -1.13
CA GLU C 173 -36.71 22.27 -0.35
C GLU C 173 -36.16 22.22 1.08
N VAL C 174 -35.40 23.24 1.51
CA VAL C 174 -34.61 23.11 2.72
C VAL C 174 -35.46 22.97 3.99
N GLU C 175 -36.65 23.58 4.03
CA GLU C 175 -37.53 23.48 5.19
C GLU C 175 -38.00 22.02 5.40
N ARG C 176 -38.43 21.38 4.33
CA ARG C 176 -38.82 19.97 4.37
C ARG C 176 -37.61 19.01 4.67
N ILE C 177 -36.46 19.31 4.10
CA ILE C 177 -35.25 18.53 4.38
C ILE C 177 -34.97 18.58 5.87
N ALA C 178 -35.01 19.78 6.42
CA ALA C 178 -34.70 20.02 7.82
C ALA C 178 -35.67 19.34 8.79
N ALA C 179 -36.92 19.25 8.38
CA ALA C 179 -37.94 18.55 9.15
C ALA C 179 -37.81 17.02 9.09
N THR C 180 -36.90 16.49 8.26
CA THR C 180 -36.81 15.04 8.07
C THR C 180 -36.24 14.41 9.34
N PRO C 181 -36.98 13.45 9.95
CA PRO C 181 -36.45 12.81 11.15
C PRO C 181 -35.12 12.17 10.88
N GLY C 182 -34.17 12.40 11.78
CA GLY C 182 -32.83 11.85 11.64
C GLY C 182 -31.80 12.75 10.97
N VAL C 183 -32.22 13.91 10.51
CA VAL C 183 -31.26 14.85 9.96
C VAL C 183 -30.75 15.63 11.14
N ASP C 184 -29.45 15.48 11.44
CA ASP C 184 -28.85 16.13 12.61
C ASP C 184 -28.19 17.47 12.26
N CYS C 185 -27.95 17.74 10.99
CA CYS C 185 -27.27 18.98 10.61
C CYS C 185 -27.47 19.24 9.12
N LEU C 186 -27.79 20.48 8.78
CA LEU C 186 -27.72 20.98 7.40
C LEU C 186 -26.36 21.64 7.19
N PHE C 187 -25.59 21.17 6.20
CA PHE C 187 -24.24 21.69 5.90
C PHE C 187 -24.18 22.47 4.56
N VAL C 188 -23.70 23.72 4.64
CA VAL C 188 -23.51 24.56 3.46
C VAL C 188 -22.03 24.53 2.98
N GLY C 189 -21.85 24.09 1.74
CA GLY C 189 -20.58 24.26 0.99
C GLY C 189 -20.73 25.47 0.04
N PRO C 190 -20.17 26.62 0.41
CA PRO C 190 -20.53 27.81 -0.37
C PRO C 190 -20.08 27.79 -1.82
N ALA C 191 -18.92 27.18 -2.08
CA ALA C 191 -18.37 27.06 -3.39
C ALA C 191 -19.27 26.25 -4.32
N ASP C 192 -19.73 25.06 -3.91
CA ASP C 192 -20.66 24.29 -4.75
C ASP C 192 -22.00 24.99 -4.90
N LEU C 193 -22.52 25.53 -3.80
CA LEU C 193 -23.78 26.28 -3.87
C LEU C 193 -23.66 27.43 -4.88
N ALA C 194 -22.63 28.28 -4.75
CA ALA C 194 -22.41 29.35 -5.71
C ALA C 194 -22.41 28.90 -7.18
N ALA C 195 -21.68 27.81 -7.45
CA ALA C 195 -21.54 27.30 -8.80
C ALA C 195 -22.91 26.93 -9.34
N SER C 196 -23.65 26.18 -8.53
CA SER C 196 -24.96 25.66 -8.90
C SER C 196 -26.00 26.74 -9.16
N LEU C 197 -25.87 27.91 -8.52
CA LEU C 197 -26.81 28.99 -8.67
C LEU C 197 -26.40 29.93 -9.79
N GLY C 198 -25.42 29.50 -10.60
CA GLY C 198 -24.90 30.35 -11.70
C GLY C 198 -23.81 31.35 -11.37
N HIS C 199 -23.17 31.20 -10.19
CA HIS C 199 -22.19 32.18 -9.71
C HIS C 199 -20.87 31.54 -9.35
N LEU C 200 -20.37 30.69 -10.25
CA LEU C 200 -19.09 29.98 -10.09
C LEU C 200 -18.03 30.95 -9.65
N GLY C 201 -17.34 30.60 -8.57
CA GLY C 201 -16.25 31.39 -8.07
C GLY C 201 -16.66 32.67 -7.37
N ASP C 202 -17.95 32.89 -7.13
CA ASP C 202 -18.45 34.19 -6.62
C ASP C 202 -19.34 33.96 -5.40
N ILE C 203 -18.75 33.53 -4.28
CA ILE C 203 -19.59 33.05 -3.15
C ILE C 203 -20.32 34.23 -2.44
N ARG C 204 -19.90 35.45 -2.70
CA ARG C 204 -20.48 36.63 -2.05
C ARG C 204 -21.57 37.28 -2.92
N HIS C 205 -21.95 36.69 -4.06
CA HIS C 205 -23.05 37.25 -4.84
C HIS C 205 -24.36 37.22 -4.04
N PRO C 206 -25.21 38.27 -4.14
CA PRO C 206 -26.42 38.33 -3.33
C PRO C 206 -27.34 37.12 -3.42
N ASP C 207 -27.39 36.48 -4.58
CA ASP C 207 -28.18 35.26 -4.77
C ASP C 207 -27.66 34.18 -3.82
N VAL C 208 -26.33 34.07 -3.70
CA VAL C 208 -25.70 33.04 -2.89
C VAL C 208 -25.89 33.36 -1.38
N GLU C 209 -25.67 34.60 -0.98
CA GLU C 209 -25.89 35.00 0.42
C GLU C 209 -27.35 34.84 0.82
N THR C 210 -28.28 35.07 -0.12
CA THR C 210 -29.72 34.92 0.16
C THR C 210 -30.07 33.43 0.37
N ALA C 211 -29.50 32.56 -0.47
CA ALA C 211 -29.71 31.14 -0.30
C ALA C 211 -29.16 30.61 1.03
N MET C 212 -27.94 31.00 1.36
CA MET C 212 -27.31 30.65 2.62
C MET C 212 -28.18 31.07 3.82
N ALA C 213 -28.65 32.32 3.79
CA ALA C 213 -29.49 32.84 4.87
C ALA C 213 -30.72 32.00 5.04
N ARG C 214 -31.30 31.54 3.94
CA ARG C 214 -32.44 30.68 4.00
C ARG C 214 -32.18 29.30 4.60
N VAL C 215 -31.07 28.68 4.21
CA VAL C 215 -30.66 27.44 4.84
C VAL C 215 -30.50 27.67 6.35
N LEU C 216 -29.80 28.74 6.72
CA LEU C 216 -29.57 29.03 8.16
C LEU C 216 -30.88 29.26 8.93
N ALA C 217 -31.79 30.02 8.34
CA ALA C 217 -33.12 30.24 8.94
C ALA C 217 -33.95 28.96 9.09
N ALA C 218 -33.94 28.11 8.06
CA ALA C 218 -34.62 26.83 8.08
C ALA C 218 -34.15 25.94 9.21
N GLY C 219 -32.83 25.88 9.43
CA GLY C 219 -32.28 25.07 10.54
C GLY C 219 -32.74 25.57 11.91
N LYS C 220 -32.64 26.89 12.12
CA LYS C 220 -33.01 27.54 13.40
C LYS C 220 -34.47 27.31 13.68
N GLN C 221 -35.30 27.56 12.68
CA GLN C 221 -36.72 27.30 12.82
C GLN C 221 -36.97 25.84 13.23
N ALA C 222 -36.29 24.91 12.57
CA ALA C 222 -36.51 23.46 12.81
C ALA C 222 -35.84 22.91 14.06
N GLY C 223 -35.02 23.70 14.74
CA GLY C 223 -34.12 23.21 15.79
C GLY C 223 -33.02 22.27 15.32
N VAL C 224 -32.54 22.47 14.09
CA VAL C 224 -31.47 21.64 13.47
C VAL C 224 -30.22 22.48 13.31
N ALA C 225 -29.11 21.98 13.82
CA ALA C 225 -27.82 22.62 13.63
C ALA C 225 -27.51 22.87 12.16
N VAL C 226 -26.79 23.95 11.91
CA VAL C 226 -26.35 24.29 10.55
C VAL C 226 -24.85 24.44 10.56
N GLY C 227 -24.24 23.87 9.52
CA GLY C 227 -22.82 23.78 9.36
C GLY C 227 -22.40 24.48 8.07
N ILE C 228 -21.12 24.76 8.00
CA ILE C 228 -20.59 25.47 6.86
C ILE C 228 -19.11 25.26 6.72
N PHE C 229 -18.61 25.32 5.49
CA PHE C 229 -17.16 25.26 5.25
C PHE C 229 -16.62 26.68 5.11
N ALA C 230 -15.66 27.05 5.98
CA ALA C 230 -14.98 28.36 5.95
C ALA C 230 -13.58 28.20 5.37
N GLY C 231 -13.18 29.12 4.50
CA GLY C 231 -11.86 29.10 3.89
C GLY C 231 -10.75 29.76 4.69
N ASP C 232 -11.12 30.52 5.72
CA ASP C 232 -10.17 31.26 6.56
C ASP C 232 -10.83 31.62 7.91
N THR C 233 -10.04 32.12 8.87
CA THR C 233 -10.54 32.36 10.23
C THR C 233 -11.53 33.52 10.27
N ALA C 234 -11.35 34.52 9.41
CA ALA C 234 -12.24 35.69 9.45
C ALA C 234 -13.63 35.31 8.95
N ALA C 235 -13.70 34.44 7.94
CA ALA C 235 -14.97 33.93 7.47
C ALA C 235 -15.64 33.06 8.54
N ALA C 236 -14.84 32.22 9.20
CA ALA C 236 -15.33 31.31 10.25
C ALA C 236 -15.91 32.15 11.40
N ARG C 237 -15.20 33.23 11.76
CA ARG C 237 -15.71 34.15 12.77
C ARG C 237 -17.05 34.79 12.37
N GLN C 238 -17.16 35.28 11.13
CA GLN C 238 -18.45 35.83 10.63
C GLN C 238 -19.57 34.78 10.69
N TYR C 239 -19.25 33.55 10.29
CA TYR C 239 -20.27 32.51 10.30
C TYR C 239 -20.75 32.18 11.74
N ARG C 240 -19.83 32.12 12.68
CA ARG C 240 -20.19 31.91 14.08
C ARG C 240 -21.10 33.02 14.54
N GLU C 241 -20.77 34.27 14.18
CA GLU C 241 -21.59 35.43 14.53
C GLU C 241 -22.98 35.37 13.90
N ALA C 242 -23.06 34.92 12.65
CA ALA C 242 -24.35 34.75 12.02
C ALA C 242 -25.21 33.62 12.63
N GLY C 243 -24.65 32.71 13.42
CA GLY C 243 -25.40 31.62 14.03
C GLY C 243 -25.15 30.21 13.51
N TYR C 244 -24.21 30.05 12.59
CA TYR C 244 -23.73 28.67 12.24
C TYR C 244 -23.10 27.95 13.44
N ARG C 245 -23.30 26.65 13.54
CA ARG C 245 -22.70 25.89 14.61
C ARG C 245 -21.60 24.96 14.17
N LEU C 246 -21.83 24.13 13.16
CA LEU C 246 -20.81 23.17 12.77
C LEU C 246 -19.86 23.79 11.71
N ILE C 247 -18.80 24.41 12.20
CA ILE C 247 -18.00 25.32 11.39
C ILE C 247 -16.65 24.69 11.06
N THR C 248 -16.40 24.45 9.79
CA THR C 248 -15.10 23.92 9.33
C THR C 248 -14.12 25.08 9.15
N VAL C 249 -13.00 24.98 9.83
CA VAL C 249 -11.95 25.96 9.71
C VAL C 249 -10.93 25.48 8.68
N SER C 250 -11.38 25.49 7.43
CA SER C 250 -10.61 25.22 6.25
C SER C 250 -10.04 23.80 6.29
N ALA C 251 -8.96 23.55 5.52
CA ALA C 251 -8.42 22.21 5.32
C ALA C 251 -6.94 22.05 5.68
N ASP C 252 -6.58 20.83 6.04
CA ASP C 252 -5.21 20.51 6.34
C ASP C 252 -4.22 21.07 5.31
N VAL C 253 -4.47 20.81 4.05
CA VAL C 253 -3.50 21.18 3.03
C VAL C 253 -3.41 22.69 2.88
N SER C 254 -4.52 23.40 3.01
CA SER C 254 -4.52 24.86 2.98
C SER C 254 -3.72 25.51 4.12
N TRP C 255 -3.85 25.01 5.35
CA TRP C 255 -3.03 25.47 6.45
C TRP C 255 -1.54 25.14 6.27
N LEU C 256 -1.23 23.94 5.77
CA LEU C 256 0.14 23.53 5.50
C LEU C 256 0.83 24.53 4.52
N LEU C 257 0.11 24.87 3.46
CA LEU C 257 0.64 25.79 2.46
C LEU C 257 0.72 27.21 3.01
N ARG C 258 -0.34 27.71 3.62
CA ARG C 258 -0.30 29.07 4.18
C ARG C 258 0.84 29.23 5.20
N ALA C 259 0.97 28.26 6.10
CA ALA C 259 1.93 28.33 7.22
C ALA C 259 3.39 28.28 6.73
N THR C 260 3.66 27.34 5.81
CA THR C 260 5.01 27.18 5.27
C THR C 260 5.40 28.35 4.38
N ARG C 261 4.44 28.85 3.62
CA ARG C 261 4.71 30.01 2.79
C ARG C 261 4.91 31.29 3.62
N GLN C 262 4.12 31.48 4.66
CA GLN C 262 4.31 32.59 5.60
C GLN C 262 5.69 32.52 6.27
N ALA C 263 6.10 31.33 6.73
CA ALA C 263 7.42 31.13 7.37
C ALA C 263 8.58 31.57 6.45
N LEU C 264 8.47 31.20 5.19
CA LEU C 264 9.44 31.59 4.22
C LEU C 264 9.50 33.10 4.03
N GLN C 265 8.35 33.75 3.89
CA GLN C 265 8.28 35.19 3.78
C GLN C 265 9.00 35.88 4.94
N GLU C 266 8.72 35.40 6.15
CA GLU C 266 9.26 36.01 7.35
C GLU C 266 10.77 35.85 7.51
N VAL C 267 11.31 34.72 7.02
CA VAL C 267 12.75 34.46 7.09
C VAL C 267 13.49 35.27 6.02
N ARG C 268 12.93 35.39 4.81
CA ARG C 268 13.57 36.15 3.73
C ARG C 268 13.47 37.66 3.87
N SER C 269 12.52 38.19 4.66
CA SER C 269 12.28 39.62 4.66
C SER C 269 13.47 40.39 5.24
N LEU D 12 18.60 18.75 -17.15
CA LEU D 12 18.07 19.20 -15.81
C LEU D 12 19.16 18.92 -14.76
N THR D 13 20.10 19.87 -14.67
CA THR D 13 21.24 19.98 -13.75
C THR D 13 20.85 20.03 -12.25
N ASN D 14 21.75 19.61 -11.33
CA ASN D 14 21.48 19.71 -9.87
C ASN D 14 21.81 21.14 -9.40
N SER D 15 20.80 21.98 -9.31
CA SER D 15 21.01 23.39 -9.04
C SER D 15 21.35 23.63 -7.57
N LEU D 16 20.99 22.69 -6.68
CA LEU D 16 21.40 22.83 -5.30
C LEU D 16 22.94 22.67 -5.17
N LYS D 17 23.52 21.69 -5.89
CA LYS D 17 24.97 21.47 -5.82
C LYS D 17 25.70 22.68 -6.37
N GLN D 18 25.23 23.14 -7.52
CA GLN D 18 25.77 24.33 -8.18
C GLN D 18 25.78 25.54 -7.24
N ARG D 19 24.62 25.88 -6.68
CA ARG D 19 24.53 27.05 -5.79
C ARG D 19 25.27 26.87 -4.46
N LEU D 20 25.39 25.63 -3.98
CA LEU D 20 26.20 25.32 -2.78
C LEU D 20 27.72 25.56 -2.98
N ARG D 21 28.19 25.40 -4.22
CA ARG D 21 29.60 25.40 -4.56
C ARG D 21 30.09 26.83 -4.63
N ASP D 22 29.15 27.75 -4.74
CA ASP D 22 29.37 29.12 -5.05
C ASP D 22 28.59 30.15 -4.18
N GLY D 23 29.20 31.28 -3.88
CA GLY D 23 28.44 32.44 -3.42
C GLY D 23 27.88 32.40 -1.98
N ASP D 24 27.09 33.41 -1.65
CA ASP D 24 26.70 33.66 -0.27
C ASP D 24 25.22 33.49 -0.01
N GLU D 25 24.43 33.20 -1.04
CA GLU D 25 22.98 33.29 -0.93
C GLU D 25 22.45 32.17 -0.02
N PRO D 26 21.47 32.47 0.83
CA PRO D 26 20.85 31.44 1.65
C PRO D 26 19.96 30.50 0.82
N LEU D 27 19.88 29.26 1.25
CA LEU D 27 19.14 28.26 0.53
C LEU D 27 18.16 27.66 1.52
N TYR D 28 16.91 28.05 1.42
CA TYR D 28 15.89 27.66 2.42
C TYR D 28 15.18 26.36 2.11
N GLY D 29 15.00 25.56 3.15
CA GLY D 29 14.43 24.22 3.04
C GLY D 29 13.34 23.93 4.05
N LEU D 30 12.62 22.85 3.77
CA LEU D 30 11.60 22.30 4.63
C LEU D 30 11.86 20.79 4.85
N TRP D 31 11.75 20.34 6.09
CA TRP D 31 11.83 18.91 6.36
C TRP D 31 10.46 18.24 6.09
N LEU D 32 10.48 17.13 5.37
CA LEU D 32 9.30 16.34 5.11
C LEU D 32 9.33 15.06 5.96
N SER D 33 8.59 15.10 7.07
N SER D 33 8.61 15.09 7.08
CA SER D 33 8.40 13.95 7.96
CA SER D 33 8.44 13.91 7.95
C SER D 33 7.11 13.15 7.80
C SER D 33 7.09 13.19 7.87
N LEU D 34 6.10 13.74 7.19
CA LEU D 34 4.75 13.14 7.14
C LEU D 34 4.66 11.89 6.26
N GLY D 35 5.56 11.76 5.31
CA GLY D 35 5.62 10.57 4.48
C GLY D 35 4.51 10.48 3.44
N SER D 36 4.00 11.65 3.06
CA SER D 36 2.83 11.82 2.24
C SER D 36 3.20 12.31 0.82
N ASP D 37 2.77 11.57 -0.20
CA ASP D 37 2.95 12.02 -1.59
C ASP D 37 2.25 13.36 -1.85
N SER D 38 1.00 13.45 -1.38
N SER D 38 1.01 13.48 -1.39
CA SER D 38 0.20 14.66 -1.52
CA SER D 38 0.27 14.74 -1.60
C SER D 38 0.83 15.89 -0.88
C SER D 38 0.87 15.93 -0.88
N ALA D 39 1.30 15.74 0.35
CA ALA D 39 1.97 16.82 1.06
C ALA D 39 3.20 17.27 0.33
N ALA D 40 3.93 16.30 -0.22
CA ALA D 40 5.18 16.57 -0.89
C ALA D 40 4.94 17.40 -2.20
N GLU D 41 3.97 16.97 -2.99
CA GLU D 41 3.62 17.70 -4.17
C GLU D 41 3.10 19.12 -3.85
N ALA D 42 2.24 19.22 -2.82
CA ALA D 42 1.72 20.52 -2.39
C ALA D 42 2.89 21.43 -2.00
N LEU D 43 3.76 20.93 -1.12
CA LEU D 43 4.92 21.70 -0.66
C LEU D 43 5.88 22.01 -1.78
N ALA D 44 5.83 21.25 -2.88
CA ALA D 44 6.64 21.63 -4.04
C ALA D 44 6.26 22.97 -4.66
N HIS D 45 5.05 23.46 -4.35
CA HIS D 45 4.57 24.75 -4.76
C HIS D 45 4.87 25.88 -3.80
N ALA D 46 5.53 25.60 -2.69
CA ALA D 46 5.63 26.59 -1.63
C ALA D 46 6.83 27.56 -1.76
N GLY D 47 7.69 27.38 -2.78
CA GLY D 47 8.77 28.33 -3.07
C GLY D 47 10.08 28.05 -2.34
N TYR D 48 10.24 26.88 -1.72
CA TYR D 48 11.47 26.58 -1.03
C TYR D 48 12.54 26.17 -2.02
N ASP D 49 13.81 26.40 -1.66
CA ASP D 49 14.93 25.97 -2.47
C ASP D 49 15.10 24.47 -2.44
N TRP D 50 14.80 23.83 -1.30
CA TRP D 50 14.99 22.39 -1.18
C TRP D 50 14.02 21.83 -0.20
N LEU D 51 13.83 20.52 -0.29
CA LEU D 51 12.86 19.76 0.51
C LEU D 51 13.55 18.46 0.88
N CYS D 52 13.50 18.09 2.16
CA CYS D 52 14.24 16.92 2.62
C CYS D 52 13.34 15.73 2.96
N ILE D 53 13.46 14.65 2.18
CA ILE D 53 12.80 13.39 2.52
C ILE D 53 13.70 12.63 3.53
N ASP D 54 13.26 12.60 4.80
CA ASP D 54 14.03 12.02 5.88
C ASP D 54 13.77 10.51 5.94
N MET D 55 14.81 9.70 5.92
CA MET D 55 14.70 8.25 6.15
C MET D 55 15.17 7.89 7.56
N GLU D 56 15.84 8.82 8.25
CA GLU D 56 16.48 8.51 9.53
C GLU D 56 15.46 8.62 10.65
N HIS D 57 14.81 9.77 10.76
CA HIS D 57 13.80 9.96 11.82
C HIS D 57 12.37 10.16 11.27
N ALA D 58 12.08 9.54 10.13
CA ALA D 58 10.70 9.39 9.67
C ALA D 58 10.62 8.08 8.90
N PRO D 59 9.42 7.46 8.83
CA PRO D 59 9.39 6.09 8.33
C PRO D 59 9.30 6.03 6.81
N ASN D 60 10.32 6.51 6.15
CA ASN D 60 10.40 6.54 4.68
C ASN D 60 11.37 5.51 4.16
N ASP D 61 10.83 4.47 3.55
CA ASP D 61 11.64 3.41 2.97
C ASP D 61 11.74 3.61 1.47
N SER D 62 12.37 2.68 0.75
CA SER D 62 12.68 2.92 -0.66
C SER D 62 11.51 3.31 -1.51
N ARG D 63 10.41 2.58 -1.44
CA ARG D 63 9.29 2.93 -2.30
C ARG D 63 8.66 4.28 -1.94
N ASP D 64 8.77 4.68 -0.68
CA ASP D 64 8.26 5.99 -0.23
C ASP D 64 9.15 7.14 -0.79
N VAL D 65 10.46 6.94 -0.82
CA VAL D 65 11.37 7.88 -1.32
C VAL D 65 11.10 8.08 -2.81
N ALA D 66 10.98 6.98 -3.57
CA ALA D 66 10.66 7.07 -4.98
C ALA D 66 9.32 7.77 -5.22
N SER D 67 8.30 7.43 -4.43
N SER D 67 8.29 7.42 -4.43
CA SER D 67 6.98 8.03 -4.59
CA SER D 67 6.96 8.03 -4.59
C SER D 67 6.98 9.52 -4.26
C SER D 67 6.96 9.52 -4.25
N GLN D 68 7.73 9.93 -3.24
CA GLN D 68 7.81 11.36 -2.90
C GLN D 68 8.63 12.17 -3.90
N LEU D 69 9.72 11.58 -4.42
CA LEU D 69 10.51 12.14 -5.51
C LEU D 69 9.64 12.35 -6.77
N ARG D 70 8.83 11.35 -7.13
CA ARG D 70 7.88 11.47 -8.24
C ARG D 70 6.89 12.61 -8.01
N ALA D 71 6.35 12.68 -6.79
CA ALA D 71 5.38 13.67 -6.44
C ALA D 71 5.92 15.12 -6.54
N ILE D 72 7.13 15.34 -6.04
CA ILE D 72 7.79 16.63 -6.15
C ILE D 72 8.04 16.95 -7.63
N ALA D 73 8.60 15.99 -8.38
CA ALA D 73 8.91 16.15 -9.81
C ALA D 73 7.69 16.53 -10.61
N ALA D 74 6.54 15.97 -10.21
CA ALA D 74 5.32 16.18 -10.94
C ALA D 74 4.91 17.65 -10.91
N ALA D 75 5.28 18.37 -9.87
CA ALA D 75 4.97 19.80 -9.81
C ALA D 75 5.75 20.66 -10.84
N HIS D 76 6.81 20.12 -11.44
N HIS D 76 6.85 20.10 -11.36
CA HIS D 76 7.57 20.84 -12.47
CA HIS D 76 7.71 20.73 -12.38
C HIS D 76 8.10 22.18 -11.94
C HIS D 76 8.16 22.13 -11.95
N LEU D 77 8.55 22.24 -10.69
CA LEU D 77 8.96 23.50 -10.11
C LEU D 77 10.38 23.41 -9.58
N PRO D 78 10.98 24.52 -9.07
CA PRO D 78 12.44 24.43 -8.88
C PRO D 78 12.98 23.77 -7.59
N SER D 79 12.12 23.40 -6.66
CA SER D 79 12.63 22.83 -5.39
C SER D 79 13.49 21.56 -5.61
N GLU D 80 14.67 21.53 -4.98
CA GLU D 80 15.59 20.39 -5.06
C GLU D 80 15.38 19.41 -3.90
N PRO D 81 15.06 18.15 -4.23
CA PRO D 81 14.91 17.17 -3.17
C PRO D 81 16.25 16.76 -2.56
N VAL D 82 16.26 16.53 -1.26
CA VAL D 82 17.39 16.03 -0.54
C VAL D 82 16.85 14.79 0.21
N VAL D 83 17.62 13.71 0.27
CA VAL D 83 17.26 12.52 1.01
C VAL D 83 18.29 12.28 2.10
N ARG D 84 17.86 12.27 3.36
CA ARG D 84 18.75 11.89 4.48
C ARG D 84 18.66 10.37 4.62
N VAL D 85 19.78 9.66 4.44
CA VAL D 85 19.75 8.19 4.51
C VAL D 85 19.76 7.82 5.99
N PRO D 86 19.31 6.60 6.34
CA PRO D 86 19.29 6.21 7.74
C PRO D 86 20.69 5.97 8.30
N ALA D 87 21.61 5.50 7.47
CA ALA D 87 22.98 5.23 7.90
C ALA D 87 23.84 5.07 6.65
N ARG D 88 25.15 5.09 6.85
CA ARG D 88 26.10 4.92 5.77
C ARG D 88 26.33 3.42 5.44
N GLU D 89 25.24 2.68 5.24
CA GLU D 89 25.32 1.26 4.85
C GLU D 89 25.24 1.26 3.35
N PRO D 90 26.17 0.57 2.65
CA PRO D 90 26.15 0.63 1.17
C PRO D 90 24.77 0.34 0.50
N TRP D 91 23.99 -0.63 1.01
CA TRP D 91 22.75 -1.01 0.34
C TRP D 91 21.69 0.08 0.40
N LEU D 92 21.68 0.84 1.48
CA LEU D 92 20.74 1.92 1.66
C LEU D 92 21.10 3.12 0.80
N VAL D 93 22.38 3.37 0.67
CA VAL D 93 22.84 4.47 -0.16
C VAL D 93 22.53 4.15 -1.60
N LYS D 94 22.79 2.89 -1.97
CA LYS D 94 22.45 2.39 -3.32
C LYS D 94 20.97 2.57 -3.65
N ARG D 95 20.08 2.13 -2.77
CA ARG D 95 18.63 2.36 -2.89
C ARG D 95 18.28 3.84 -3.18
N ALA D 96 18.85 4.75 -2.40
CA ALA D 96 18.45 6.14 -2.55
C ALA D 96 18.98 6.70 -3.92
N LEU D 97 20.19 6.32 -4.32
CA LEU D 97 20.72 6.80 -5.61
C LEU D 97 19.94 6.23 -6.79
N ASP D 98 19.63 4.92 -6.75
CA ASP D 98 18.91 4.27 -7.82
C ASP D 98 17.48 4.83 -7.95
N ALA D 99 16.91 5.31 -6.83
CA ALA D 99 15.57 5.92 -6.85
C ALA D 99 15.56 7.29 -7.49
N GLY D 100 16.74 7.86 -7.78
CA GLY D 100 16.81 9.18 -8.40
C GLY D 100 17.22 10.30 -7.48
N ALA D 101 17.59 10.03 -6.22
CA ALA D 101 18.01 11.11 -5.33
C ALA D 101 19.41 11.63 -5.78
N ARG D 102 19.56 12.93 -6.03
CA ARG D 102 20.84 13.48 -6.45
C ARG D 102 21.58 14.27 -5.36
N THR D 103 20.91 14.50 -4.24
CA THR D 103 21.56 15.15 -3.13
C THR D 103 21.27 14.31 -1.87
N LEU D 104 22.32 13.77 -1.25
CA LEU D 104 22.14 12.94 -0.05
C LEU D 104 22.73 13.59 1.21
N MET D 105 22.05 13.40 2.33
CA MET D 105 22.57 13.84 3.60
C MET D 105 22.88 12.58 4.41
N PHE D 106 24.08 12.58 5.01
CA PHE D 106 24.55 11.46 5.80
C PHE D 106 24.58 11.86 7.26
N PRO D 107 23.90 11.09 8.12
CA PRO D 107 23.95 11.39 9.56
C PRO D 107 25.30 11.00 10.21
N CYS D 108 25.52 11.55 11.39
CA CYS D 108 26.71 11.29 12.23
C CYS D 108 28.04 11.03 11.49
N ILE D 109 28.52 11.99 10.70
CA ILE D 109 29.84 11.90 10.07
C ILE D 109 30.78 12.49 11.13
N GLU D 110 31.78 11.71 11.55
CA GLU D 110 32.67 12.05 12.69
C GLU D 110 34.15 12.21 12.36
N THR D 111 34.57 11.60 11.25
CA THR D 111 35.95 11.69 10.81
C THR D 111 36.02 12.02 9.33
N PRO D 112 37.18 12.51 8.89
CA PRO D 112 37.40 12.69 7.44
C PRO D 112 37.29 11.36 6.64
N ASP D 113 37.65 10.24 7.26
CA ASP D 113 37.50 8.92 6.60
C ASP D 113 36.02 8.56 6.40
N ASP D 114 35.19 8.88 7.38
CA ASP D 114 33.74 8.74 7.25
C ASP D 114 33.22 9.56 6.05
N ALA D 115 33.63 10.81 5.99
CA ALA D 115 33.21 11.71 4.94
C ALA D 115 33.63 11.25 3.56
N ALA D 116 34.88 10.78 3.46
CA ALA D 116 35.46 10.27 2.20
C ALA D 116 34.72 9.01 1.77
N HIS D 117 34.37 8.17 2.73
CA HIS D 117 33.64 6.96 2.41
C HIS D 117 32.24 7.29 1.92
N ALA D 118 31.52 8.20 2.61
CA ALA D 118 30.20 8.67 2.14
C ALA D 118 30.27 9.17 0.68
N VAL D 119 31.26 10.03 0.40
CA VAL D 119 31.43 10.55 -0.96
C VAL D 119 31.65 9.40 -1.98
N ARG D 120 32.55 8.47 -1.68
CA ARG D 120 32.89 7.33 -2.59
C ARG D 120 31.64 6.50 -2.92
N LEU D 121 30.75 6.36 -1.95
CA LEU D 121 29.54 5.52 -2.15
C LEU D 121 28.60 6.12 -3.20
N THR D 122 28.72 7.42 -3.40
CA THR D 122 27.86 8.11 -4.33
C THR D 122 28.42 8.28 -5.73
N ARG D 123 29.70 7.89 -5.94
CA ARG D 123 30.35 8.11 -7.26
C ARG D 123 30.63 6.80 -8.01
N PHE D 124 30.30 6.76 -9.29
CA PHE D 124 30.79 5.69 -10.14
C PHE D 124 32.29 5.77 -10.26
N PRO D 125 32.99 4.64 -10.37
CA PRO D 125 34.44 4.66 -10.61
C PRO D 125 34.76 5.13 -12.02
N SER D 126 35.53 6.19 -12.11
CA SER D 126 35.71 6.93 -13.33
C SER D 126 37.03 7.67 -13.22
N PRO D 127 37.48 8.30 -14.33
CA PRO D 127 38.74 9.04 -14.24
C PRO D 127 38.68 10.19 -13.21
N GLU D 128 37.52 10.83 -13.10
CA GLU D 128 37.33 12.00 -12.22
C GLU D 128 37.28 11.55 -10.78
N SER D 129 36.79 10.32 -10.58
CA SER D 129 36.66 9.69 -9.26
C SER D 129 37.08 8.22 -9.28
N PRO D 130 38.39 7.96 -9.32
CA PRO D 130 38.87 6.56 -9.52
C PRO D 130 38.58 5.63 -8.36
N ASP D 131 38.36 6.21 -7.18
CA ASP D 131 38.01 5.45 -5.98
C ASP D 131 36.51 5.29 -5.80
N GLY D 132 35.73 5.62 -6.80
CA GLY D 132 34.28 5.52 -6.68
C GLY D 132 33.80 4.10 -6.41
N LEU D 133 32.75 3.99 -5.60
CA LEU D 133 32.14 2.70 -5.19
C LEU D 133 30.68 2.56 -5.58
N ARG D 134 30.08 3.55 -6.22
CA ARG D 134 28.69 3.38 -6.65
C ARG D 134 28.57 2.21 -7.62
N GLY D 135 27.60 1.33 -7.39
CA GLY D 135 27.47 0.13 -8.22
C GLY D 135 26.53 0.40 -9.38
N VAL D 136 26.69 -0.37 -10.44
CA VAL D 136 26.03 -0.10 -11.69
C VAL D 136 24.82 -0.99 -11.93
N ALA D 137 23.68 -0.37 -12.20
CA ALA D 137 22.50 -1.06 -12.71
C ALA D 137 21.76 -0.12 -13.67
N GLY D 138 21.71 -0.52 -14.95
CA GLY D 138 21.36 0.38 -16.03
C GLY D 138 19.87 0.59 -16.11
N MET D 139 19.10 -0.27 -15.45
CA MET D 139 17.67 -0.25 -15.60
C MET D 139 16.93 0.52 -14.49
N VAL D 140 17.64 1.18 -13.60
CA VAL D 140 16.99 1.86 -12.47
C VAL D 140 16.40 3.22 -12.81
N ARG D 141 15.57 3.75 -11.91
CA ARG D 141 14.86 4.99 -12.18
C ARG D 141 15.84 6.15 -12.44
N ALA D 142 16.92 6.22 -11.66
CA ALA D 142 17.92 7.30 -11.86
C ALA D 142 18.48 7.33 -13.28
N ALA D 143 18.51 6.17 -13.95
CA ALA D 143 18.98 6.10 -15.35
C ALA D 143 17.86 6.19 -16.42
N ALA D 144 16.71 6.76 -16.04
CA ALA D 144 15.51 6.74 -16.88
C ALA D 144 15.27 5.33 -17.42
N PHE D 145 15.49 4.33 -16.54
CA PHE D 145 15.24 2.92 -16.81
C PHE D 145 16.04 2.40 -18.03
N GLY D 146 17.16 3.04 -18.36
CA GLY D 146 17.99 2.69 -19.51
C GLY D 146 17.84 3.65 -20.70
N MET D 147 16.87 4.57 -20.62
CA MET D 147 16.68 5.52 -21.69
C MET D 147 17.65 6.70 -21.67
N ARG D 148 18.28 7.00 -20.53
CA ARG D 148 19.31 8.05 -20.53
C ARG D 148 20.64 7.40 -20.94
N ARG D 149 20.95 7.46 -22.25
CA ARG D 149 22.05 6.68 -22.79
C ARG D 149 23.41 7.04 -22.21
N ASP D 150 23.62 8.32 -21.91
CA ASP D 150 24.87 8.79 -21.33
C ASP D 150 24.91 8.82 -19.77
N TYR D 151 24.08 8.03 -19.11
CA TYR D 151 23.96 8.20 -17.66
C TYR D 151 25.26 7.93 -16.90
N LEU D 152 25.94 6.83 -17.21
CA LEU D 152 27.20 6.50 -16.51
C LEU D 152 28.28 7.58 -16.56
N GLN D 153 28.38 8.28 -17.69
CA GLN D 153 29.30 9.41 -17.84
C GLN D 153 28.84 10.76 -17.28
N THR D 154 27.54 10.96 -17.04
CA THR D 154 27.05 12.28 -16.59
C THR D 154 26.57 12.34 -15.15
N ALA D 155 26.31 11.19 -14.53
CA ALA D 155 25.74 11.11 -13.20
C ALA D 155 26.56 11.78 -12.09
N ASN D 156 27.86 11.47 -12.04
CA ASN D 156 28.68 11.89 -10.91
C ASN D 156 28.66 13.39 -10.70
N ALA D 157 28.77 14.12 -11.80
CA ALA D 157 28.85 15.55 -11.74
C ALA D 157 27.58 16.20 -11.11
N GLN D 158 26.44 15.52 -11.13
CA GLN D 158 25.21 16.07 -10.58
C GLN D 158 24.84 15.53 -9.19
N VAL D 159 25.73 14.75 -8.56
CA VAL D 159 25.48 14.21 -7.21
C VAL D 159 26.16 15.06 -6.13
N ALA D 160 25.40 15.45 -5.10
CA ALA D 160 25.92 16.32 -4.03
C ALA D 160 25.80 15.60 -2.67
N VAL D 161 26.76 15.90 -1.78
CA VAL D 161 26.89 15.20 -0.53
C VAL D 161 26.93 16.23 0.61
N ILE D 162 25.97 16.08 1.51
CA ILE D 162 25.86 16.83 2.77
C ILE D 162 26.22 15.89 3.90
N VAL D 163 27.15 16.31 4.78
CA VAL D 163 27.54 15.55 5.93
C VAL D 163 27.06 16.26 7.19
N GLN D 164 26.45 15.52 8.08
CA GLN D 164 25.91 16.06 9.32
C GLN D 164 26.99 15.96 10.41
N VAL D 165 27.30 17.07 11.03
CA VAL D 165 28.23 17.06 12.13
C VAL D 165 27.38 17.18 13.37
N GLU D 166 27.38 16.16 14.21
CA GLU D 166 26.52 16.20 15.39
C GLU D 166 27.09 15.45 16.58
N SER D 167 28.41 15.47 16.72
CA SER D 167 29.09 14.84 17.84
C SER D 167 30.34 15.63 18.20
N ALA D 168 30.80 15.50 19.43
CA ALA D 168 32.08 16.12 19.85
C ALA D 168 33.21 15.79 18.90
N ARG D 169 33.32 14.49 18.59
CA ARG D 169 34.38 13.98 17.73
C ARG D 169 34.31 14.64 16.35
N GLY D 170 33.11 14.75 15.79
CA GLY D 170 32.92 15.41 14.49
C GLY D 170 33.37 16.86 14.50
N VAL D 171 32.97 17.58 15.55
CA VAL D 171 33.39 18.99 15.78
C VAL D 171 34.91 19.15 15.78
N ASP D 172 35.56 18.29 16.57
CA ASP D 172 37.03 18.28 16.66
C ASP D 172 37.70 18.04 15.32
N GLU D 173 37.09 17.25 14.43
CA GLU D 173 37.69 16.90 13.12
C GLU D 173 37.17 17.77 11.98
N VAL D 174 36.41 18.83 12.32
CA VAL D 174 35.58 19.48 11.33
C VAL D 174 36.38 20.11 10.21
N GLU D 175 37.57 20.65 10.52
CA GLU D 175 38.41 21.29 9.47
C GLU D 175 38.84 20.27 8.40
N ARG D 176 39.15 19.06 8.84
CA ARG D 176 39.55 18.01 7.94
C ARG D 176 38.34 17.39 7.21
N ILE D 177 37.20 17.29 7.90
CA ILE D 177 35.99 16.90 7.22
C ILE D 177 35.72 17.91 6.09
N ALA D 178 35.78 19.19 6.42
CA ALA D 178 35.52 20.21 5.42
C ALA D 178 36.43 20.12 4.22
N ALA D 179 37.68 19.70 4.44
CA ALA D 179 38.66 19.62 3.36
C ALA D 179 38.48 18.38 2.49
N THR D 180 37.63 17.43 2.89
CA THR D 180 37.43 16.18 2.12
C THR D 180 36.82 16.50 0.77
N PRO D 181 37.46 16.03 -0.33
CA PRO D 181 36.88 16.34 -1.62
C PRO D 181 35.50 15.72 -1.75
N GLY D 182 34.56 16.47 -2.32
CA GLY D 182 33.19 16.02 -2.48
C GLY D 182 32.20 16.38 -1.37
N VAL D 183 32.66 16.93 -0.25
CA VAL D 183 31.76 17.46 0.77
C VAL D 183 31.25 18.81 0.30
N ASP D 184 29.97 18.87 -0.04
CA ASP D 184 29.36 20.06 -0.54
C ASP D 184 28.77 20.93 0.55
N CYS D 185 28.50 20.35 1.70
CA CYS D 185 27.87 21.07 2.78
C CYS D 185 28.07 20.37 4.13
N LEU D 186 28.41 21.16 5.14
CA LEU D 186 28.49 20.68 6.53
C LEU D 186 27.17 21.06 7.17
N PHE D 187 26.40 20.08 7.68
CA PHE D 187 25.06 20.37 8.24
C PHE D 187 25.06 20.17 9.74
N VAL D 188 24.68 21.21 10.47
CA VAL D 188 24.53 21.11 11.92
C VAL D 188 23.11 20.77 12.35
N GLY D 189 22.96 19.69 13.11
CA GLY D 189 21.70 19.43 13.84
C GLY D 189 21.93 19.79 15.29
N PRO D 190 21.44 20.95 15.73
CA PRO D 190 21.76 21.37 17.10
C PRO D 190 21.26 20.42 18.18
N ALA D 191 20.11 19.81 17.98
CA ALA D 191 19.50 18.95 18.99
C ALA D 191 20.37 17.74 19.28
N ASP D 192 20.83 17.09 18.21
CA ASP D 192 21.74 15.96 18.32
C ASP D 192 23.08 16.34 18.87
N LEU D 193 23.63 17.46 18.37
CA LEU D 193 24.91 17.96 18.88
C LEU D 193 24.85 18.21 20.39
N ALA D 194 23.81 18.90 20.82
CA ALA D 194 23.66 19.27 22.23
C ALA D 194 23.59 18.02 23.13
N ALA D 195 22.80 17.05 22.70
CA ALA D 195 22.70 15.74 23.36
C ALA D 195 24.08 15.08 23.47
N SER D 196 24.85 15.14 22.39
CA SER D 196 26.12 14.47 22.30
C SER D 196 27.13 15.16 23.20
N LEU D 197 26.97 16.46 23.42
CA LEU D 197 27.89 17.20 24.26
C LEU D 197 27.43 17.21 25.71
N GLY D 198 26.45 16.36 26.04
CA GLY D 198 25.97 16.22 27.40
C GLY D 198 25.00 17.30 27.81
N HIS D 199 24.37 17.95 26.83
CA HIS D 199 23.37 19.02 27.06
C HIS D 199 22.03 18.76 26.40
N LEU D 200 21.51 17.55 26.62
CA LEU D 200 20.27 17.14 26.00
C LEU D 200 19.16 18.16 26.22
N GLY D 201 18.50 18.55 25.13
CA GLY D 201 17.38 19.49 25.22
C GLY D 201 17.72 20.94 25.43
N ASP D 202 19.01 21.28 25.47
CA ASP D 202 19.48 22.64 25.77
C ASP D 202 20.47 23.15 24.71
N ILE D 203 19.98 23.52 23.53
CA ILE D 203 20.88 23.90 22.44
C ILE D 203 21.54 25.28 22.65
N ARG D 204 21.12 26.05 23.66
CA ARG D 204 21.73 27.35 23.96
C ARG D 204 22.89 27.33 24.96
N HIS D 205 23.16 26.18 25.57
CA HIS D 205 24.29 26.12 26.49
C HIS D 205 25.54 26.58 25.76
N PRO D 206 26.40 27.35 26.43
CA PRO D 206 27.57 27.89 25.73
C PRO D 206 28.49 26.81 25.14
N ASP D 207 28.66 25.65 25.77
CA ASP D 207 29.45 24.58 25.17
C ASP D 207 28.91 24.25 23.75
N VAL D 208 27.59 24.18 23.63
CA VAL D 208 26.96 23.86 22.33
C VAL D 208 27.15 24.97 21.31
N GLU D 209 26.91 26.21 21.72
CA GLU D 209 27.04 27.34 20.79
C GLU D 209 28.48 27.48 20.29
N THR D 210 29.43 27.25 21.18
CA THR D 210 30.85 27.21 20.83
C THR D 210 31.12 26.18 19.72
N ALA D 211 30.69 24.95 19.97
CA ALA D 211 30.78 23.85 19.01
C ALA D 211 30.18 24.27 17.64
N MET D 212 28.98 24.80 17.68
CA MET D 212 28.32 25.23 16.46
C MET D 212 29.12 26.31 15.76
N ALA D 213 29.61 27.30 16.52
CA ALA D 213 30.36 28.42 15.95
C ALA D 213 31.60 27.92 15.27
N ARG D 214 32.19 26.86 15.82
CA ARG D 214 33.39 26.30 15.23
C ARG D 214 33.13 25.61 13.85
N VAL D 215 32.01 24.89 13.73
CA VAL D 215 31.65 24.28 12.48
C VAL D 215 31.45 25.37 11.40
N LEU D 216 30.70 26.40 11.76
CA LEU D 216 30.46 27.50 10.88
C LEU D 216 31.75 28.19 10.41
N ALA D 217 32.65 28.52 11.33
CA ALA D 217 33.93 29.16 10.97
C ALA D 217 34.78 28.27 10.05
N ALA D 218 34.73 26.97 10.28
CA ALA D 218 35.47 26.03 9.45
C ALA D 218 35.01 26.09 7.98
N GLY D 219 33.69 26.13 7.79
CA GLY D 219 33.11 26.13 6.46
C GLY D 219 33.38 27.43 5.73
N LYS D 220 33.27 28.55 6.44
CA LYS D 220 33.56 29.85 5.85
C LYS D 220 34.99 29.97 5.40
N GLN D 221 35.89 29.51 6.26
CA GLN D 221 37.30 29.58 6.01
C GLN D 221 37.62 28.73 4.80
N ALA D 222 36.88 27.64 4.62
CA ALA D 222 37.17 26.69 3.55
C ALA D 222 36.36 26.93 2.28
N GLY D 223 35.36 27.78 2.34
CA GLY D 223 34.44 28.00 1.23
C GLY D 223 33.52 26.81 1.02
N VAL D 224 33.10 26.20 2.12
CA VAL D 224 32.16 25.10 2.10
C VAL D 224 30.94 25.61 2.83
N ALA D 225 29.79 25.47 2.18
CA ALA D 225 28.52 25.91 2.73
C ALA D 225 28.23 25.18 4.04
N VAL D 226 27.64 25.89 5.00
CA VAL D 226 27.24 25.29 6.26
C VAL D 226 25.71 25.37 6.34
N GLY D 227 25.10 24.29 6.80
CA GLY D 227 23.66 24.19 6.93
C GLY D 227 23.27 23.95 8.37
N ILE D 228 21.98 24.07 8.67
CA ILE D 228 21.47 23.95 10.03
C ILE D 228 19.96 23.72 10.04
N PHE D 229 19.47 23.01 11.07
CA PHE D 229 18.03 22.85 11.30
C PHE D 229 17.53 23.91 12.26
N ALA D 230 16.56 24.71 11.82
CA ALA D 230 15.89 25.71 12.67
C ALA D 230 14.48 25.24 13.01
N GLY D 231 14.11 25.28 14.30
CA GLY D 231 12.75 24.87 14.71
C GLY D 231 11.67 25.94 14.56
N ASP D 232 12.07 27.18 14.26
CA ASP D 232 11.13 28.31 14.17
C ASP D 232 11.77 29.42 13.36
N THR D 233 10.98 30.45 12.98
CA THR D 233 11.53 31.46 12.10
C THR D 233 12.50 32.41 12.81
N ALA D 234 12.34 32.63 14.12
CA ALA D 234 13.30 33.45 14.90
C ALA D 234 14.69 32.83 14.81
N ALA D 235 14.77 31.53 15.10
CA ALA D 235 16.00 30.80 14.97
C ALA D 235 16.59 30.87 13.55
N ALA D 236 15.75 30.61 12.55
CA ALA D 236 16.18 30.61 11.18
C ALA D 236 16.82 31.94 10.84
N ARG D 237 16.20 33.03 11.27
CA ARG D 237 16.73 34.36 11.01
C ARG D 237 18.05 34.60 11.71
N GLN D 238 18.16 34.12 12.94
CA GLN D 238 19.39 34.28 13.71
C GLN D 238 20.53 33.53 12.99
N TYR D 239 20.23 32.37 12.45
CA TYR D 239 21.23 31.59 11.72
C TYR D 239 21.60 32.23 10.39
N ARG D 240 20.64 32.77 9.66
CA ARG D 240 20.91 33.50 8.42
C ARG D 240 21.90 34.65 8.76
N GLU D 241 21.58 35.49 9.77
CA GLU D 241 22.42 36.63 10.12
C GLU D 241 23.83 36.19 10.53
N ALA D 242 23.97 35.02 11.14
CA ALA D 242 25.26 34.48 11.50
C ALA D 242 26.06 33.88 10.35
N GLY D 243 25.44 33.64 9.20
CA GLY D 243 26.18 33.18 8.02
C GLY D 243 25.94 31.76 7.49
N TYR D 244 25.03 31.02 8.11
CA TYR D 244 24.63 29.71 7.64
C TYR D 244 23.91 29.92 6.32
N ARG D 245 24.16 29.05 5.36
CA ARG D 245 23.48 29.10 4.08
C ARG D 245 22.34 28.11 3.90
N LEU D 246 22.55 26.82 4.19
CA LEU D 246 21.51 25.83 3.93
C LEU D 246 20.64 25.69 5.18
N ILE D 247 19.56 26.47 5.23
CA ILE D 247 18.78 26.64 6.42
C ILE D 247 17.43 25.89 6.26
N THR D 248 17.21 24.89 7.12
CA THR D 248 15.90 24.28 7.24
C THR D 248 14.99 25.15 8.09
N VAL D 249 13.83 25.55 7.52
CA VAL D 249 12.80 26.26 8.23
C VAL D 249 11.78 25.26 8.81
N SER D 250 12.22 24.50 9.79
CA SER D 250 11.41 23.54 10.47
C SER D 250 10.83 22.44 9.54
N ALA D 251 9.70 21.86 9.94
CA ALA D 251 9.22 20.62 9.34
C ALA D 251 7.74 20.71 8.95
N ASP D 252 7.33 19.95 7.94
CA ASP D 252 5.93 19.92 7.50
C ASP D 252 4.90 19.81 8.65
N VAL D 253 5.11 18.83 9.50
CA VAL D 253 4.16 18.49 10.57
C VAL D 253 4.11 19.58 11.62
N SER D 254 5.26 20.21 11.90
CA SER D 254 5.31 21.29 12.87
C SER D 254 4.51 22.53 12.43
N TRP D 255 4.67 22.92 11.15
CA TRP D 255 3.88 24.00 10.59
C TRP D 255 2.38 23.67 10.53
N LEU D 256 2.06 22.45 10.14
CA LEU D 256 0.67 21.97 10.11
C LEU D 256 -0.03 22.13 11.50
N LEU D 257 0.68 21.70 12.55
CA LEU D 257 0.16 21.76 13.91
C LEU D 257 0.08 23.19 14.40
N ARG D 258 1.17 23.94 14.23
N ARG D 258 1.16 23.95 14.23
CA ARG D 258 1.19 25.33 14.61
CA ARG D 258 1.17 25.33 14.66
C ARG D 258 0.03 26.08 13.96
C ARG D 258 0.04 26.10 13.96
N ALA D 259 -0.13 25.93 12.64
CA ALA D 259 -1.14 26.72 11.93
C ALA D 259 -2.56 26.35 12.27
N THR D 260 -2.84 25.05 12.40
CA THR D 260 -4.21 24.66 12.73
C THR D 260 -4.55 24.98 14.17
N ARG D 261 -3.56 24.90 15.07
CA ARG D 261 -3.80 25.29 16.48
C ARG D 261 -4.00 26.82 16.63
N GLN D 262 -3.21 27.62 15.92
N GLN D 262 -3.19 27.62 15.91
CA GLN D 262 -3.42 29.06 16.02
CA GLN D 262 -3.37 29.09 15.88
C GLN D 262 -4.76 29.52 15.36
C GLN D 262 -4.79 29.47 15.40
N ALA D 263 -5.19 28.85 14.30
CA ALA D 263 -6.44 29.17 13.63
C ALA D 263 -7.66 28.89 14.52
N LEU D 264 -7.60 27.78 15.26
CA LEU D 264 -8.63 27.48 16.26
C LEU D 264 -8.69 28.56 17.34
N GLN D 265 -7.54 28.96 17.86
CA GLN D 265 -7.47 30.05 18.85
C GLN D 265 -8.06 31.36 18.34
N GLU D 266 -7.81 31.69 17.07
CA GLU D 266 -8.34 32.92 16.49
C GLU D 266 -9.84 32.85 16.35
N VAL D 267 -10.37 31.70 15.94
CA VAL D 267 -11.83 31.58 15.74
C VAL D 267 -12.60 31.55 17.08
N ARG D 268 -12.01 30.96 18.12
CA ARG D 268 -12.56 30.91 19.48
C ARG D 268 -12.42 32.17 20.32
N SER D 269 -11.47 33.03 20.02
CA SER D 269 -11.23 34.13 20.94
C SER D 269 -12.48 35.01 20.95
N THR E 13 11.38 -30.10 -2.88
CA THR E 13 12.23 -30.37 -4.08
C THR E 13 12.49 -29.08 -4.88
N ASN E 14 13.62 -28.43 -4.58
CA ASN E 14 14.05 -27.21 -5.29
C ASN E 14 14.63 -27.59 -6.60
N SER E 15 13.81 -27.52 -7.66
CA SER E 15 14.22 -28.03 -8.95
C SER E 15 15.35 -27.26 -9.58
N LEU E 16 15.49 -25.97 -9.25
CA LEU E 16 16.57 -25.14 -9.82
C LEU E 16 17.88 -25.62 -9.24
N LYS E 17 17.89 -25.89 -7.95
CA LYS E 17 19.07 -26.42 -7.31
C LYS E 17 19.48 -27.79 -7.89
N GLN E 18 18.51 -28.69 -8.13
CA GLN E 18 18.77 -30.00 -8.74
C GLN E 18 19.45 -29.82 -10.11
N ARG E 19 18.93 -28.91 -10.92
CA ARG E 19 19.44 -28.76 -12.28
C ARG E 19 20.83 -28.07 -12.29
N LEU E 20 21.02 -27.06 -11.46
CA LEU E 20 22.35 -26.47 -11.32
C LEU E 20 23.41 -27.52 -10.99
N ARG E 21 23.12 -28.35 -10.00
CA ARG E 21 24.08 -29.33 -9.49
C ARG E 21 24.20 -30.56 -10.39
N ASP E 22 23.13 -30.97 -11.05
CA ASP E 22 23.07 -32.28 -11.70
C ASP E 22 22.72 -32.25 -13.19
N GLY E 23 22.71 -31.08 -13.84
CA GLY E 23 22.39 -30.99 -15.26
C GLY E 23 23.53 -30.39 -16.07
N ASP E 24 23.42 -30.40 -17.39
CA ASP E 24 24.37 -29.63 -18.27
C ASP E 24 23.69 -28.61 -19.24
N GLU E 25 22.36 -28.67 -19.35
CA GLU E 25 21.56 -27.71 -20.11
C GLU E 25 21.50 -26.30 -19.50
N PRO E 26 21.40 -25.29 -20.35
CA PRO E 26 21.30 -23.93 -19.87
C PRO E 26 19.97 -23.67 -19.21
N LEU E 27 19.93 -22.70 -18.31
CA LEU E 27 18.73 -22.33 -17.56
C LEU E 27 18.50 -20.86 -17.78
N TYR E 28 17.39 -20.51 -18.43
CA TYR E 28 17.20 -19.15 -18.89
C TYR E 28 16.31 -18.42 -17.92
N GLY E 29 16.72 -17.20 -17.59
CA GLY E 29 16.03 -16.37 -16.63
C GLY E 29 15.63 -15.00 -17.15
N LEU E 30 14.80 -14.30 -16.37
CA LEU E 30 14.44 -12.90 -16.57
C LEU E 30 14.65 -12.21 -15.25
N TRP E 31 15.14 -10.97 -15.35
CA TRP E 31 15.34 -10.16 -14.18
C TRP E 31 14.03 -9.39 -13.93
N LEU E 32 13.53 -9.38 -12.70
CA LEU E 32 12.36 -8.61 -12.35
C LEU E 32 12.71 -7.37 -11.55
N SER E 33 12.71 -6.24 -12.25
N SER E 33 12.71 -6.23 -12.22
CA SER E 33 13.06 -4.92 -11.69
CA SER E 33 13.04 -4.94 -11.60
C SER E 33 11.85 -4.02 -11.37
C SER E 33 11.84 -4.02 -11.35
N LEU E 34 10.68 -4.30 -11.96
CA LEU E 34 9.57 -3.37 -11.85
C LEU E 34 8.85 -3.37 -10.53
N GLY E 35 8.98 -4.44 -9.75
CA GLY E 35 8.37 -4.58 -8.41
C GLY E 35 6.86 -4.74 -8.50
N SER E 36 6.38 -5.32 -9.61
CA SER E 36 4.94 -5.44 -9.93
C SER E 36 4.47 -6.89 -9.77
N ASP E 37 3.42 -7.08 -8.95
CA ASP E 37 2.82 -8.41 -8.81
C ASP E 37 2.24 -8.92 -10.16
N SER E 38 1.54 -8.05 -10.88
N SER E 38 1.54 -8.05 -10.88
CA SER E 38 0.94 -8.44 -12.16
CA SER E 38 0.96 -8.41 -12.16
C SER E 38 2.00 -8.76 -13.21
C SER E 38 2.03 -8.79 -13.16
N ALA E 39 3.12 -8.03 -13.17
CA ALA E 39 4.21 -8.28 -14.14
C ALA E 39 4.90 -9.64 -13.81
N ALA E 40 5.15 -9.91 -12.55
CA ALA E 40 5.64 -11.22 -12.15
C ALA E 40 4.69 -12.38 -12.52
N GLU E 41 3.39 -12.24 -12.31
CA GLU E 41 2.48 -13.35 -12.63
C GLU E 41 2.38 -13.55 -14.15
N ALA E 42 2.32 -12.46 -14.90
CA ALA E 42 2.30 -12.52 -16.37
C ALA E 42 3.55 -13.22 -16.84
N LEU E 43 4.71 -12.80 -16.31
CA LEU E 43 5.96 -13.37 -16.77
C LEU E 43 6.21 -14.82 -16.33
N ALA E 44 5.52 -15.25 -15.27
CA ALA E 44 5.49 -16.66 -14.89
C ALA E 44 4.87 -17.58 -15.97
N HIS E 45 4.21 -16.95 -16.96
CA HIS E 45 3.68 -17.61 -18.18
C HIS E 45 4.59 -17.53 -19.42
N ALA E 46 5.79 -16.96 -19.28
CA ALA E 46 6.71 -16.72 -20.40
C ALA E 46 7.61 -17.90 -20.76
N GLY E 47 7.55 -18.97 -19.96
CA GLY E 47 8.32 -20.19 -20.23
C GLY E 47 9.76 -20.23 -19.76
N TYR E 48 10.19 -19.29 -18.95
CA TYR E 48 11.58 -19.24 -18.43
C TYR E 48 11.80 -20.28 -17.33
N ASP E 49 13.05 -20.69 -17.14
CA ASP E 49 13.40 -21.61 -16.10
C ASP E 49 13.47 -20.92 -14.75
N TRP E 50 13.84 -19.65 -14.74
CA TRP E 50 13.86 -18.90 -13.49
C TRP E 50 13.55 -17.43 -13.67
N LEU E 51 13.17 -16.82 -12.55
CA LEU E 51 12.82 -15.41 -12.47
C LEU E 51 13.48 -14.77 -11.23
N CYS E 52 14.15 -13.61 -11.40
CA CYS E 52 14.88 -13.01 -10.26
C CYS E 52 14.21 -11.78 -9.72
N ILE E 53 13.81 -11.86 -8.44
CA ILE E 53 13.23 -10.71 -7.73
C ILE E 53 14.46 -10.00 -7.11
N ASP E 54 14.81 -8.84 -7.64
CA ASP E 54 15.97 -8.10 -7.18
C ASP E 54 15.69 -7.16 -6.01
N MET E 55 16.41 -7.31 -4.90
CA MET E 55 16.29 -6.40 -3.77
C MET E 55 17.45 -5.42 -3.71
N GLU E 56 18.48 -5.66 -4.54
CA GLU E 56 19.69 -4.86 -4.43
C GLU E 56 19.58 -3.59 -5.23
N HIS E 57 19.26 -3.74 -6.52
CA HIS E 57 19.06 -2.60 -7.42
C HIS E 57 17.63 -2.45 -7.94
N ALA E 58 16.68 -2.79 -7.08
CA ALA E 58 15.25 -2.51 -7.31
C ALA E 58 14.67 -2.38 -5.93
N PRO E 59 13.57 -1.63 -5.77
CA PRO E 59 13.10 -1.24 -4.45
C PRO E 59 12.06 -2.25 -3.94
N ASN E 60 12.49 -3.49 -3.85
CA ASN E 60 11.66 -4.57 -3.37
C ASN E 60 12.06 -4.86 -1.92
N ASP E 61 11.18 -4.51 -1.00
CA ASP E 61 11.38 -4.89 0.40
C ASP E 61 10.63 -6.18 0.74
N SER E 62 10.61 -6.61 2.01
CA SER E 62 10.07 -7.94 2.37
C SER E 62 8.66 -8.22 1.91
N ARG E 63 7.70 -7.30 2.12
CA ARG E 63 6.37 -7.53 1.64
C ARG E 63 6.27 -7.59 0.12
N ASP E 64 7.11 -6.85 -0.58
CA ASP E 64 7.11 -6.91 -2.06
C ASP E 64 7.60 -8.27 -2.55
N VAL E 65 8.65 -8.77 -1.89
CA VAL E 65 9.18 -10.10 -2.19
C VAL E 65 8.13 -11.18 -1.91
N ALA E 66 7.47 -11.13 -0.77
CA ALA E 66 6.43 -12.18 -0.52
C ALA E 66 5.25 -12.08 -1.54
N SER E 67 4.88 -10.86 -1.92
N SER E 67 4.86 -10.86 -1.92
CA SER E 67 3.78 -10.62 -2.84
CA SER E 67 3.74 -10.69 -2.84
C SER E 67 4.13 -11.16 -4.23
C SER E 67 4.11 -11.15 -4.26
N GLN E 68 5.34 -10.88 -4.68
CA GLN E 68 5.82 -11.37 -5.98
C GLN E 68 6.03 -12.90 -6.02
N LEU E 69 6.52 -13.50 -4.93
CA LEU E 69 6.59 -14.99 -4.85
C LEU E 69 5.21 -15.65 -4.92
N ARG E 70 4.24 -15.06 -4.22
CA ARG E 70 2.82 -15.47 -4.33
C ARG E 70 2.26 -15.36 -5.73
N ALA E 71 2.54 -14.23 -6.37
CA ALA E 71 2.07 -13.99 -7.73
C ALA E 71 2.67 -14.99 -8.68
N ILE E 72 3.96 -15.31 -8.54
CA ILE E 72 4.56 -16.34 -9.38
C ILE E 72 3.96 -17.73 -9.16
N ALA E 73 3.80 -18.10 -7.89
CA ALA E 73 3.27 -19.42 -7.50
C ALA E 73 1.84 -19.60 -7.99
N ALA E 74 1.10 -18.50 -8.01
CA ALA E 74 -0.31 -18.54 -8.39
C ALA E 74 -0.50 -18.99 -9.86
N ALA E 75 0.50 -18.76 -10.69
CA ALA E 75 0.48 -19.24 -12.08
C ALA E 75 0.54 -20.76 -12.18
N HIS E 76 1.01 -21.44 -11.14
CA HIS E 76 1.08 -22.90 -11.10
C HIS E 76 1.95 -23.46 -12.25
N LEU E 77 3.07 -22.77 -12.56
CA LEU E 77 3.93 -23.17 -13.67
C LEU E 77 5.41 -23.34 -13.15
N PRO E 78 6.33 -23.81 -14.02
CA PRO E 78 7.63 -24.29 -13.50
C PRO E 78 8.72 -23.29 -13.16
N SER E 79 8.52 -22.01 -13.43
CA SER E 79 9.61 -21.04 -13.26
C SER E 79 10.02 -20.92 -11.81
N GLU E 80 11.31 -21.07 -11.54
CA GLU E 80 11.82 -21.01 -10.15
C GLU E 80 12.22 -19.57 -9.73
N PRO E 81 11.67 -19.09 -8.61
CA PRO E 81 12.11 -17.79 -8.14
C PRO E 81 13.50 -17.82 -7.48
N VAL E 82 14.25 -16.75 -7.78
CA VAL E 82 15.53 -16.42 -7.17
C VAL E 82 15.34 -15.04 -6.58
N VAL E 83 15.89 -14.82 -5.39
CA VAL E 83 15.86 -13.50 -4.77
C VAL E 83 17.31 -13.04 -4.58
N ARG E 84 17.64 -11.89 -5.16
CA ARG E 84 18.91 -11.26 -4.86
C ARG E 84 18.73 -10.38 -3.65
N VAL E 85 19.45 -10.69 -2.56
CA VAL E 85 19.38 -9.88 -1.34
C VAL E 85 20.21 -8.60 -1.49
N PRO E 86 19.88 -7.58 -0.67
CA PRO E 86 20.65 -6.34 -0.83
C PRO E 86 22.03 -6.46 -0.26
N ALA E 87 22.24 -7.34 0.70
CA ALA E 87 23.52 -7.47 1.36
C ALA E 87 23.51 -8.68 2.26
N ARG E 88 24.70 -9.11 2.60
CA ARG E 88 24.87 -10.28 3.46
C ARG E 88 24.70 -9.88 4.95
N GLU E 89 23.51 -9.34 5.27
CA GLU E 89 23.12 -9.00 6.64
C GLU E 89 22.21 -10.10 7.17
N PRO E 90 22.53 -10.69 8.34
CA PRO E 90 21.65 -11.73 8.83
C PRO E 90 20.11 -11.45 8.75
N TRP E 91 19.64 -10.21 9.05
CA TRP E 91 18.19 -9.98 9.13
C TRP E 91 17.50 -9.98 7.77
N LEU E 92 18.24 -9.50 6.77
CA LEU E 92 17.77 -9.48 5.40
C LEU E 92 17.65 -10.87 4.78
N VAL E 93 18.66 -11.70 5.03
CA VAL E 93 18.61 -13.09 4.56
C VAL E 93 17.44 -13.87 5.19
N LYS E 94 17.21 -13.59 6.47
CA LYS E 94 16.17 -14.20 7.30
C LYS E 94 14.79 -13.87 6.74
N ARG E 95 14.59 -12.60 6.37
CA ARG E 95 13.36 -12.15 5.73
C ARG E 95 13.09 -12.84 4.39
N ALA E 96 14.11 -13.03 3.57
CA ALA E 96 13.89 -13.63 2.27
C ALA E 96 13.56 -15.12 2.44
N LEU E 97 14.28 -15.82 3.32
CA LEU E 97 13.97 -17.24 3.57
C LEU E 97 12.62 -17.47 4.22
N ASP E 98 12.27 -16.62 5.17
CA ASP E 98 10.99 -16.74 5.84
C ASP E 98 9.84 -16.51 4.83
N ALA E 99 10.05 -15.59 3.91
CA ALA E 99 9.10 -15.36 2.83
C ALA E 99 8.88 -16.56 1.87
N GLY E 100 9.81 -17.51 1.87
CA GLY E 100 9.70 -18.75 1.10
C GLY E 100 10.67 -18.84 -0.08
N ALA E 101 11.62 -17.90 -0.18
CA ALA E 101 12.61 -17.95 -1.23
C ALA E 101 13.57 -19.11 -0.93
N ARG E 102 13.73 -19.99 -1.90
CA ARG E 102 14.63 -21.15 -1.74
C ARG E 102 15.94 -21.07 -2.51
N THR E 103 16.08 -20.06 -3.37
CA THR E 103 17.33 -19.80 -4.05
C THR E 103 17.64 -18.32 -3.86
N LEU E 104 18.80 -18.03 -3.27
CA LEU E 104 19.23 -16.69 -2.96
C LEU E 104 20.51 -16.35 -3.72
N MET E 105 20.56 -15.13 -4.22
CA MET E 105 21.79 -14.59 -4.76
C MET E 105 22.36 -13.48 -3.86
N PHE E 106 23.64 -13.60 -3.56
CA PHE E 106 24.37 -12.67 -2.68
C PHE E 106 25.29 -11.77 -3.51
N PRO E 107 25.13 -10.46 -3.39
CA PRO E 107 26.04 -9.59 -4.16
C PRO E 107 27.40 -9.46 -3.47
N CYS E 108 28.39 -8.91 -4.15
CA CYS E 108 29.71 -8.57 -3.56
C CYS E 108 30.33 -9.66 -2.73
N ILE E 109 30.41 -10.87 -3.27
CA ILE E 109 31.19 -11.92 -2.62
C ILE E 109 32.62 -11.83 -3.14
N GLU E 110 33.53 -11.48 -2.24
CA GLU E 110 34.94 -11.18 -2.57
C GLU E 110 35.95 -12.22 -2.08
N THR E 111 35.62 -12.92 -1.01
CA THR E 111 36.52 -13.93 -0.42
C THR E 111 35.82 -15.23 -0.09
N PRO E 112 36.59 -16.33 0.01
CA PRO E 112 36.03 -17.58 0.53
C PRO E 112 35.26 -17.42 1.87
N ASP E 113 35.70 -16.53 2.76
CA ASP E 113 35.00 -16.36 4.05
C ASP E 113 33.62 -15.66 3.84
N ASP E 114 33.56 -14.65 2.97
CA ASP E 114 32.27 -14.04 2.52
C ASP E 114 31.31 -15.13 2.04
N ALA E 115 31.80 -16.03 1.19
CA ALA E 115 30.97 -17.07 0.64
C ALA E 115 30.53 -18.08 1.72
N ALA E 116 31.44 -18.45 2.62
CA ALA E 116 31.14 -19.42 3.68
C ALA E 116 30.09 -18.86 4.59
N HIS E 117 30.19 -17.56 4.84
CA HIS E 117 29.28 -16.87 5.73
C HIS E 117 27.90 -16.82 5.10
N ALA E 118 27.84 -16.48 3.83
CA ALA E 118 26.59 -16.48 3.09
C ALA E 118 25.91 -17.82 3.21
N VAL E 119 26.68 -18.90 3.02
CA VAL E 119 26.13 -20.23 3.12
C VAL E 119 25.62 -20.53 4.55
N ARG E 120 26.40 -20.22 5.60
CA ARG E 120 25.97 -20.40 7.00
C ARG E 120 24.60 -19.74 7.30
N LEU E 121 24.41 -18.52 6.79
CA LEU E 121 23.15 -17.79 6.98
C LEU E 121 21.96 -18.53 6.44
N THR E 122 22.19 -19.45 5.49
CA THR E 122 21.10 -20.18 4.86
C THR E 122 20.90 -21.57 5.49
N ARG E 123 21.71 -21.93 6.47
CA ARG E 123 21.69 -23.29 7.01
C ARG E 123 21.28 -23.31 8.45
N PHE E 124 20.25 -24.12 8.76
CA PHE E 124 19.88 -24.51 10.14
C PHE E 124 21.06 -25.30 10.68
N PRO E 125 21.48 -25.05 11.93
CA PRO E 125 22.55 -25.93 12.43
C PRO E 125 22.17 -27.44 12.34
N SER E 126 23.10 -28.25 11.83
CA SER E 126 22.88 -29.67 11.69
C SER E 126 24.25 -30.37 11.77
N PRO E 127 24.24 -31.71 11.91
CA PRO E 127 25.50 -32.42 11.67
C PRO E 127 25.92 -32.19 10.21
N GLU E 128 24.95 -32.31 9.30
CA GLU E 128 25.07 -31.80 7.94
C GLU E 128 25.82 -30.44 7.92
N SER E 129 25.30 -29.41 8.61
CA SER E 129 25.96 -28.08 8.63
C SER E 129 26.18 -27.53 10.05
N PRO E 130 27.27 -27.96 10.71
CA PRO E 130 27.58 -27.68 12.12
C PRO E 130 27.44 -26.23 12.57
N ASP E 131 28.05 -25.32 11.82
CA ASP E 131 28.12 -23.90 12.22
C ASP E 131 27.00 -22.99 11.64
N GLY E 132 25.90 -23.58 11.19
CA GLY E 132 24.79 -22.82 10.55
C GLY E 132 24.21 -21.67 11.40
N LEU E 133 23.83 -20.56 10.76
CA LEU E 133 23.27 -19.43 11.48
C LEU E 133 21.80 -19.16 11.12
N ARG E 134 21.10 -20.08 10.42
CA ARG E 134 19.67 -19.86 10.06
C ARG E 134 18.76 -19.93 11.31
N GLY E 135 17.88 -18.94 11.50
CA GLY E 135 17.01 -18.88 12.65
C GLY E 135 15.73 -19.63 12.46
N VAL E 136 15.18 -20.16 13.54
CA VAL E 136 13.98 -20.97 13.51
C VAL E 136 12.76 -20.14 13.86
N ALA E 137 11.73 -20.27 13.04
CA ALA E 137 10.42 -19.71 13.36
C ALA E 137 9.36 -20.50 12.58
N GLY E 138 8.54 -21.24 13.33
CA GLY E 138 7.66 -22.26 12.78
C GLY E 138 6.35 -21.80 12.16
N MET E 139 6.03 -20.51 12.31
CA MET E 139 4.77 -19.97 11.85
C MET E 139 4.93 -19.16 10.56
N VAL E 140 6.14 -19.08 10.00
CA VAL E 140 6.36 -18.26 8.78
C VAL E 140 5.92 -18.92 7.48
N ARG E 141 5.90 -18.14 6.41
CA ARG E 141 5.39 -18.59 5.12
C ARG E 141 6.09 -19.87 4.66
N ALA E 142 7.41 -19.87 4.78
CA ALA E 142 8.23 -21.01 4.39
C ALA E 142 7.89 -22.33 5.08
N ALA E 143 7.37 -22.29 6.30
CA ALA E 143 6.92 -23.48 7.02
C ALA E 143 5.41 -23.72 6.88
N ALA E 144 4.86 -23.23 5.77
CA ALA E 144 3.40 -23.21 5.53
C ALA E 144 2.63 -22.81 6.85
N PHE E 145 3.12 -21.75 7.47
CA PHE E 145 2.47 -21.11 8.66
C PHE E 145 2.27 -22.08 9.83
N GLY E 146 3.13 -23.09 9.88
CA GLY E 146 3.11 -24.10 10.92
C GLY E 146 2.55 -25.43 10.46
N MET E 147 1.99 -25.49 9.26
CA MET E 147 1.37 -26.73 8.76
C MET E 147 2.31 -27.81 8.23
N ARG E 148 3.60 -27.50 8.15
CA ARG E 148 4.65 -28.48 7.92
C ARG E 148 5.65 -28.45 9.07
N ARG E 149 5.32 -29.10 10.19
CA ARG E 149 6.27 -29.21 11.31
C ARG E 149 7.53 -30.05 10.88
N ASP E 150 7.42 -30.81 9.77
CA ASP E 150 8.56 -31.50 9.16
C ASP E 150 9.55 -30.54 8.49
N TYR E 151 9.22 -29.25 8.43
CA TYR E 151 10.00 -28.28 7.67
C TYR E 151 11.49 -28.35 7.98
N LEU E 152 11.79 -28.42 9.27
CA LEU E 152 13.15 -28.26 9.74
C LEU E 152 14.04 -29.42 9.32
N GLN E 153 13.46 -30.59 9.07
CA GLN E 153 14.25 -31.75 8.68
C GLN E 153 14.72 -31.72 7.20
N THR E 154 14.00 -31.01 6.33
CA THR E 154 14.29 -31.03 4.87
C THR E 154 14.97 -29.75 4.32
N ALA E 155 14.68 -28.60 4.92
CA ALA E 155 14.95 -27.29 4.33
C ALA E 155 16.39 -27.10 3.88
N ASN E 156 17.35 -27.46 4.75
CA ASN E 156 18.77 -27.32 4.37
C ASN E 156 19.09 -27.89 2.97
N ALA E 157 18.51 -29.03 2.62
CA ALA E 157 18.83 -29.70 1.36
C ALA E 157 18.29 -28.96 0.14
N GLN E 158 17.26 -28.12 0.34
CA GLN E 158 16.60 -27.46 -0.79
C GLN E 158 16.96 -25.96 -0.97
N VAL E 159 17.83 -25.42 -0.12
CA VAL E 159 18.22 -23.99 -0.27
C VAL E 159 19.43 -23.85 -1.16
N ALA E 160 19.31 -23.11 -2.26
CA ALA E 160 20.42 -22.90 -3.18
C ALA E 160 21.09 -21.54 -2.93
N VAL E 161 22.41 -21.51 -3.03
CA VAL E 161 23.23 -20.29 -2.84
C VAL E 161 23.98 -19.95 -4.13
N ILE E 162 23.70 -18.77 -4.67
CA ILE E 162 24.37 -18.21 -5.86
C ILE E 162 25.22 -17.04 -5.33
N VAL E 163 26.51 -17.04 -5.60
CA VAL E 163 27.40 -15.93 -5.23
C VAL E 163 27.82 -15.08 -6.44
N GLN E 164 27.67 -13.76 -6.32
CA GLN E 164 28.11 -12.83 -7.34
C GLN E 164 29.57 -12.40 -7.13
N VAL E 165 30.36 -12.67 -8.17
CA VAL E 165 31.73 -12.25 -8.25
C VAL E 165 31.76 -11.02 -9.16
N GLU E 166 32.08 -9.88 -8.55
CA GLU E 166 31.95 -8.60 -9.22
C GLU E 166 33.10 -7.64 -8.89
N SER E 167 34.22 -8.16 -8.39
CA SER E 167 35.39 -7.31 -8.10
C SER E 167 36.70 -8.02 -8.42
N ALA E 168 37.78 -7.24 -8.58
CA ALA E 168 39.13 -7.77 -8.81
C ALA E 168 39.50 -8.77 -7.71
N ARG E 169 39.23 -8.41 -6.47
CA ARG E 169 39.55 -9.28 -5.34
C ARG E 169 38.81 -10.60 -5.41
N GLY E 170 37.53 -10.53 -5.76
CA GLY E 170 36.74 -11.74 -5.92
C GLY E 170 37.20 -12.67 -7.04
N VAL E 171 37.60 -12.09 -8.18
CA VAL E 171 38.14 -12.87 -9.30
C VAL E 171 39.46 -13.53 -8.86
N ASP E 172 40.28 -12.83 -8.10
CA ASP E 172 41.58 -13.41 -7.66
C ASP E 172 41.36 -14.57 -6.68
N GLU E 173 40.24 -14.57 -5.98
CA GLU E 173 39.94 -15.58 -5.00
C GLU E 173 38.90 -16.55 -5.47
N VAL E 174 38.61 -16.55 -6.77
CA VAL E 174 37.40 -17.24 -7.28
C VAL E 174 37.49 -18.76 -7.18
N GLU E 175 38.70 -19.30 -7.12
CA GLU E 175 38.87 -20.75 -7.05
C GLU E 175 38.53 -21.18 -5.60
N ARG E 176 38.97 -20.40 -4.63
CA ARG E 176 38.67 -20.65 -3.24
C ARG E 176 37.17 -20.47 -3.01
N ILE E 177 36.61 -19.44 -3.62
CA ILE E 177 35.14 -19.20 -3.56
C ILE E 177 34.35 -20.39 -4.11
N ALA E 178 34.74 -20.85 -5.29
CA ALA E 178 34.03 -21.94 -5.94
C ALA E 178 34.14 -23.26 -5.17
N ALA E 179 35.24 -23.44 -4.44
CA ALA E 179 35.47 -24.62 -3.59
C ALA E 179 34.72 -24.57 -2.26
N THR E 180 34.10 -23.43 -1.91
CA THR E 180 33.32 -23.34 -0.67
C THR E 180 32.10 -24.30 -0.67
N PRO E 181 32.01 -25.21 0.33
CA PRO E 181 30.88 -26.09 0.30
C PRO E 181 29.59 -25.32 0.50
N GLY E 182 28.58 -25.64 -0.32
CA GLY E 182 27.29 -24.91 -0.34
C GLY E 182 27.19 -23.82 -1.41
N VAL E 183 28.29 -23.46 -2.09
CA VAL E 183 28.19 -22.53 -3.24
C VAL E 183 27.71 -23.32 -4.43
N ASP E 184 26.49 -23.01 -4.91
CA ASP E 184 25.86 -23.78 -5.99
C ASP E 184 26.02 -23.16 -7.35
N CYS E 185 26.37 -21.87 -7.39
CA CYS E 185 26.56 -21.15 -8.61
C CYS E 185 27.36 -19.87 -8.37
N LEU E 186 28.24 -19.60 -9.33
CA LEU E 186 28.97 -18.35 -9.43
C LEU E 186 28.20 -17.53 -10.45
N PHE E 187 27.98 -16.24 -10.16
CA PHE E 187 27.23 -15.37 -11.05
C PHE E 187 28.06 -14.16 -11.44
N VAL E 188 28.12 -13.93 -12.73
CA VAL E 188 28.89 -12.78 -13.28
C VAL E 188 27.94 -11.69 -13.69
N GLY E 189 28.15 -10.52 -13.11
CA GLY E 189 27.46 -9.32 -13.48
C GLY E 189 28.49 -8.47 -14.21
N PRO E 190 28.43 -8.45 -15.56
CA PRO E 190 29.49 -7.79 -16.32
C PRO E 190 29.61 -6.30 -16.03
N ALA E 191 28.49 -5.61 -15.82
CA ALA E 191 28.57 -4.15 -15.70
C ALA E 191 29.26 -3.75 -14.39
N ASP E 192 28.98 -4.47 -13.30
CA ASP E 192 29.66 -4.21 -12.02
C ASP E 192 31.11 -4.62 -11.99
N LEU E 193 31.42 -5.72 -12.67
CA LEU E 193 32.79 -6.17 -12.81
C LEU E 193 33.59 -5.16 -13.60
N ALA E 194 33.02 -4.69 -14.70
CA ALA E 194 33.72 -3.74 -15.56
C ALA E 194 34.06 -2.45 -14.79
N ALA E 195 33.06 -1.90 -14.09
CA ALA E 195 33.25 -0.70 -13.25
C ALA E 195 34.33 -0.92 -12.21
N SER E 196 34.25 -2.05 -11.53
CA SER E 196 35.17 -2.38 -10.44
C SER E 196 36.59 -2.53 -10.91
N LEU E 197 36.76 -2.98 -12.15
CA LEU E 197 38.09 -3.14 -12.74
C LEU E 197 38.62 -1.85 -13.43
N GLY E 198 37.91 -0.75 -13.34
CA GLY E 198 38.42 0.51 -13.89
C GLY E 198 37.94 0.74 -15.31
N HIS E 199 36.88 0.04 -15.72
CA HIS E 199 36.43 0.09 -17.09
C HIS E 199 34.93 0.36 -17.16
N LEU E 200 34.48 1.36 -16.38
CA LEU E 200 33.04 1.71 -16.34
C LEU E 200 32.40 1.78 -17.72
N GLY E 201 31.27 1.10 -17.92
CA GLY E 201 30.59 1.16 -19.19
C GLY E 201 31.20 0.35 -20.32
N ASP E 202 32.38 -0.26 -20.14
CA ASP E 202 32.94 -1.08 -21.24
C ASP E 202 33.15 -2.54 -20.90
N ILE E 203 32.11 -3.33 -21.07
CA ILE E 203 32.17 -4.73 -20.66
C ILE E 203 32.99 -5.62 -21.57
N ARG E 204 33.37 -5.15 -22.76
CA ARG E 204 34.16 -5.97 -23.67
C ARG E 204 35.62 -5.56 -23.69
N HIS E 205 36.03 -4.72 -22.73
CA HIS E 205 37.44 -4.47 -22.53
C HIS E 205 38.14 -5.78 -22.21
N PRO E 206 39.31 -6.02 -22.82
CA PRO E 206 40.03 -7.28 -22.58
C PRO E 206 40.29 -7.66 -21.10
N ASP E 207 40.62 -6.68 -20.24
CA ASP E 207 40.75 -6.91 -18.79
C ASP E 207 39.47 -7.52 -18.23
N VAL E 208 38.33 -7.01 -18.68
CA VAL E 208 37.03 -7.51 -18.20
C VAL E 208 36.75 -8.92 -18.72
N GLU E 209 36.98 -9.12 -20.01
CA GLU E 209 36.81 -10.45 -20.65
C GLU E 209 37.73 -11.49 -20.05
N THR E 210 38.95 -11.11 -19.70
CA THR E 210 39.86 -12.00 -19.01
C THR E 210 39.29 -12.39 -17.63
N ALA E 211 38.80 -11.40 -16.88
CA ALA E 211 38.22 -11.67 -15.56
C ALA E 211 36.97 -12.60 -15.66
N MET E 212 36.07 -12.29 -16.59
CA MET E 212 34.92 -13.15 -16.79
C MET E 212 35.32 -14.57 -17.18
N ALA E 213 36.27 -14.72 -18.11
CA ALA E 213 36.77 -16.06 -18.52
C ALA E 213 37.32 -16.86 -17.34
N ARG E 214 38.02 -16.18 -16.44
CA ARG E 214 38.53 -16.80 -15.25
C ARG E 214 37.44 -17.27 -14.31
N VAL E 215 36.38 -16.50 -14.17
CA VAL E 215 35.27 -16.97 -13.35
C VAL E 215 34.69 -18.22 -14.00
N LEU E 216 34.46 -18.18 -15.31
CA LEU E 216 33.88 -19.33 -16.00
C LEU E 216 34.75 -20.60 -15.89
N ALA E 217 36.07 -20.47 -16.08
CA ALA E 217 36.96 -21.66 -15.99
C ALA E 217 36.98 -22.22 -14.54
N ALA E 218 36.87 -21.31 -13.56
CA ALA E 218 36.93 -21.72 -12.17
C ALA E 218 35.71 -22.56 -11.80
N GLY E 219 34.56 -22.15 -12.30
CA GLY E 219 33.36 -22.91 -12.08
C GLY E 219 33.45 -24.27 -12.71
N LYS E 220 33.88 -24.32 -13.96
CA LYS E 220 34.06 -25.58 -14.65
C LYS E 220 35.03 -26.52 -13.95
N GLN E 221 36.16 -26.00 -13.48
CA GLN E 221 37.14 -26.88 -12.82
C GLN E 221 36.66 -27.32 -11.42
N ALA E 222 35.80 -26.54 -10.76
CA ALA E 222 35.18 -26.95 -9.48
C ALA E 222 33.88 -27.74 -9.61
N GLY E 223 33.41 -27.97 -10.84
CA GLY E 223 32.11 -28.61 -11.02
C GLY E 223 30.97 -27.71 -10.53
N VAL E 224 31.15 -26.38 -10.56
CA VAL E 224 30.12 -25.41 -10.12
C VAL E 224 29.57 -24.59 -11.31
N ALA E 225 28.25 -24.60 -11.47
CA ALA E 225 27.53 -23.82 -12.45
C ALA E 225 27.96 -22.37 -12.47
N VAL E 226 27.97 -21.76 -13.64
CA VAL E 226 28.26 -20.34 -13.75
C VAL E 226 27.09 -19.65 -14.44
N GLY E 227 26.68 -18.51 -13.88
CA GLY E 227 25.66 -17.70 -14.46
C GLY E 227 26.15 -16.32 -14.86
N ILE E 228 25.31 -15.59 -15.58
CA ILE E 228 25.69 -14.30 -16.14
C ILE E 228 24.45 -13.51 -16.53
N PHE E 229 24.52 -12.18 -16.44
CA PHE E 229 23.43 -11.31 -16.86
C PHE E 229 23.75 -10.84 -18.27
N ALA E 230 22.83 -11.10 -19.22
CA ALA E 230 22.98 -10.65 -20.60
C ALA E 230 22.03 -9.52 -20.90
N GLY E 231 22.54 -8.51 -21.61
CA GLY E 231 21.74 -7.27 -21.91
C GLY E 231 20.83 -7.49 -23.09
N ASP E 232 21.08 -8.55 -23.86
CA ASP E 232 20.35 -8.83 -25.11
C ASP E 232 20.49 -10.31 -25.53
N THR E 233 19.77 -10.72 -26.58
CA THR E 233 19.72 -12.13 -26.97
C THR E 233 21.00 -12.57 -27.66
N ALA E 234 21.67 -11.64 -28.39
CA ALA E 234 22.90 -11.97 -29.07
C ALA E 234 24.00 -12.31 -28.07
N ALA E 235 24.12 -11.48 -27.05
CA ALA E 235 25.07 -11.76 -26.00
C ALA E 235 24.67 -13.04 -25.23
N ALA E 236 23.38 -13.27 -25.02
CA ALA E 236 22.97 -14.46 -24.29
C ALA E 236 23.40 -15.76 -25.02
N ARG E 237 23.30 -15.74 -26.36
CA ARG E 237 23.69 -16.91 -27.16
C ARG E 237 25.20 -17.12 -27.13
N GLN E 238 25.97 -16.03 -27.12
CA GLN E 238 27.42 -16.15 -26.98
C GLN E 238 27.79 -16.82 -25.66
N TYR E 239 27.18 -16.33 -24.57
CA TYR E 239 27.40 -16.91 -23.26
C TYR E 239 26.98 -18.40 -23.19
N ARG E 240 25.87 -18.75 -23.84
CA ARG E 240 25.48 -20.17 -23.90
C ARG E 240 26.58 -20.98 -24.61
N GLU E 241 27.04 -20.51 -25.77
CA GLU E 241 28.06 -21.19 -26.59
C GLU E 241 29.35 -21.33 -25.79
N ALA E 242 29.66 -20.34 -24.94
CA ALA E 242 30.85 -20.33 -24.07
C ALA E 242 30.79 -21.25 -22.87
N GLY E 243 29.60 -21.68 -22.47
CA GLY E 243 29.48 -22.64 -21.39
C GLY E 243 28.80 -22.13 -20.12
N TYR E 244 28.36 -20.86 -20.10
CA TYR E 244 27.55 -20.38 -18.99
C TYR E 244 26.22 -21.16 -18.98
N ARG E 245 25.74 -21.49 -17.80
CA ARG E 245 24.46 -22.17 -17.69
C ARG E 245 23.32 -21.29 -17.16
N LEU E 246 23.56 -20.51 -16.11
CA LEU E 246 22.41 -19.76 -15.54
C LEU E 246 22.40 -18.40 -16.23
N ILE E 247 21.65 -18.28 -17.32
CA ILE E 247 21.76 -17.12 -18.20
C ILE E 247 20.54 -16.24 -18.06
N THR E 248 20.76 -15.02 -17.57
CA THR E 248 19.68 -14.02 -17.56
C THR E 248 19.53 -13.35 -18.92
N VAL E 249 18.32 -13.43 -19.47
CA VAL E 249 18.07 -12.80 -20.77
C VAL E 249 17.48 -11.42 -20.49
N SER E 250 18.30 -10.58 -19.87
CA SER E 250 17.97 -9.21 -19.60
C SER E 250 16.78 -9.09 -18.61
N ALA E 251 16.07 -7.98 -18.66
CA ALA E 251 15.12 -7.60 -17.60
C ALA E 251 13.77 -7.14 -18.14
N ASP E 252 12.76 -7.31 -17.29
CA ASP E 252 11.36 -6.94 -17.57
C ASP E 252 11.26 -5.53 -18.14
N VAL E 253 11.83 -4.54 -17.46
CA VAL E 253 11.64 -3.15 -17.90
C VAL E 253 12.32 -2.91 -19.24
N SER E 254 13.49 -3.53 -19.42
CA SER E 254 14.22 -3.41 -20.65
C SER E 254 13.46 -3.99 -21.87
N TRP E 255 12.86 -5.16 -21.72
CA TRP E 255 12.04 -5.75 -22.78
C TRP E 255 10.78 -4.88 -23.04
N LEU E 256 10.19 -4.32 -22.00
CA LEU E 256 8.96 -3.55 -22.14
C LEU E 256 9.21 -2.30 -23.00
N LEU E 257 10.31 -1.62 -22.71
CA LEU E 257 10.72 -0.48 -23.45
C LEU E 257 11.17 -0.81 -24.90
N ARG E 258 11.96 -1.85 -25.08
CA ARG E 258 12.41 -2.21 -26.43
C ARG E 258 11.21 -2.49 -27.30
N ALA E 259 10.31 -3.32 -26.79
CA ALA E 259 9.13 -3.81 -27.55
C ALA E 259 8.11 -2.72 -27.91
N THR E 260 7.85 -1.83 -26.95
CA THR E 260 6.87 -0.73 -27.15
C THR E 260 7.44 0.36 -28.07
N ARG E 261 8.77 0.60 -27.98
CA ARG E 261 9.44 1.52 -28.91
C ARG E 261 9.56 0.95 -30.34
N GLN E 262 9.79 -0.33 -30.44
CA GLN E 262 9.83 -0.99 -31.74
C GLN E 262 8.44 -0.96 -32.39
N ALA E 263 7.41 -1.24 -31.63
CA ALA E 263 6.03 -1.21 -32.18
C ALA E 263 5.70 0.18 -32.69
N LEU E 264 6.10 1.20 -31.95
CA LEU E 264 5.76 2.56 -32.34
C LEU E 264 6.45 2.93 -33.65
N GLN E 265 7.73 2.61 -33.74
CA GLN E 265 8.52 2.83 -34.93
C GLN E 265 7.84 2.17 -36.15
N GLU E 266 7.35 0.95 -35.96
CA GLU E 266 6.69 0.23 -37.04
C GLU E 266 5.41 0.91 -37.54
N VAL E 267 4.55 1.34 -36.60
CA VAL E 267 3.32 2.00 -37.00
C VAL E 267 3.61 3.35 -37.67
N ARG E 268 4.63 4.07 -37.23
CA ARG E 268 4.93 5.42 -37.74
C ARG E 268 5.63 5.40 -39.08
N SER E 269 6.25 4.27 -39.43
CA SER E 269 7.18 4.22 -40.55
C SER E 269 6.47 4.40 -41.91
N THR F 13 2.58 6.27 31.03
CA THR F 13 3.30 5.26 31.82
C THR F 13 3.30 3.90 31.11
N ASN F 14 4.49 3.30 30.98
CA ASN F 14 4.63 1.95 30.48
C ASN F 14 4.31 0.97 31.64
N SER F 15 3.07 0.48 31.63
CA SER F 15 2.57 -0.44 32.66
C SER F 15 3.17 -1.86 32.60
N LEU F 16 3.62 -2.27 31.42
CA LEU F 16 4.34 -3.55 31.28
C LEU F 16 5.71 -3.47 32.00
N LYS F 17 6.38 -2.34 31.85
CA LYS F 17 7.63 -2.12 32.52
C LYS F 17 7.43 -2.16 34.05
N GLN F 18 6.38 -1.46 34.54
CA GLN F 18 6.12 -1.32 35.96
C GLN F 18 5.76 -2.71 36.60
N ARG F 19 4.90 -3.47 35.93
CA ARG F 19 4.54 -4.81 36.43
C ARG F 19 5.65 -5.86 36.25
N LEU F 20 6.52 -5.71 35.23
CA LEU F 20 7.72 -6.58 35.14
C LEU F 20 8.68 -6.36 36.32
N ARG F 21 8.75 -5.14 36.82
CA ARG F 21 9.65 -4.80 37.92
C ARG F 21 9.10 -5.12 39.29
N ASP F 22 7.82 -4.85 39.53
CA ASP F 22 7.25 -4.85 40.86
C ASP F 22 6.48 -6.12 41.13
N GLY F 23 6.01 -6.75 40.07
CA GLY F 23 5.05 -7.83 40.24
C GLY F 23 5.70 -9.18 40.36
N ASP F 24 4.91 -10.13 40.85
CA ASP F 24 5.18 -11.56 40.72
C ASP F 24 4.20 -12.22 39.71
N GLU F 25 3.09 -11.55 39.36
CA GLU F 25 2.02 -12.17 38.57
C GLU F 25 2.52 -12.42 37.12
N PRO F 26 2.08 -13.50 36.48
CA PRO F 26 2.48 -13.74 35.11
C PRO F 26 1.89 -12.65 34.18
N LEU F 27 2.45 -12.46 33.00
CA LEU F 27 1.94 -11.46 32.08
C LEU F 27 1.86 -12.17 30.77
N TYR F 28 0.62 -12.38 30.32
CA TYR F 28 0.35 -13.24 29.18
C TYR F 28 0.29 -12.43 27.89
N GLY F 29 0.94 -12.97 26.85
CA GLY F 29 0.98 -12.34 25.55
C GLY F 29 0.59 -13.22 24.38
N LEU F 30 0.47 -12.58 23.23
CA LEU F 30 0.23 -13.22 21.98
C LEU F 30 1.17 -12.64 20.92
N TRP F 31 1.67 -13.50 20.04
CA TRP F 31 2.57 -13.14 18.97
C TRP F 31 1.76 -12.77 17.75
N LEU F 32 2.07 -11.60 17.18
CA LEU F 32 1.42 -11.12 15.94
C LEU F 32 2.39 -11.28 14.77
N SER F 33 2.16 -12.34 14.01
CA SER F 33 2.93 -12.74 12.84
C SER F 33 2.29 -12.39 11.49
N LEU F 34 1.00 -12.07 11.48
CA LEU F 34 0.26 -11.94 10.22
C LEU F 34 0.49 -10.61 9.51
N GLY F 35 0.98 -9.63 10.24
CA GLY F 35 1.18 -8.27 9.70
C GLY F 35 -0.09 -7.52 9.36
N SER F 36 -1.19 -7.83 10.05
CA SER F 36 -2.51 -7.30 9.74
C SER F 36 -3.02 -6.29 10.78
N ASP F 37 -3.33 -5.07 10.35
CA ASP F 37 -3.91 -4.02 11.22
C ASP F 37 -5.21 -4.51 11.89
N SER F 38 -6.11 -5.10 11.08
N SER F 38 -6.11 -5.11 11.09
CA SER F 38 -7.38 -5.66 11.55
CA SER F 38 -7.36 -5.67 11.59
C SER F 38 -7.20 -6.77 12.58
C SER F 38 -7.17 -6.76 12.62
N ALA F 39 -6.27 -7.68 12.35
CA ALA F 39 -5.98 -8.73 13.33
C ALA F 39 -5.44 -8.15 14.62
N ALA F 40 -4.58 -7.12 14.51
CA ALA F 40 -3.97 -6.47 15.68
C ALA F 40 -5.08 -5.79 16.45
N GLU F 41 -5.96 -5.08 15.77
CA GLU F 41 -7.04 -4.39 16.48
C GLU F 41 -7.99 -5.34 17.17
N ALA F 42 -8.43 -6.37 16.46
CA ALA F 42 -9.30 -7.36 17.00
C ALA F 42 -8.68 -8.02 18.27
N LEU F 43 -7.41 -8.44 18.15
CA LEU F 43 -6.72 -9.10 19.21
C LEU F 43 -6.45 -8.15 20.40
N ALA F 44 -6.37 -6.83 20.16
CA ALA F 44 -6.39 -5.85 21.27
C ALA F 44 -7.65 -5.90 22.17
N HIS F 45 -8.70 -6.58 21.69
CA HIS F 45 -9.92 -6.89 22.47
C HIS F 45 -9.94 -8.26 23.18
N ALA F 46 -8.85 -9.03 23.10
CA ALA F 46 -8.89 -10.41 23.54
C ALA F 46 -8.54 -10.61 25.00
N GLY F 47 -8.07 -9.56 25.69
CA GLY F 47 -7.82 -9.62 27.14
C GLY F 47 -6.37 -9.91 27.51
N TYR F 48 -5.44 -9.90 26.53
CA TYR F 48 -4.05 -10.16 26.81
C TYR F 48 -3.34 -8.97 27.49
N ASP F 49 -2.38 -9.29 28.34
CA ASP F 49 -1.52 -8.26 28.92
C ASP F 49 -0.59 -7.64 27.89
N TRP F 50 -0.14 -8.38 26.87
CA TRP F 50 0.77 -7.81 25.86
C TRP F 50 0.64 -8.49 24.51
N LEU F 51 1.05 -7.79 23.46
CA LEU F 51 1.00 -8.25 22.08
C LEU F 51 2.32 -7.91 21.38
N CYS F 52 2.89 -8.89 20.67
CA CYS F 52 4.18 -8.66 20.06
C CYS F 52 4.15 -8.46 18.54
N ILE F 53 4.48 -7.26 18.09
CA ILE F 53 4.67 -7.00 16.63
C ILE F 53 6.09 -7.45 16.30
N ASP F 54 6.23 -8.54 15.58
CA ASP F 54 7.56 -9.08 15.27
C ASP F 54 8.11 -8.49 13.95
N MET F 55 9.30 -7.88 14.01
CA MET F 55 10.02 -7.43 12.82
C MET F 55 11.10 -8.42 12.41
N GLU F 56 11.41 -9.41 13.24
CA GLU F 56 12.52 -10.35 12.92
C GLU F 56 12.08 -11.51 12.00
N HIS F 57 11.03 -12.21 12.42
CA HIS F 57 10.47 -13.37 11.68
C HIS F 57 9.02 -13.14 11.18
N ALA F 58 8.70 -11.86 10.90
CA ALA F 58 7.50 -11.46 10.21
C ALA F 58 7.87 -10.18 9.42
N PRO F 59 7.24 -9.97 8.23
CA PRO F 59 7.65 -8.89 7.32
C PRO F 59 7.04 -7.53 7.71
N ASN F 60 7.39 -7.04 8.91
CA ASN F 60 6.87 -5.80 9.43
C ASN F 60 7.96 -4.78 9.40
N ASP F 61 7.82 -3.81 8.51
CA ASP F 61 8.76 -2.72 8.44
C ASP F 61 8.20 -1.51 9.16
N SER F 62 8.90 -0.37 9.12
CA SER F 62 8.56 0.76 10.01
C SER F 62 7.09 1.19 9.89
N ARG F 63 6.57 1.20 8.67
CA ARG F 63 5.20 1.68 8.48
C ARG F 63 4.19 0.66 8.96
N ASP F 64 4.56 -0.62 8.85
CA ASP F 64 3.73 -1.69 9.38
C ASP F 64 3.69 -1.61 10.90
N VAL F 65 4.81 -1.32 11.54
CA VAL F 65 4.85 -1.21 12.99
C VAL F 65 4.00 -0.03 13.48
N ALA F 66 4.11 1.11 12.82
CA ALA F 66 3.31 2.26 13.18
C ALA F 66 1.82 1.97 12.99
N SER F 67 1.44 1.28 11.91
N SER F 67 1.43 1.29 11.89
CA SER F 67 0.04 1.00 11.65
CA SER F 67 0.01 0.99 11.64
C SER F 67 -0.57 0.01 12.67
C SER F 67 -0.58 0.02 12.70
N GLN F 68 0.21 -0.98 13.11
CA GLN F 68 -0.29 -1.94 14.12
C GLN F 68 -0.34 -1.33 15.51
N LEU F 69 0.60 -0.42 15.79
CA LEU F 69 0.63 0.26 17.08
C LEU F 69 -0.63 1.15 17.16
N ARG F 70 -0.96 1.81 16.05
CA ARG F 70 -2.17 2.67 16.00
C ARG F 70 -3.39 1.79 16.15
N ALA F 71 -3.36 0.63 15.49
CA ALA F 71 -4.54 -0.24 15.47
C ALA F 71 -4.78 -0.79 16.89
N ILE F 72 -3.72 -1.15 17.59
CA ILE F 72 -3.87 -1.63 18.98
C ILE F 72 -4.36 -0.47 19.84
N ALA F 73 -3.72 0.69 19.72
CA ALA F 73 -4.06 1.86 20.53
C ALA F 73 -5.50 2.31 20.35
N ALA F 74 -6.00 2.16 19.12
CA ALA F 74 -7.37 2.52 18.77
C ALA F 74 -8.41 1.77 19.60
N ALA F 75 -8.07 0.59 20.09
CA ALA F 75 -8.99 -0.23 20.85
C ALA F 75 -9.26 0.37 22.23
N HIS F 76 -8.34 1.23 22.70
CA HIS F 76 -8.45 1.89 24.01
C HIS F 76 -8.55 0.87 25.13
N LEU F 77 -7.81 -0.24 25.07
CA LEU F 77 -7.86 -1.29 26.09
C LEU F 77 -6.42 -1.53 26.63
N PRO F 78 -6.26 -2.43 27.64
CA PRO F 78 -4.97 -2.43 28.36
C PRO F 78 -3.74 -3.06 27.70
N SER F 79 -3.90 -3.77 26.57
CA SER F 79 -2.78 -4.54 25.96
C SER F 79 -1.56 -3.65 25.66
N GLU F 80 -0.39 -4.07 26.14
CA GLU F 80 0.85 -3.31 25.98
C GLU F 80 1.55 -3.86 24.76
N PRO F 81 1.90 -3.02 23.77
CA PRO F 81 2.62 -3.56 22.63
C PRO F 81 4.10 -3.80 22.93
N VAL F 82 4.60 -4.89 22.38
CA VAL F 82 6.02 -5.18 22.39
C VAL F 82 6.47 -5.29 20.93
N VAL F 83 7.63 -4.71 20.62
CA VAL F 83 8.18 -4.82 19.26
C VAL F 83 9.51 -5.56 19.27
N ARG F 84 9.59 -6.69 18.58
CA ARG F 84 10.89 -7.33 18.42
C ARG F 84 11.56 -6.77 17.17
N VAL F 85 12.72 -6.15 17.34
CA VAL F 85 13.45 -5.56 16.21
C VAL F 85 14.23 -6.64 15.44
N PRO F 86 14.55 -6.39 14.15
CA PRO F 86 15.17 -7.43 13.31
C PRO F 86 16.58 -7.71 13.77
N ALA F 87 17.24 -6.70 14.32
CA ALA F 87 18.63 -6.78 14.74
C ALA F 87 19.00 -5.53 15.49
N ARG F 88 20.13 -5.65 16.17
CA ARG F 88 20.64 -4.57 16.98
C ARG F 88 21.39 -3.53 16.11
N GLU F 89 20.75 -3.03 15.05
CA GLU F 89 21.33 -1.96 14.25
C GLU F 89 20.78 -0.62 14.70
N PRO F 90 21.65 0.39 14.91
CA PRO F 90 21.09 1.69 15.35
C PRO F 90 19.85 2.14 14.55
N TRP F 91 19.89 2.11 13.21
CA TRP F 91 18.84 2.75 12.43
C TRP F 91 17.47 2.08 12.60
N LEU F 92 17.49 0.77 12.76
CA LEU F 92 16.30 -0.01 13.02
C LEU F 92 15.70 0.27 14.39
N VAL F 93 16.55 0.35 15.40
CA VAL F 93 16.04 0.63 16.75
C VAL F 93 15.50 2.05 16.77
N LYS F 94 16.20 2.95 16.08
CA LYS F 94 15.73 4.31 15.96
C LYS F 94 14.28 4.37 15.38
N ARG F 95 14.00 3.62 14.30
CA ARG F 95 12.66 3.59 13.67
C ARG F 95 11.56 3.06 14.65
N ALA F 96 11.88 1.99 15.36
CA ALA F 96 10.95 1.40 16.32
C ALA F 96 10.58 2.41 17.43
N LEU F 97 11.60 3.04 18.02
CA LEU F 97 11.38 3.98 19.11
C LEU F 97 10.61 5.20 18.65
N ASP F 98 11.06 5.83 17.56
CA ASP F 98 10.34 6.97 16.96
C ASP F 98 8.85 6.69 16.61
N ALA F 99 8.56 5.45 16.21
CA ALA F 99 7.20 5.04 15.92
C ALA F 99 6.34 4.93 17.19
N GLY F 100 6.96 4.98 18.36
CA GLY F 100 6.26 4.94 19.61
C GLY F 100 6.28 3.63 20.35
N ALA F 101 7.02 2.62 19.87
CA ALA F 101 7.23 1.39 20.65
C ALA F 101 8.01 1.72 21.95
N ARG F 102 7.48 1.36 23.11
CA ARG F 102 8.17 1.64 24.37
C ARG F 102 8.72 0.39 25.05
N THR F 103 8.40 -0.79 24.52
CA THR F 103 8.98 -2.04 25.03
C THR F 103 9.58 -2.78 23.80
N LEU F 104 10.89 -2.94 23.81
CA LEU F 104 11.58 -3.52 22.66
C LEU F 104 12.20 -4.82 23.05
N MET F 105 12.10 -5.78 22.13
CA MET F 105 12.80 -7.07 22.30
C MET F 105 13.95 -7.18 21.32
N PHE F 106 15.13 -7.51 21.85
CA PHE F 106 16.33 -7.72 20.99
C PHE F 106 16.66 -9.21 20.77
N PRO F 107 16.77 -9.64 19.51
CA PRO F 107 17.18 -11.02 19.24
C PRO F 107 18.67 -11.23 19.51
N CYS F 108 19.08 -12.48 19.64
CA CYS F 108 20.50 -12.83 19.55
C CYS F 108 21.37 -12.09 20.54
N ILE F 109 20.97 -12.05 21.80
CA ILE F 109 21.79 -11.35 22.80
C ILE F 109 22.67 -12.41 23.48
N GLU F 110 23.98 -12.27 23.24
CA GLU F 110 24.97 -13.28 23.60
C GLU F 110 25.98 -12.85 24.65
N THR F 111 26.18 -11.56 24.83
CA THR F 111 27.15 -11.11 25.80
C THR F 111 26.60 -9.95 26.57
N PRO F 112 27.17 -9.70 27.77
CA PRO F 112 26.80 -8.51 28.52
C PRO F 112 27.09 -7.21 27.75
N ASP F 113 28.14 -7.19 26.92
CA ASP F 113 28.39 -6.01 26.03
C ASP F 113 27.23 -5.80 25.05
N ASP F 114 26.77 -6.89 24.40
CA ASP F 114 25.56 -6.84 23.54
C ASP F 114 24.36 -6.26 24.30
N ALA F 115 24.13 -6.74 25.51
CA ALA F 115 22.99 -6.30 26.31
C ALA F 115 23.12 -4.83 26.66
N ALA F 116 24.33 -4.42 27.04
CA ALA F 116 24.58 -3.02 27.39
C ALA F 116 24.33 -2.13 26.17
N HIS F 117 24.74 -2.57 25.00
CA HIS F 117 24.62 -1.78 23.79
C HIS F 117 23.11 -1.57 23.39
N ALA F 118 22.33 -2.65 23.46
CA ALA F 118 20.87 -2.62 23.25
C ALA F 118 20.26 -1.59 24.15
N VAL F 119 20.62 -1.63 25.43
CA VAL F 119 20.08 -0.65 26.36
C VAL F 119 20.51 0.77 25.94
N ARG F 120 21.81 0.97 25.68
CA ARG F 120 22.34 2.29 25.27
C ARG F 120 21.53 2.90 24.10
N LEU F 121 21.28 2.10 23.06
CA LEU F 121 20.48 2.53 21.88
C LEU F 121 19.09 3.06 22.20
N THR F 122 18.51 2.62 23.31
CA THR F 122 17.18 3.05 23.70
C THR F 122 17.17 4.31 24.59
N ARG F 123 18.35 4.78 25.05
CA ARG F 123 18.40 5.90 26.00
C ARG F 123 18.95 7.20 25.38
N PHE F 124 18.24 8.31 25.60
CA PHE F 124 18.78 9.65 25.33
C PHE F 124 19.90 9.87 26.34
N PRO F 125 21.00 10.53 25.93
CA PRO F 125 22.05 10.80 26.91
C PRO F 125 21.61 11.77 28.02
N SER F 126 21.60 11.27 29.24
CA SER F 126 21.17 12.03 30.40
C SER F 126 22.11 11.75 31.57
N PRO F 127 21.98 12.49 32.69
CA PRO F 127 22.83 12.12 33.83
C PRO F 127 22.56 10.68 34.31
N GLU F 128 21.31 10.22 34.27
CA GLU F 128 21.03 8.80 34.59
C GLU F 128 21.63 7.85 33.57
N SER F 129 21.70 8.25 32.30
CA SER F 129 22.26 7.40 31.26
C SER F 129 23.27 8.17 30.39
N PRO F 130 24.44 8.47 30.97
CA PRO F 130 25.43 9.34 30.31
C PRO F 130 25.91 8.80 28.99
N ASP F 131 25.89 7.47 28.83
CA ASP F 131 26.34 6.87 27.57
C ASP F 131 25.21 6.45 26.60
N GLY F 132 24.04 7.05 26.78
CA GLY F 132 22.91 6.82 25.89
C GLY F 132 23.23 7.19 24.46
N LEU F 133 22.73 6.37 23.54
CA LEU F 133 22.97 6.57 22.11
C LEU F 133 21.70 6.93 21.30
N ARG F 134 20.54 7.01 21.93
CA ARG F 134 19.29 7.35 21.23
C ARG F 134 19.37 8.74 20.62
N GLY F 135 19.05 8.84 19.33
CA GLY F 135 19.07 10.10 18.56
C GLY F 135 17.84 10.97 18.78
N VAL F 136 18.05 12.28 18.77
CA VAL F 136 17.00 13.22 19.12
C VAL F 136 16.30 13.70 17.88
N ALA F 137 14.98 13.56 17.83
CA ALA F 137 14.20 14.29 16.85
C ALA F 137 12.84 14.56 17.44
N GLY F 138 12.49 15.83 17.62
CA GLY F 138 11.29 16.17 18.38
C GLY F 138 9.91 16.00 17.72
N MET F 139 9.87 15.78 16.40
CA MET F 139 8.61 15.80 15.66
C MET F 139 8.00 14.40 15.40
N VAL F 140 8.63 13.37 15.93
CA VAL F 140 8.22 11.99 15.63
C VAL F 140 6.96 11.55 16.39
N ARG F 141 6.40 10.43 15.93
CA ARG F 141 5.20 9.91 16.53
C ARG F 141 5.36 9.77 18.06
N ALA F 142 6.47 9.21 18.52
CA ALA F 142 6.65 8.96 19.96
C ALA F 142 6.53 10.22 20.79
N ALA F 143 6.81 11.39 20.19
CA ALA F 143 6.72 12.68 20.91
C ALA F 143 5.41 13.37 20.65
N ALA F 144 4.44 12.61 20.18
CA ALA F 144 3.15 13.16 19.76
C ALA F 144 3.36 14.32 18.78
N PHE F 145 4.27 14.09 17.82
CA PHE F 145 4.53 15.03 16.74
C PHE F 145 5.00 16.42 17.19
N GLY F 146 5.53 16.48 18.40
CA GLY F 146 6.00 17.71 18.97
C GLY F 146 5.13 18.21 20.11
N MET F 147 3.98 17.58 20.34
CA MET F 147 3.03 18.03 21.37
C MET F 147 3.38 17.63 22.81
N ARG F 148 4.23 16.61 23.00
CA ARG F 148 4.65 16.21 24.37
C ARG F 148 5.91 17.03 24.66
N ARG F 149 5.77 18.19 25.31
CA ARG F 149 6.89 19.18 25.40
C ARG F 149 8.11 18.59 26.08
N ASP F 150 7.84 17.87 27.18
CA ASP F 150 8.86 17.32 28.03
C ASP F 150 9.32 15.92 27.58
N TYR F 151 9.16 15.59 26.30
CA TYR F 151 9.46 14.24 25.77
C TYR F 151 10.85 13.76 26.14
N LEU F 152 11.84 14.61 25.89
CA LEU F 152 13.24 14.29 26.15
C LEU F 152 13.53 13.93 27.61
N GLN F 153 12.85 14.58 28.55
CA GLN F 153 13.08 14.37 30.00
C GLN F 153 12.27 13.18 30.54
N THR F 154 11.17 12.83 29.89
CA THR F 154 10.31 11.72 30.37
C THR F 154 10.52 10.35 29.66
N ALA F 155 11.06 10.37 28.46
CA ALA F 155 11.20 9.14 27.67
C ALA F 155 11.95 7.93 28.29
N ASN F 156 13.10 8.16 28.89
CA ASN F 156 13.98 7.04 29.24
C ASN F 156 13.31 6.18 30.30
N ALA F 157 12.59 6.83 31.22
CA ALA F 157 11.90 6.11 32.31
C ALA F 157 10.81 5.15 31.83
N GLN F 158 10.32 5.31 30.59
CA GLN F 158 9.20 4.48 30.14
C GLN F 158 9.62 3.44 29.10
N VAL F 159 10.93 3.33 28.84
CA VAL F 159 11.41 2.33 27.89
C VAL F 159 11.82 1.04 28.57
N ALA F 160 11.24 -0.07 28.12
CA ALA F 160 11.69 -1.40 28.57
C ALA F 160 12.43 -2.19 27.48
N VAL F 161 13.48 -2.88 27.95
CA VAL F 161 14.34 -3.69 27.12
C VAL F 161 14.25 -5.16 27.54
N ILE F 162 13.88 -6.01 26.59
CA ILE F 162 13.82 -7.48 26.74
C ILE F 162 14.91 -8.02 25.84
N VAL F 163 15.79 -8.83 26.42
CA VAL F 163 16.87 -9.44 25.68
C VAL F 163 16.55 -10.92 25.54
N GLN F 164 16.64 -11.39 24.30
CA GLN F 164 16.41 -12.80 23.98
C GLN F 164 17.73 -13.57 24.07
N VAL F 165 17.76 -14.60 24.91
CA VAL F 165 18.91 -15.49 25.04
C VAL F 165 18.65 -16.76 24.25
N GLU F 166 19.38 -16.96 23.16
CA GLU F 166 19.02 -17.98 22.19
C GLU F 166 20.19 -18.82 21.65
N SER F 167 21.37 -18.64 22.25
CA SER F 167 22.58 -19.37 21.85
C SER F 167 23.26 -20.00 23.06
N ALA F 168 24.12 -20.97 22.79
CA ALA F 168 24.99 -21.53 23.84
C ALA F 168 25.78 -20.44 24.55
N ARG F 169 26.33 -19.50 23.80
CA ARG F 169 27.10 -18.42 24.42
C ARG F 169 26.26 -17.53 25.35
N GLY F 170 25.05 -17.19 24.91
CA GLY F 170 24.15 -16.36 25.70
C GLY F 170 23.83 -17.03 27.01
N VAL F 171 23.60 -18.34 26.94
CA VAL F 171 23.29 -19.14 28.12
C VAL F 171 24.52 -19.18 29.03
N ASP F 172 25.70 -19.42 28.46
CA ASP F 172 26.97 -19.36 29.25
C ASP F 172 27.16 -18.05 30.03
N GLU F 173 26.74 -16.95 29.40
CA GLU F 173 26.96 -15.60 29.88
C GLU F 173 25.72 -15.02 30.53
N VAL F 174 24.73 -15.86 30.84
CA VAL F 174 23.43 -15.32 31.18
C VAL F 174 23.42 -14.57 32.51
N GLU F 175 24.26 -14.98 33.46
CA GLU F 175 24.34 -14.27 34.72
C GLU F 175 24.85 -12.80 34.56
N ARG F 176 25.86 -12.61 33.71
CA ARG F 176 26.38 -11.28 33.40
C ARG F 176 25.35 -10.44 32.61
N ILE F 177 24.69 -11.08 31.66
CA ILE F 177 23.65 -10.40 30.90
C ILE F 177 22.52 -9.92 31.83
N ALA F 178 22.01 -10.81 32.69
CA ALA F 178 20.97 -10.43 33.67
C ALA F 178 21.37 -9.30 34.64
N ALA F 179 22.65 -9.20 34.97
CA ALA F 179 23.15 -8.14 35.86
C ALA F 179 23.29 -6.78 35.16
N THR F 180 23.19 -6.76 33.83
CA THR F 180 23.30 -5.53 33.04
C THR F 180 22.19 -4.50 33.41
N PRO F 181 22.58 -3.31 33.89
CA PRO F 181 21.58 -2.24 34.14
C PRO F 181 20.73 -1.97 32.90
N GLY F 182 19.41 -1.92 33.06
CA GLY F 182 18.52 -1.62 31.93
C GLY F 182 17.81 -2.82 31.35
N VAL F 183 18.32 -4.02 31.62
CA VAL F 183 17.67 -5.24 31.13
C VAL F 183 16.46 -5.55 31.97
N ASP F 184 15.27 -5.44 31.40
CA ASP F 184 14.04 -5.62 32.17
C ASP F 184 13.54 -7.06 32.13
N CYS F 185 13.98 -7.83 31.16
CA CYS F 185 13.47 -9.19 31.00
C CYS F 185 14.38 -10.00 30.11
N LEU F 186 14.54 -11.29 30.47
CA LEU F 186 15.30 -12.29 29.69
C LEU F 186 14.25 -13.16 29.01
N PHE F 187 14.35 -13.33 27.71
CA PHE F 187 13.34 -14.05 26.94
C PHE F 187 13.95 -15.26 26.26
N VAL F 188 13.34 -16.41 26.53
CA VAL F 188 13.75 -17.70 25.99
C VAL F 188 12.80 -18.07 24.86
N GLY F 189 13.36 -18.31 23.68
CA GLY F 189 12.62 -18.90 22.56
C GLY F 189 13.14 -20.31 22.45
N PRO F 190 12.34 -21.30 22.92
CA PRO F 190 12.89 -22.66 22.94
C PRO F 190 13.30 -23.24 21.57
N ALA F 191 12.60 -22.87 20.50
CA ALA F 191 12.90 -23.39 19.15
C ALA F 191 14.28 -22.92 18.69
N ASP F 192 14.55 -21.61 18.82
CA ASP F 192 15.86 -21.05 18.46
C ASP F 192 16.97 -21.63 19.27
N LEU F 193 16.75 -21.76 20.58
CA LEU F 193 17.74 -22.32 21.47
C LEU F 193 18.05 -23.80 21.13
N ALA F 194 17.03 -24.55 20.75
CA ALA F 194 17.20 -25.95 20.40
C ALA F 194 18.06 -26.13 19.13
N ALA F 195 17.78 -25.33 18.11
CA ALA F 195 18.63 -25.22 16.91
C ALA F 195 20.06 -24.91 17.28
N SER F 196 20.24 -23.78 17.96
CA SER F 196 21.57 -23.34 18.33
C SER F 196 22.36 -24.44 19.04
N LEU F 197 21.70 -25.24 19.86
CA LEU F 197 22.36 -26.29 20.66
C LEU F 197 22.53 -27.64 19.96
N GLY F 198 22.21 -27.70 18.68
CA GLY F 198 22.33 -28.95 17.93
C GLY F 198 21.17 -29.92 18.10
N HIS F 199 19.96 -29.40 18.33
CA HIS F 199 18.77 -30.25 18.47
C HIS F 199 17.60 -29.64 17.73
N LEU F 200 17.86 -29.32 16.46
CA LEU F 200 16.89 -28.63 15.64
C LEU F 200 15.52 -29.29 15.76
N GLY F 201 14.48 -28.50 16.07
CA GLY F 201 13.11 -29.02 16.23
C GLY F 201 12.80 -29.91 17.45
N ASP F 202 13.76 -30.08 18.35
CA ASP F 202 13.56 -30.90 19.54
C ASP F 202 13.75 -30.06 20.80
N ILE F 203 12.69 -29.37 21.21
CA ILE F 203 12.78 -28.55 22.41
C ILE F 203 12.72 -29.35 23.70
N ARG F 204 12.33 -30.61 23.61
CA ARG F 204 12.21 -31.49 24.78
C ARG F 204 13.57 -32.14 25.14
N HIS F 205 14.55 -32.06 24.26
CA HIS F 205 15.87 -32.67 24.50
C HIS F 205 16.49 -32.14 25.80
N PRO F 206 17.05 -33.04 26.61
CA PRO F 206 17.42 -32.62 27.96
C PRO F 206 18.47 -31.50 28.03
N ASP F 207 19.40 -31.43 27.08
CA ASP F 207 20.32 -30.29 27.05
C ASP F 207 19.59 -28.98 26.77
N VAL F 208 18.55 -29.00 25.93
CA VAL F 208 17.73 -27.82 25.74
C VAL F 208 17.04 -27.42 27.07
N GLU F 209 16.49 -28.39 27.80
CA GLU F 209 15.73 -28.12 29.04
C GLU F 209 16.59 -27.59 30.19
N THR F 210 17.81 -28.10 30.28
CA THR F 210 18.81 -27.58 31.18
C THR F 210 19.19 -26.16 30.82
N ALA F 211 19.36 -25.89 29.52
CA ALA F 211 19.71 -24.53 29.14
C ALA F 211 18.60 -23.55 29.54
N MET F 212 17.35 -23.88 29.23
CA MET F 212 16.20 -23.07 29.61
C MET F 212 16.10 -22.90 31.13
N ALA F 213 16.32 -23.98 31.88
CA ALA F 213 16.32 -23.94 33.37
C ALA F 213 17.38 -22.96 33.91
N ARG F 214 18.52 -22.90 33.26
CA ARG F 214 19.57 -21.98 33.69
C ARG F 214 19.20 -20.51 33.47
N VAL F 215 18.52 -20.19 32.38
CA VAL F 215 18.13 -18.80 32.11
C VAL F 215 17.11 -18.37 33.14
N LEU F 216 16.16 -19.25 33.41
CA LEU F 216 15.11 -18.98 34.41
C LEU F 216 15.74 -18.72 35.77
N ALA F 217 16.70 -19.57 36.17
CA ALA F 217 17.37 -19.39 37.49
C ALA F 217 18.16 -18.10 37.57
N ALA F 218 18.83 -17.74 36.46
CA ALA F 218 19.51 -16.46 36.35
C ALA F 218 18.63 -15.26 36.64
N GLY F 219 17.40 -15.30 36.11
CA GLY F 219 16.46 -14.23 36.30
C GLY F 219 15.98 -14.14 37.72
N LYS F 220 15.55 -15.26 38.29
CA LYS F 220 15.14 -15.28 39.71
C LYS F 220 16.21 -14.69 40.63
N GLN F 221 17.47 -15.03 40.37
CA GLN F 221 18.58 -14.55 41.19
C GLN F 221 18.86 -13.06 41.03
N ALA F 222 18.76 -12.56 39.80
CA ALA F 222 18.98 -11.13 39.50
C ALA F 222 17.80 -10.22 39.85
N GLY F 223 16.64 -10.81 40.12
CA GLY F 223 15.41 -10.02 40.25
C GLY F 223 14.97 -9.47 38.89
N VAL F 224 15.17 -10.26 37.83
CA VAL F 224 14.78 -9.89 36.44
C VAL F 224 13.77 -10.91 35.93
N ALA F 225 12.61 -10.41 35.53
CA ALA F 225 11.57 -11.23 34.94
C ALA F 225 12.12 -12.07 33.80
N VAL F 226 11.62 -13.29 33.71
CA VAL F 226 11.92 -14.21 32.62
C VAL F 226 10.68 -14.46 31.74
N GLY F 227 10.88 -14.43 30.43
CA GLY F 227 9.82 -14.64 29.45
C GLY F 227 10.14 -15.84 28.61
N ILE F 228 9.13 -16.33 27.89
CA ILE F 228 9.26 -17.55 27.11
C ILE F 228 8.17 -17.61 26.10
N PHE F 229 8.45 -18.24 24.95
CA PHE F 229 7.47 -18.48 23.91
C PHE F 229 6.91 -19.87 24.06
N ALA F 230 5.60 -19.99 24.31
CA ALA F 230 4.92 -21.31 24.40
C ALA F 230 4.12 -21.64 23.13
N GLY F 231 4.22 -22.88 22.63
CA GLY F 231 3.49 -23.25 21.41
C GLY F 231 2.06 -23.68 21.64
N ASP F 232 1.69 -23.94 22.90
CA ASP F 232 0.37 -24.47 23.23
C ASP F 232 0.09 -24.17 24.71
N THR F 233 -1.18 -24.29 25.12
CA THR F 233 -1.58 -23.93 26.51
C THR F 233 -0.98 -24.84 27.62
N ALA F 234 -0.83 -26.12 27.32
CA ALA F 234 -0.17 -27.09 28.24
C ALA F 234 1.25 -26.64 28.62
N ALA F 235 2.04 -26.31 27.61
CA ALA F 235 3.35 -25.73 27.78
C ALA F 235 3.31 -24.39 28.51
N ALA F 236 2.38 -23.52 28.13
CA ALA F 236 2.25 -22.26 28.83
C ALA F 236 2.01 -22.52 30.32
N ARG F 237 1.15 -23.50 30.62
CA ARG F 237 0.85 -23.77 32.03
C ARG F 237 2.08 -24.31 32.74
N GLN F 238 2.84 -25.21 32.10
CA GLN F 238 4.10 -25.72 32.68
C GLN F 238 5.01 -24.54 33.02
N TYR F 239 5.14 -23.59 32.09
CA TYR F 239 6.04 -22.46 32.29
C TYR F 239 5.62 -21.58 33.45
N ARG F 240 4.32 -21.31 33.52
CA ARG F 240 3.80 -20.52 34.62
C ARG F 240 4.15 -21.21 35.98
N GLU F 241 3.94 -22.52 36.07
CA GLU F 241 4.17 -23.26 37.32
C GLU F 241 5.66 -23.21 37.63
N ALA F 242 6.50 -23.12 36.60
CA ALA F 242 7.94 -23.13 36.81
C ALA F 242 8.49 -21.78 37.26
N GLY F 243 7.73 -20.71 37.08
CA GLY F 243 8.16 -19.38 37.51
C GLY F 243 8.41 -18.37 36.40
N TYR F 244 8.19 -18.74 35.15
CA TYR F 244 8.26 -17.76 34.05
C TYR F 244 7.16 -16.75 34.26
N ARG F 245 7.45 -15.50 33.97
CA ARG F 245 6.45 -14.45 34.08
C ARG F 245 5.86 -13.96 32.75
N LEU F 246 6.71 -13.52 31.82
CA LEU F 246 6.23 -13.00 30.52
C LEU F 246 6.03 -14.12 29.49
N ILE F 247 4.84 -14.72 29.48
CA ILE F 247 4.58 -15.95 28.74
C ILE F 247 3.79 -15.66 27.47
N THR F 248 4.38 -15.98 26.33
CA THR F 248 3.65 -15.90 25.07
C THR F 248 2.80 -17.13 24.87
N VAL F 249 1.49 -16.94 24.77
CA VAL F 249 0.56 -18.02 24.47
C VAL F 249 0.44 -18.20 22.95
N SER F 250 1.52 -18.72 22.36
CA SER F 250 1.60 -18.92 20.91
C SER F 250 1.31 -17.66 20.06
N ALA F 251 0.80 -17.86 18.85
CA ALA F 251 0.83 -16.84 17.78
C ALA F 251 -0.52 -16.77 17.12
N ASP F 252 -0.88 -15.56 16.66
CA ASP F 252 -2.14 -15.35 15.95
C ASP F 252 -2.40 -16.41 14.89
N VAL F 253 -1.44 -16.66 14.01
CA VAL F 253 -1.74 -17.55 12.86
C VAL F 253 -1.95 -19.00 13.31
N SER F 254 -1.25 -19.41 14.38
CA SER F 254 -1.33 -20.78 14.92
C SER F 254 -2.70 -21.03 15.51
N TRP F 255 -3.21 -20.07 16.27
CA TRP F 255 -4.58 -20.18 16.78
C TRP F 255 -5.62 -20.15 15.67
N LEU F 256 -5.40 -19.31 14.67
CA LEU F 256 -6.33 -19.20 13.57
C LEU F 256 -6.45 -20.55 12.83
N LEU F 257 -5.31 -21.17 12.56
CA LEU F 257 -5.27 -22.47 11.91
C LEU F 257 -5.82 -23.59 12.77
N ARG F 258 -5.49 -23.62 14.06
CA ARG F 258 -6.00 -24.70 14.91
C ARG F 258 -7.52 -24.66 14.97
N ALA F 259 -8.06 -23.47 15.28
CA ALA F 259 -9.49 -23.33 15.49
C ALA F 259 -10.33 -23.59 14.23
N THR F 260 -9.87 -23.11 13.07
CA THR F 260 -10.63 -23.31 11.84
C THR F 260 -10.59 -24.77 11.42
N ARG F 261 -9.45 -25.43 11.52
CA ARG F 261 -9.36 -26.87 11.19
C ARG F 261 -10.13 -27.74 12.18
N GLN F 262 -10.10 -27.43 13.48
CA GLN F 262 -10.91 -28.16 14.47
C GLN F 262 -12.41 -28.01 14.20
N ALA F 263 -12.84 -26.79 13.88
CA ALA F 263 -14.26 -26.54 13.60
C ALA F 263 -14.72 -27.35 12.38
N LEU F 264 -13.87 -27.43 11.36
CA LEU F 264 -14.23 -28.20 10.17
C LEU F 264 -14.43 -29.69 10.47
N GLN F 265 -13.51 -30.28 11.21
CA GLN F 265 -13.65 -31.69 11.50
C GLN F 265 -14.83 -31.98 12.45
N GLU F 266 -15.14 -31.06 13.36
CA GLU F 266 -16.39 -31.18 14.18
C GLU F 266 -17.67 -31.15 13.32
N VAL F 267 -17.73 -30.22 12.39
CA VAL F 267 -18.92 -30.09 11.55
C VAL F 267 -19.13 -31.35 10.68
N ARG F 268 -18.03 -31.91 10.18
CA ARG F 268 -18.12 -32.92 9.16
C ARG F 268 -18.11 -34.33 9.72
N SER F 269 -17.85 -34.43 11.02
CA SER F 269 -17.87 -35.73 11.69
C SER F 269 -19.28 -36.30 11.70
#